data_6LQ6
#
_entry.id   6LQ6
#
_cell.length_a   98.164
_cell.length_b   206.572
_cell.length_c   74.134
_cell.angle_alpha   90.000
_cell.angle_beta   90.000
_cell.angle_gamma   90.000
#
_symmetry.space_group_name_H-M   'P 21 21 2'
#
loop_
_entity.id
_entity.type
_entity.pdbx_description
1 polymer 'Acyl-CoA dehydrogenase'
2 non-polymer 'FLAVIN-ADENINE DINUCLEOTIDE'
3 non-polymer 'icosanoic acid'
4 non-polymer 'COENZYME A'
5 water water
#
_entity_poly.entity_id   1
_entity_poly.type   'polypeptide(L)'
_entity_poly.pdbx_seq_one_letter_code
;SMSHYKSNVRDQVFNLFEVFGVDKVLGADKFSDLDADTAREMLTEIARLAEGPIAESFVEGDRNPPVFDPETHTVTLPEG
FKKSMRALFDGGWDKVGLAEHLGGIPMPRALQWALIEHILGANPAAYMYAMGPGMSEIFYNNGTDEQKKWATIAAERGWG
ATMVLTEPDAGSDVGAGRTKAVQQPDGTWHIEGVKRFITSADSDDLFENIMHLVLARPEGAGPGTKGLSLFFVPKFHFDH
ETGEIGERNGVFVTNVEHKMGLKVSATCELSLGQHGIPAVGWLVGEVHNGIAQMFDVIEQARMMVGTKAIATLSTGYLNA
LEYAKERVQGADMTQMTDKTAPRVTITHHPDVRRSLMTQKAYAEGLRAIYLYTATFQDAEVAQAVHGVDGDLAARVNDLL
LPIVKGFGSETAYAKLTESLQTLGGSGFLQDYPIEQYIRDSKIDSLYAGTTAIQAQDFFFRKIIRDKGQALAYVAGEIEQ
FIKNENGNGRLKTERELLATALADVQGMAASLTGYLMAAQEDAASIYKVGLGSVRFLMAVGDLLSGWLLARQAAVAIEKL
DAGATGADKSFYEGKIAAASFFAKNMLPLLTSTRQIIENLDNDVMELDEAAF
;
_entity_poly.pdbx_strand_id   A,B
#
loop_
_chem_comp.id
_chem_comp.type
_chem_comp.name
_chem_comp.formula
COA non-polymer 'COENZYME A' 'C21 H36 N7 O16 P3 S'
DCR non-polymer 'icosanoic acid' 'C20 H40 O2'
FAD non-polymer 'FLAVIN-ADENINE DINUCLEOTIDE' 'C27 H33 N9 O15 P2'
#
# COMPACT_ATOMS: atom_id res chain seq x y z
N MET A 2 13.18 -21.38 10.22
CA MET A 2 12.95 -21.87 8.86
C MET A 2 13.02 -20.72 7.85
N SER A 3 12.20 -20.78 6.81
CA SER A 3 12.27 -19.81 5.75
C SER A 3 11.29 -18.66 5.98
N HIS A 4 11.32 -17.68 5.08
CA HIS A 4 10.30 -16.64 5.11
C HIS A 4 8.90 -17.21 4.98
N TYR A 5 8.74 -18.33 4.27
CA TYR A 5 7.42 -18.76 3.85
C TYR A 5 6.76 -19.60 4.95
N LYS A 6 5.59 -19.15 5.40
CA LYS A 6 4.80 -19.88 6.39
C LYS A 6 3.49 -20.31 5.75
N SER A 7 3.31 -21.62 5.60
CA SER A 7 2.21 -22.22 4.87
C SER A 7 1.05 -22.55 5.82
N ASN A 8 -0.13 -22.83 5.24
CA ASN A 8 -1.30 -23.21 6.02
C ASN A 8 -2.05 -24.36 5.33
N VAL A 9 -1.42 -25.54 5.32
CA VAL A 9 -2.10 -26.74 4.80
C VAL A 9 -3.36 -27.03 5.63
N ARG A 10 -3.29 -26.83 6.93
CA ARG A 10 -4.44 -27.17 7.77
C ARG A 10 -5.68 -26.43 7.32
N ASP A 11 -5.54 -25.13 7.04
CA ASP A 11 -6.69 -24.37 6.57
C ASP A 11 -7.14 -24.81 5.18
N GLN A 12 -6.21 -25.22 4.32
CA GLN A 12 -6.56 -25.72 3.00
C GLN A 12 -7.37 -27.01 3.09
N VAL A 13 -6.90 -27.97 3.87
CA VAL A 13 -7.61 -29.23 4.05
C VAL A 13 -8.99 -28.99 4.65
N PHE A 14 -9.07 -28.10 5.65
CA PHE A 14 -10.35 -27.77 6.25
C PHE A 14 -11.34 -27.31 5.19
N ASN A 15 -10.90 -26.40 4.30
CA ASN A 15 -11.76 -25.93 3.22
C ASN A 15 -12.13 -27.09 2.29
N LEU A 16 -11.13 -27.82 1.81
CA LEU A 16 -11.35 -28.81 0.76
C LEU A 16 -12.25 -29.93 1.25
N PHE A 17 -12.07 -30.36 2.50
CA PHE A 17 -12.76 -31.53 3.03
C PHE A 17 -13.95 -31.14 3.89
N GLU A 18 -13.71 -30.36 4.96
CA GLU A 18 -14.78 -30.10 5.93
C GLU A 18 -15.80 -29.09 5.45
N VAL A 19 -15.46 -28.21 4.52
CA VAL A 19 -16.37 -27.15 4.09
C VAL A 19 -16.99 -27.46 2.73
N PHE A 20 -16.18 -27.77 1.72
CA PHE A 20 -16.70 -27.94 0.37
C PHE A 20 -16.89 -29.41 -0.03
N GLY A 21 -16.34 -30.37 0.72
CA GLY A 21 -16.57 -31.77 0.43
C GLY A 21 -15.90 -32.31 -0.84
N VAL A 22 -14.75 -31.72 -1.22
CA VAL A 22 -14.07 -32.19 -2.43
C VAL A 22 -13.60 -33.63 -2.28
N ASP A 23 -13.33 -34.08 -1.05
CA ASP A 23 -12.94 -35.47 -0.87
C ASP A 23 -14.01 -36.45 -1.37
N LYS A 24 -15.24 -35.98 -1.56
CA LYS A 24 -16.32 -36.86 -2.02
C LYS A 24 -16.19 -37.25 -3.49
N VAL A 25 -15.43 -36.50 -4.30
CA VAL A 25 -15.14 -36.93 -5.67
C VAL A 25 -13.85 -37.72 -5.77
N LEU A 26 -13.05 -37.76 -4.70
CA LEU A 26 -11.75 -38.43 -4.74
C LEU A 26 -11.94 -39.94 -4.69
N GLY A 27 -11.29 -40.65 -5.61
CA GLY A 27 -11.45 -42.07 -5.77
C GLY A 27 -12.53 -42.49 -6.76
N ALA A 28 -13.12 -41.54 -7.48
CA ALA A 28 -14.28 -41.81 -8.32
C ALA A 28 -14.09 -41.17 -9.68
N ASP A 29 -14.47 -41.92 -10.72
CA ASP A 29 -14.48 -41.45 -12.11
C ASP A 29 -13.10 -40.89 -12.44
N LYS A 30 -13.01 -39.66 -12.98
CA LYS A 30 -11.71 -39.15 -13.42
C LYS A 30 -10.67 -39.24 -12.30
N PHE A 31 -11.05 -38.97 -11.07
CA PHE A 31 -10.12 -39.01 -9.94
C PHE A 31 -10.07 -40.39 -9.28
N SER A 32 -10.28 -41.44 -10.07
CA SER A 32 -10.35 -42.79 -9.54
C SER A 32 -9.09 -43.18 -8.77
N ASP A 33 -7.93 -42.70 -9.22
CA ASP A 33 -6.65 -43.15 -8.68
C ASP A 33 -6.08 -42.22 -7.62
N LEU A 34 -6.89 -41.35 -7.04
CA LEU A 34 -6.42 -40.37 -6.07
C LEU A 34 -7.38 -40.33 -4.89
N ASP A 35 -6.95 -40.80 -3.74
CA ASP A 35 -7.77 -40.80 -2.55
C ASP A 35 -7.44 -39.61 -1.67
N ALA A 36 -8.29 -39.41 -0.65
CA ALA A 36 -8.12 -38.25 0.24
C ALA A 36 -6.75 -38.26 0.90
N ASP A 37 -6.31 -39.40 1.42
CA ASP A 37 -5.01 -39.47 2.09
C ASP A 37 -3.89 -39.02 1.17
N THR A 38 -3.91 -39.49 -0.07
CA THR A 38 -2.89 -39.11 -1.04
C THR A 38 -2.94 -37.61 -1.34
N ALA A 39 -4.14 -37.04 -1.43
CA ALA A 39 -4.27 -35.60 -1.67
C ALA A 39 -3.64 -34.81 -0.54
N ARG A 40 -3.96 -35.16 0.70
CA ARG A 40 -3.38 -34.47 1.84
C ARG A 40 -1.88 -34.64 1.88
N GLU A 41 -1.38 -35.83 1.54
CA GLU A 41 0.06 -36.05 1.52
C GLU A 41 0.73 -35.18 0.48
N MET A 42 0.08 -35.03 -0.70
CA MET A 42 0.61 -34.16 -1.74
C MET A 42 0.71 -32.72 -1.26
N LEU A 43 -0.34 -32.24 -0.58
CA LEU A 43 -0.35 -30.87 -0.08
C LEU A 43 0.76 -30.65 0.94
N THR A 44 0.95 -31.61 1.85
CA THR A 44 2.01 -31.48 2.83
C THR A 44 3.38 -31.50 2.15
N GLU A 45 3.54 -32.32 1.12
CA GLU A 45 4.84 -32.45 0.45
C GLU A 45 5.21 -31.17 -0.29
N ILE A 46 4.27 -30.59 -1.05
CA ILE A 46 4.63 -29.39 -1.77
C ILE A 46 4.76 -28.21 -0.80
N ALA A 47 4.00 -28.23 0.30
CA ALA A 47 4.21 -27.22 1.33
C ALA A 47 5.64 -27.27 1.87
N ARG A 48 6.17 -28.47 2.11
CA ARG A 48 7.55 -28.60 2.57
C ARG A 48 8.53 -28.15 1.49
N LEU A 49 8.27 -28.53 0.24
CA LEU A 49 9.12 -28.07 -0.87
C LEU A 49 9.14 -26.54 -0.95
N ALA A 50 7.97 -25.92 -0.77
CA ALA A 50 7.87 -24.47 -0.80
C ALA A 50 8.66 -23.85 0.34
N GLU A 51 8.46 -24.33 1.56
CA GLU A 51 9.17 -23.78 2.71
C GLU A 51 10.67 -24.05 2.64
N GLY A 52 11.09 -25.12 1.95
CA GLY A 52 12.48 -25.45 1.84
C GLY A 52 13.14 -24.81 0.63
N PRO A 53 13.38 -25.60 -0.42
CA PRO A 53 14.22 -25.11 -1.53
C PRO A 53 13.59 -24.00 -2.36
N ILE A 54 12.26 -23.90 -2.42
CA ILE A 54 11.66 -22.81 -3.20
C ILE A 54 11.84 -21.48 -2.47
N ALA A 55 11.46 -21.43 -1.20
CA ALA A 55 11.62 -20.20 -0.42
C ALA A 55 13.07 -19.81 -0.27
N GLU A 56 13.99 -20.77 -0.41
CA GLU A 56 15.37 -20.46 -0.06
C GLU A 56 15.94 -19.34 -0.93
N SER A 57 15.49 -19.21 -2.19
CA SER A 57 15.93 -18.23 -3.18
C SER A 57 15.07 -16.97 -3.20
N PHE A 58 14.06 -16.86 -2.33
CA PHE A 58 13.15 -15.73 -2.38
C PHE A 58 13.90 -14.40 -2.30
N VAL A 59 14.77 -14.26 -1.29
CA VAL A 59 15.48 -13.01 -1.08
C VAL A 59 16.52 -12.79 -2.18
N GLU A 60 17.27 -13.86 -2.51
CA GLU A 60 18.34 -13.72 -3.51
C GLU A 60 17.80 -13.23 -4.85
N GLY A 61 16.64 -13.75 -5.29
CA GLY A 61 16.08 -13.30 -6.55
C GLY A 61 15.76 -11.82 -6.56
N ASP A 62 15.42 -11.26 -5.39
CA ASP A 62 15.15 -9.83 -5.28
C ASP A 62 16.45 -9.02 -5.18
N ARG A 63 17.41 -9.49 -4.36
CA ARG A 63 18.63 -8.71 -4.14
C ARG A 63 19.63 -8.85 -5.29
N ASN A 64 19.61 -9.96 -6.01
CA ASN A 64 20.56 -10.28 -7.08
C ASN A 64 19.77 -10.54 -8.37
N PRO A 65 19.09 -9.53 -8.89
CA PRO A 65 18.02 -9.77 -9.89
C PRO A 65 18.58 -10.15 -11.25
N PRO A 66 17.72 -10.61 -12.17
CA PRO A 66 18.19 -11.02 -13.51
C PRO A 66 18.87 -9.89 -14.26
N VAL A 67 19.75 -10.29 -15.18
CA VAL A 67 20.56 -9.37 -15.97
C VAL A 67 20.33 -9.68 -17.44
N PHE A 68 20.04 -8.65 -18.23
CA PHE A 68 19.91 -8.79 -19.68
C PHE A 68 21.29 -8.65 -20.32
N ASP A 69 21.61 -9.55 -21.26
CA ASP A 69 22.90 -9.55 -21.96
C ASP A 69 22.67 -9.12 -23.41
N PRO A 70 22.99 -7.87 -23.77
CA PRO A 70 22.81 -7.46 -25.18
C PRO A 70 23.76 -8.15 -26.15
N GLU A 71 24.83 -8.78 -25.66
CA GLU A 71 25.74 -9.51 -26.54
C GLU A 71 25.09 -10.77 -27.12
N THR A 72 24.05 -11.29 -26.48
CA THR A 72 23.42 -12.53 -26.90
C THR A 72 21.91 -12.45 -26.93
N HIS A 73 21.30 -11.36 -26.47
CA HIS A 73 19.84 -11.24 -26.39
C HIS A 73 19.25 -12.38 -25.53
N THR A 74 19.83 -12.58 -24.35
CA THR A 74 19.37 -13.54 -23.37
C THR A 74 19.37 -12.88 -22.00
N VAL A 75 18.72 -13.53 -21.04
CA VAL A 75 18.69 -13.08 -19.65
C VAL A 75 19.42 -14.11 -18.80
N THR A 76 20.19 -13.64 -17.83
CA THR A 76 20.84 -14.53 -16.87
C THR A 76 20.08 -14.44 -15.54
N LEU A 77 19.87 -15.60 -14.92
CA LEU A 77 19.16 -15.69 -13.65
C LEU A 77 20.12 -16.05 -12.52
N PRO A 78 19.87 -15.59 -11.29
CA PRO A 78 20.77 -15.95 -10.18
C PRO A 78 20.75 -17.45 -9.91
N GLU A 79 21.92 -17.96 -9.56
CA GLU A 79 22.12 -19.41 -9.47
C GLU A 79 21.23 -20.03 -8.40
N GLY A 80 21.05 -19.33 -7.28
CA GLY A 80 20.18 -19.86 -6.23
C GLY A 80 18.75 -20.04 -6.71
N PHE A 81 18.25 -19.12 -7.54
CA PHE A 81 16.91 -19.26 -8.06
C PHE A 81 16.80 -20.42 -9.06
N LYS A 82 17.84 -20.64 -9.85
CA LYS A 82 17.83 -21.77 -10.76
C LYS A 82 17.85 -23.09 -9.99
N LYS A 83 18.58 -23.15 -8.88
CA LYS A 83 18.50 -24.32 -8.00
C LYS A 83 17.08 -24.55 -7.52
N SER A 84 16.38 -23.49 -7.08
CA SER A 84 14.97 -23.64 -6.70
C SER A 84 14.14 -24.18 -7.86
N MET A 85 14.36 -23.68 -9.07
CA MET A 85 13.58 -24.18 -10.22
C MET A 85 13.82 -25.67 -10.44
N ARG A 86 15.08 -26.12 -10.31
CA ARG A 86 15.37 -27.54 -10.52
C ARG A 86 14.69 -28.40 -9.46
N ALA A 87 14.56 -27.90 -8.24
CA ALA A 87 13.82 -28.66 -7.22
C ALA A 87 12.36 -28.79 -7.63
N LEU A 88 11.80 -27.74 -8.22
CA LEU A 88 10.43 -27.81 -8.70
C LEU A 88 10.29 -28.85 -9.80
N PHE A 89 11.17 -28.80 -10.80
CA PHE A 89 11.09 -29.74 -11.92
C PHE A 89 11.35 -31.17 -11.47
N ASP A 90 12.42 -31.38 -10.69
CA ASP A 90 12.81 -32.72 -10.26
C ASP A 90 11.70 -33.42 -9.50
N GLY A 91 10.84 -32.66 -8.83
CA GLY A 91 9.69 -33.25 -8.18
C GLY A 91 8.48 -33.43 -9.06
N GLY A 92 8.54 -33.00 -10.33
CA GLY A 92 7.39 -33.08 -11.21
C GLY A 92 6.31 -32.05 -10.96
N TRP A 93 6.58 -31.06 -10.11
CA TRP A 93 5.52 -30.15 -9.70
C TRP A 93 5.08 -29.23 -10.84
N ASP A 94 5.87 -29.10 -11.91
CA ASP A 94 5.38 -28.36 -13.07
C ASP A 94 4.36 -29.18 -13.88
N LYS A 95 4.09 -30.42 -13.50
CA LYS A 95 3.01 -31.20 -14.09
C LYS A 95 1.77 -31.23 -13.19
N VAL A 96 1.65 -30.28 -12.28
CA VAL A 96 0.47 -30.18 -11.42
C VAL A 96 -0.74 -29.80 -12.27
N GLY A 97 -1.78 -30.62 -12.21
CA GLY A 97 -2.97 -30.33 -12.98
C GLY A 97 -2.86 -30.61 -14.46
N LEU A 98 -1.76 -31.20 -14.92
CA LEU A 98 -1.64 -31.52 -16.33
C LEU A 98 -2.46 -32.76 -16.67
N ALA A 99 -3.01 -32.78 -17.88
CA ALA A 99 -3.78 -33.93 -18.34
C ALA A 99 -2.94 -35.18 -18.26
N GLU A 100 -3.61 -36.31 -18.02
CA GLU A 100 -2.91 -37.59 -17.91
C GLU A 100 -2.12 -37.92 -19.19
N HIS A 101 -2.71 -37.68 -20.36
CA HIS A 101 -2.02 -38.01 -21.61
C HIS A 101 -0.79 -37.14 -21.85
N LEU A 102 -0.62 -36.06 -21.10
CA LEU A 102 0.60 -35.26 -21.16
C LEU A 102 1.56 -35.57 -20.02
N GLY A 103 1.22 -36.53 -19.16
CA GLY A 103 2.07 -36.92 -18.07
C GLY A 103 1.67 -36.40 -16.71
N GLY A 104 0.47 -35.83 -16.57
CA GLY A 104 0.01 -35.31 -15.30
C GLY A 104 -0.72 -36.36 -14.47
N ILE A 105 -1.07 -35.95 -13.26
CA ILE A 105 -1.85 -36.75 -12.33
C ILE A 105 -3.24 -36.12 -12.26
N PRO A 106 -4.28 -36.82 -12.72
CA PRO A 106 -5.63 -36.23 -12.66
C PRO A 106 -5.99 -35.84 -11.24
N MET A 107 -6.55 -34.64 -11.09
CA MET A 107 -6.90 -34.16 -9.76
C MET A 107 -7.89 -33.01 -9.91
N PRO A 108 -8.75 -32.78 -8.91
CA PRO A 108 -9.65 -31.63 -8.96
C PRO A 108 -8.86 -30.31 -9.05
N ARG A 109 -9.42 -29.35 -9.79
CA ARG A 109 -8.81 -28.03 -9.85
C ARG A 109 -8.67 -27.43 -8.46
N ALA A 110 -9.61 -27.70 -7.55
CA ALA A 110 -9.52 -27.15 -6.21
C ALA A 110 -8.27 -27.63 -5.48
N LEU A 111 -7.93 -28.92 -5.66
CA LEU A 111 -6.67 -29.41 -5.13
C LEU A 111 -5.48 -28.84 -5.89
N GLN A 112 -5.59 -28.76 -7.21
CA GLN A 112 -4.50 -28.22 -8.01
C GLN A 112 -4.07 -26.84 -7.51
N TRP A 113 -5.06 -25.94 -7.32
CA TRP A 113 -4.72 -24.57 -6.93
C TRP A 113 -4.25 -24.49 -5.48
N ALA A 114 -4.79 -25.34 -4.61
CA ALA A 114 -4.26 -25.43 -3.25
C ALA A 114 -2.79 -25.83 -3.26
N LEU A 115 -2.39 -26.72 -4.18
CA LEU A 115 -0.99 -27.08 -4.29
C LEU A 115 -0.16 -25.89 -4.76
N ILE A 116 -0.63 -25.20 -5.80
CA ILE A 116 0.12 -24.09 -6.41
C ILE A 116 0.23 -22.91 -5.44
N GLU A 117 -0.76 -22.73 -4.56
CA GLU A 117 -0.70 -21.66 -3.55
C GLU A 117 0.65 -21.66 -2.81
N HIS A 118 1.19 -22.85 -2.52
CA HIS A 118 2.44 -22.91 -1.76
C HIS A 118 3.60 -22.36 -2.55
N ILE A 119 3.70 -22.70 -3.84
CA ILE A 119 4.77 -22.12 -4.64
C ILE A 119 4.59 -20.61 -4.73
N LEU A 120 3.35 -20.15 -4.89
CA LEU A 120 3.12 -18.71 -5.02
C LEU A 120 3.44 -17.95 -3.74
N GLY A 121 3.23 -18.56 -2.57
CA GLY A 121 3.65 -17.91 -1.34
C GLY A 121 5.15 -17.90 -1.15
N ALA A 122 5.82 -18.98 -1.58
CA ALA A 122 7.24 -19.13 -1.28
C ALA A 122 8.14 -18.38 -2.25
N ASN A 123 7.76 -18.29 -3.53
CA ASN A 123 8.57 -17.70 -4.59
C ASN A 123 7.74 -17.66 -5.87
N PRO A 124 6.77 -16.73 -5.98
CA PRO A 124 5.76 -16.86 -7.03
C PRO A 124 6.31 -16.86 -8.45
N ALA A 125 7.42 -16.17 -8.71
CA ALA A 125 8.00 -16.22 -10.04
C ALA A 125 8.39 -17.64 -10.43
N ALA A 126 8.67 -18.50 -9.45
CA ALA A 126 9.05 -19.88 -9.78
C ALA A 126 7.89 -20.61 -10.46
N TYR A 127 6.66 -20.40 -9.99
CA TYR A 127 5.54 -21.00 -10.67
C TYR A 127 5.36 -20.42 -12.07
N MET A 128 5.55 -19.10 -12.23
CA MET A 128 5.37 -18.49 -13.54
C MET A 128 6.34 -19.08 -14.57
N TYR A 129 7.63 -19.19 -14.20
CA TYR A 129 8.57 -19.87 -15.09
C TYR A 129 8.16 -21.32 -15.37
N ALA A 130 7.38 -21.95 -14.49
CA ALA A 130 7.02 -23.36 -14.61
C ALA A 130 5.67 -23.58 -15.26
N MET A 131 5.07 -22.54 -15.83
CA MET A 131 3.75 -22.69 -16.45
C MET A 131 3.83 -23.26 -17.86
N GLY A 132 5.00 -23.68 -18.31
CA GLY A 132 5.17 -24.14 -19.67
C GLY A 132 4.29 -25.33 -20.00
N PRO A 133 4.43 -26.43 -19.25
CA PRO A 133 3.58 -27.60 -19.52
C PRO A 133 2.10 -27.28 -19.54
N GLY A 134 1.64 -26.40 -18.64
CA GLY A 134 0.25 -26.00 -18.65
C GLY A 134 -0.14 -25.24 -19.91
N MET A 135 0.77 -24.40 -20.41
CA MET A 135 0.52 -23.72 -21.69
C MET A 135 0.52 -24.72 -22.83
N SER A 136 1.35 -25.76 -22.75
CA SER A 136 1.33 -26.74 -23.83
C SER A 136 0.01 -27.50 -23.84
N GLU A 137 -0.63 -27.70 -22.68
CA GLU A 137 -1.95 -28.32 -22.69
C GLU A 137 -2.97 -27.42 -23.38
N ILE A 138 -2.89 -26.11 -23.14
CA ILE A 138 -3.80 -25.19 -23.82
C ILE A 138 -3.57 -25.23 -25.31
N PHE A 139 -2.30 -25.26 -25.73
CA PHE A 139 -1.97 -25.37 -27.15
C PHE A 139 -2.50 -26.69 -27.74
N TYR A 140 -2.34 -27.79 -27.00
CA TYR A 140 -2.89 -29.08 -27.41
C TYR A 140 -4.40 -29.00 -27.68
N ASN A 141 -5.17 -28.48 -26.71
CA ASN A 141 -6.63 -28.44 -26.83
C ASN A 141 -7.08 -27.61 -28.02
N ASN A 142 -6.36 -26.53 -28.33
CA ASN A 142 -6.73 -25.65 -29.43
C ASN A 142 -6.03 -25.99 -30.73
N GLY A 143 -5.17 -27.01 -30.76
CA GLY A 143 -4.35 -27.24 -31.94
C GLY A 143 -4.96 -28.23 -32.92
N THR A 144 -4.34 -28.32 -34.09
CA THR A 144 -4.67 -29.38 -35.04
C THR A 144 -4.07 -30.69 -34.54
N ASP A 145 -4.39 -31.77 -35.27
CA ASP A 145 -3.82 -33.07 -34.92
C ASP A 145 -2.30 -33.03 -35.01
N GLU A 146 -1.77 -32.41 -36.06
CA GLU A 146 -0.32 -32.23 -36.17
C GLU A 146 0.22 -31.42 -35.00
N GLN A 147 -0.47 -30.32 -34.66
CA GLN A 147 0.00 -29.46 -33.58
C GLN A 147 -0.07 -30.16 -32.23
N LYS A 148 -1.08 -31.02 -32.01
CA LYS A 148 -1.16 -31.78 -30.76
C LYS A 148 0.09 -32.61 -30.54
N LYS A 149 0.74 -33.08 -31.61
CA LYS A 149 1.96 -33.85 -31.43
C LYS A 149 3.11 -32.95 -30.97
N TRP A 150 3.16 -31.70 -31.44
CA TRP A 150 4.19 -30.78 -30.96
C TRP A 150 3.97 -30.45 -29.49
N ALA A 151 2.72 -30.10 -29.14
CA ALA A 151 2.38 -29.77 -27.76
C ALA A 151 2.76 -30.91 -26.83
N THR A 152 2.55 -32.16 -27.27
CA THR A 152 2.92 -33.30 -26.43
C THR A 152 4.43 -33.36 -26.22
N ILE A 153 5.21 -33.17 -27.29
CA ILE A 153 6.66 -33.06 -27.16
C ILE A 153 7.03 -31.94 -26.19
N ALA A 154 6.40 -30.78 -26.37
CA ALA A 154 6.71 -29.61 -25.54
C ALA A 154 6.50 -29.93 -24.06
N ALA A 155 5.37 -30.56 -23.72
CA ALA A 155 5.12 -30.91 -22.32
C ALA A 155 6.11 -31.95 -21.83
N GLU A 156 6.35 -32.99 -22.64
CA GLU A 156 7.26 -34.06 -22.21
C GLU A 156 8.65 -33.51 -21.95
N ARG A 157 9.13 -32.60 -22.78
CA ARG A 157 10.44 -31.99 -22.59
C ARG A 157 10.43 -30.81 -21.63
N GLY A 158 9.26 -30.37 -21.16
CA GLY A 158 9.21 -29.31 -20.17
C GLY A 158 9.62 -27.93 -20.66
N TRP A 159 9.38 -27.64 -21.92
CA TRP A 159 9.66 -26.32 -22.46
C TRP A 159 8.93 -25.24 -21.68
N GLY A 160 9.58 -24.08 -21.53
CA GLY A 160 8.91 -22.92 -20.97
C GLY A 160 7.90 -22.35 -21.96
N ALA A 161 7.14 -21.35 -21.50
CA ALA A 161 6.13 -20.75 -22.36
C ALA A 161 5.89 -19.30 -21.97
N THR A 162 5.32 -18.55 -22.89
CA THR A 162 4.95 -17.16 -22.67
C THR A 162 3.61 -16.91 -23.32
N MET A 163 2.90 -15.91 -22.81
CA MET A 163 1.72 -15.36 -23.46
C MET A 163 2.05 -13.94 -23.90
N VAL A 164 1.89 -13.66 -25.18
CA VAL A 164 2.46 -12.45 -25.75
C VAL A 164 1.35 -11.65 -26.40
N LEU A 165 0.83 -10.68 -25.64
CA LEU A 165 -0.23 -9.80 -26.10
C LEU A 165 0.19 -8.34 -26.16
N THR A 166 0.74 -7.82 -25.06
CA THR A 166 0.84 -6.39 -24.87
C THR A 166 1.86 -5.78 -25.82
N GLU A 167 1.55 -4.57 -26.26
CA GLU A 167 2.48 -3.70 -27.01
C GLU A 167 2.50 -2.37 -26.31
N PRO A 168 3.44 -1.49 -26.67
CA PRO A 168 3.50 -0.16 -26.02
C PRO A 168 2.19 0.61 -26.08
N ASP A 169 1.42 0.51 -27.17
CA ASP A 169 0.17 1.23 -27.28
C ASP A 169 -1.05 0.34 -27.10
N ALA A 170 -0.88 -0.92 -26.70
CA ALA A 170 -1.99 -1.88 -26.59
C ALA A 170 -1.79 -2.71 -25.32
N GLY A 171 -2.38 -2.24 -24.22
CA GLY A 171 -2.35 -2.98 -22.97
C GLY A 171 -3.73 -3.44 -22.56
N SER A 172 -4.50 -2.56 -21.93
CA SER A 172 -5.90 -2.91 -21.64
C SER A 172 -6.66 -3.10 -22.95
N ASP A 173 -6.34 -2.30 -23.98
CA ASP A 173 -7.02 -2.36 -25.27
C ASP A 173 -6.22 -3.30 -26.16
N VAL A 174 -6.39 -4.60 -25.91
CA VAL A 174 -5.64 -5.60 -26.67
C VAL A 174 -5.87 -5.42 -28.16
N GLY A 175 -7.10 -5.06 -28.55
CA GLY A 175 -7.50 -4.97 -29.95
C GLY A 175 -6.77 -3.91 -30.76
N ALA A 176 -6.06 -2.98 -30.11
CA ALA A 176 -5.30 -1.98 -30.83
C ALA A 176 -3.92 -2.47 -31.25
N GLY A 177 -3.59 -3.72 -30.96
CA GLY A 177 -2.27 -4.23 -31.31
C GLY A 177 -2.01 -4.18 -32.81
N ARG A 178 -0.75 -3.97 -33.17
CA ARG A 178 -0.37 -3.81 -34.56
C ARG A 178 0.69 -4.80 -35.02
N THR A 179 1.17 -5.69 -34.15
CA THR A 179 2.02 -6.77 -34.61
C THR A 179 1.34 -7.50 -35.77
N LYS A 180 2.09 -7.74 -36.85
CA LYS A 180 1.56 -8.20 -38.14
C LYS A 180 1.89 -9.67 -38.35
N ALA A 181 1.03 -10.38 -39.09
CA ALA A 181 1.28 -11.77 -39.50
C ALA A 181 1.16 -11.87 -41.01
N VAL A 182 2.22 -12.35 -41.67
CA VAL A 182 2.26 -12.51 -43.12
C VAL A 182 2.39 -13.99 -43.45
N GLN A 183 1.39 -14.54 -44.14
CA GLN A 183 1.41 -15.95 -44.48
C GLN A 183 2.45 -16.22 -45.57
N GLN A 184 3.16 -17.31 -45.42
CA GLN A 184 4.19 -17.72 -46.37
C GLN A 184 3.66 -18.79 -47.30
N PRO A 185 4.32 -18.99 -48.45
CA PRO A 185 3.86 -20.04 -49.39
C PRO A 185 3.69 -21.40 -48.72
N ASP A 186 4.58 -21.76 -47.80
CA ASP A 186 4.50 -23.09 -47.19
C ASP A 186 3.44 -23.17 -46.10
N GLY A 187 2.62 -22.13 -45.92
CA GLY A 187 1.60 -22.14 -44.92
C GLY A 187 2.02 -21.64 -43.55
N THR A 188 3.31 -21.43 -43.32
CA THR A 188 3.71 -20.76 -42.07
C THR A 188 3.43 -19.27 -42.18
N TRP A 189 3.69 -18.55 -41.09
CA TRP A 189 3.54 -17.10 -41.04
C TRP A 189 4.81 -16.47 -40.51
N HIS A 190 5.06 -15.25 -40.97
CA HIS A 190 6.17 -14.44 -40.47
C HIS A 190 5.56 -13.35 -39.60
N ILE A 191 5.94 -13.34 -38.32
CA ILE A 191 5.39 -12.42 -37.34
C ILE A 191 6.33 -11.23 -37.24
N GLU A 192 5.78 -10.02 -37.32
CA GLU A 192 6.61 -8.82 -37.30
C GLU A 192 6.00 -7.84 -36.33
N GLY A 193 6.75 -7.49 -35.29
CA GLY A 193 6.26 -6.53 -34.33
C GLY A 193 7.12 -6.51 -33.09
N VAL A 194 6.76 -5.61 -32.18
CA VAL A 194 7.45 -5.47 -30.90
C VAL A 194 6.40 -5.57 -29.80
N LYS A 195 6.60 -6.49 -28.88
CA LYS A 195 5.71 -6.71 -27.75
C LYS A 195 6.42 -6.26 -26.47
N ARG A 196 5.63 -5.90 -25.46
CA ARG A 196 6.13 -5.24 -24.26
C ARG A 196 5.65 -5.96 -23.00
N PHE A 197 6.50 -5.96 -21.96
CA PHE A 197 6.12 -6.48 -20.65
C PHE A 197 5.88 -7.99 -20.68
N ILE A 198 6.68 -8.75 -21.40
CA ILE A 198 6.42 -10.17 -21.58
C ILE A 198 7.15 -10.96 -20.49
N THR A 199 6.37 -11.62 -19.65
CA THR A 199 6.88 -12.45 -18.55
C THR A 199 7.57 -13.72 -19.07
N SER A 200 8.78 -13.99 -18.54
CA SER A 200 9.61 -15.16 -18.87
C SER A 200 9.97 -15.22 -20.36
N ALA A 201 10.09 -14.06 -21.00
CA ALA A 201 10.40 -14.03 -22.43
C ALA A 201 11.77 -14.65 -22.72
N ASP A 202 12.69 -14.59 -21.77
CA ASP A 202 13.84 -15.47 -21.76
C ASP A 202 14.07 -15.94 -20.33
N SER A 203 14.69 -17.10 -20.20
CA SER A 203 14.82 -17.76 -18.89
C SER A 203 16.20 -18.41 -18.75
N ASP A 204 17.25 -17.80 -19.27
CA ASP A 204 18.61 -18.33 -19.06
C ASP A 204 18.66 -19.75 -19.63
N ASP A 205 19.29 -20.70 -18.95
CA ASP A 205 19.34 -22.08 -19.41
C ASP A 205 18.37 -22.98 -18.64
N LEU A 206 17.27 -22.41 -18.15
CA LEU A 206 16.26 -23.23 -17.48
C LEU A 206 15.70 -24.30 -18.40
N PHE A 207 15.40 -23.94 -19.65
CA PHE A 207 14.76 -24.86 -20.61
C PHE A 207 15.54 -24.90 -21.92
N GLU A 208 15.28 -25.96 -22.70
CA GLU A 208 15.89 -26.09 -24.02
C GLU A 208 15.11 -25.34 -25.10
N ASN A 209 13.86 -24.97 -24.83
CA ASN A 209 13.07 -24.19 -25.79
C ASN A 209 12.02 -23.41 -24.99
N ILE A 210 11.43 -22.42 -25.66
CA ILE A 210 10.34 -21.62 -25.12
C ILE A 210 9.27 -21.51 -26.19
N MET A 211 8.02 -21.77 -25.83
CA MET A 211 6.88 -21.59 -26.73
C MET A 211 6.24 -20.23 -26.45
N HIS A 212 6.40 -19.30 -27.38
CA HIS A 212 5.68 -18.03 -27.33
C HIS A 212 4.32 -18.21 -27.99
N LEU A 213 3.25 -17.90 -27.27
CA LEU A 213 1.91 -17.86 -27.84
C LEU A 213 1.61 -16.39 -28.13
N VAL A 214 1.64 -16.01 -29.41
CA VAL A 214 1.69 -14.62 -29.83
C VAL A 214 0.38 -14.23 -30.51
N LEU A 215 -0.20 -13.13 -30.05
CA LEU A 215 -1.31 -12.50 -30.76
C LEU A 215 -0.76 -11.58 -31.86
N ALA A 216 -1.37 -11.66 -33.05
CA ALA A 216 -0.95 -10.82 -34.16
C ALA A 216 -2.09 -10.75 -35.18
N ARG A 217 -2.07 -9.69 -35.99
CA ARG A 217 -3.13 -9.44 -36.95
C ARG A 217 -2.68 -9.89 -38.33
N PRO A 218 -3.30 -10.90 -38.93
CA PRO A 218 -2.97 -11.27 -40.30
C PRO A 218 -3.24 -10.10 -41.25
N GLU A 219 -2.33 -9.90 -42.19
CA GLU A 219 -2.55 -8.92 -43.26
C GLU A 219 -3.97 -9.04 -43.80
N GLY A 220 -4.65 -7.91 -43.91
CA GLY A 220 -6.00 -7.86 -44.44
C GLY A 220 -7.11 -8.09 -43.43
N ALA A 221 -6.77 -8.55 -42.23
CA ALA A 221 -7.80 -8.82 -41.23
C ALA A 221 -8.43 -7.54 -40.73
N GLY A 222 -9.60 -7.67 -40.12
CA GLY A 222 -10.32 -6.53 -39.60
C GLY A 222 -9.65 -5.98 -38.35
N PRO A 223 -10.28 -4.94 -37.77
CA PRO A 223 -9.70 -4.29 -36.57
C PRO A 223 -10.18 -4.90 -35.26
N GLY A 224 -9.63 -4.41 -34.15
CA GLY A 224 -10.02 -4.88 -32.84
C GLY A 224 -9.52 -6.29 -32.52
N THR A 225 -10.02 -6.81 -31.40
CA THR A 225 -9.62 -8.16 -31.01
C THR A 225 -10.16 -9.22 -31.95
N LYS A 226 -11.29 -8.96 -32.62
CA LYS A 226 -11.85 -9.97 -33.51
C LYS A 226 -10.94 -10.25 -34.70
N GLY A 227 -10.13 -9.27 -35.11
CA GLY A 227 -9.18 -9.47 -36.17
C GLY A 227 -7.87 -10.13 -35.78
N LEU A 228 -7.70 -10.48 -34.51
CA LEU A 228 -6.47 -11.10 -34.04
C LEU A 228 -6.50 -12.62 -34.20
N SER A 229 -5.34 -13.18 -34.48
CA SER A 229 -5.14 -14.61 -34.48
C SER A 229 -3.95 -14.94 -33.60
N LEU A 230 -3.88 -16.22 -33.22
CA LEU A 230 -2.89 -16.68 -32.26
C LEU A 230 -1.87 -17.58 -32.96
N PHE A 231 -0.59 -17.36 -32.65
CA PHE A 231 0.47 -18.07 -33.35
C PHE A 231 1.43 -18.75 -32.39
N PHE A 232 1.79 -20.00 -32.71
CA PHE A 232 2.80 -20.76 -32.00
C PHE A 232 4.17 -20.32 -32.54
N VAL A 233 4.95 -19.63 -31.71
CA VAL A 233 6.22 -19.07 -32.15
C VAL A 233 7.32 -19.58 -31.21
N PRO A 234 8.03 -20.65 -31.59
CA PRO A 234 9.05 -21.19 -30.68
C PRO A 234 10.36 -20.41 -30.76
N LYS A 235 11.06 -20.38 -29.63
CA LYS A 235 12.38 -19.76 -29.59
C LYS A 235 13.32 -20.40 -30.59
N PHE A 236 13.38 -21.73 -30.58
CA PHE A 236 14.14 -22.50 -31.55
C PHE A 236 13.17 -23.28 -32.42
N HIS A 237 13.47 -23.35 -33.72
CA HIS A 237 12.86 -24.36 -34.57
C HIS A 237 13.19 -25.76 -34.03
N PHE A 238 12.34 -26.73 -34.34
CA PHE A 238 12.60 -28.09 -33.88
C PHE A 238 12.00 -29.09 -34.85
N ASP A 239 12.48 -30.34 -34.75
CA ASP A 239 11.95 -31.43 -35.55
C ASP A 239 10.55 -31.77 -35.07
N HIS A 240 9.56 -31.54 -35.94
CA HIS A 240 8.16 -31.75 -35.56
C HIS A 240 7.86 -33.20 -35.17
N GLU A 241 8.73 -34.13 -35.51
CA GLU A 241 8.51 -35.53 -35.15
C GLU A 241 9.31 -35.93 -33.90
N THR A 242 10.62 -35.70 -33.92
CA THR A 242 11.51 -36.08 -32.82
C THR A 242 11.57 -35.06 -31.71
N GLY A 243 11.29 -33.79 -32.01
CA GLY A 243 11.50 -32.73 -31.05
C GLY A 243 12.91 -32.17 -31.00
N GLU A 244 13.85 -32.75 -31.75
CA GLU A 244 15.23 -32.28 -31.70
C GLU A 244 15.32 -30.79 -32.00
N ILE A 245 16.11 -30.09 -31.19
CA ILE A 245 16.15 -28.63 -31.26
C ILE A 245 16.99 -28.21 -32.47
N GLY A 246 16.45 -27.28 -33.25
CA GLY A 246 17.12 -26.83 -34.46
C GLY A 246 17.61 -25.40 -34.39
N GLU A 247 17.48 -24.67 -35.50
CA GLU A 247 18.06 -23.34 -35.57
C GLU A 247 17.20 -22.34 -34.81
N ARG A 248 17.83 -21.22 -34.45
CA ARG A 248 17.17 -20.14 -33.74
C ARG A 248 16.07 -19.53 -34.61
N ASN A 249 14.90 -19.33 -34.01
CA ASN A 249 13.79 -18.60 -34.60
C ASN A 249 13.94 -17.11 -34.27
N GLY A 250 13.36 -16.25 -35.12
CA GLY A 250 13.66 -14.83 -35.07
C GLY A 250 12.87 -14.00 -34.06
N VAL A 251 12.89 -14.42 -32.79
CA VAL A 251 12.12 -13.80 -31.74
C VAL A 251 13.07 -13.58 -30.56
N PHE A 252 13.36 -12.31 -30.25
CA PHE A 252 14.49 -11.96 -29.38
C PHE A 252 14.06 -10.95 -28.32
N VAL A 253 14.48 -11.21 -27.08
CA VAL A 253 14.40 -10.27 -25.97
C VAL A 253 15.34 -9.09 -26.26
N THR A 254 14.90 -7.86 -26.04
CA THR A 254 15.75 -6.69 -26.29
C THR A 254 16.01 -5.85 -25.05
N ASN A 255 15.48 -6.26 -23.89
CA ASN A 255 15.50 -5.42 -22.70
C ASN A 255 14.84 -6.18 -21.55
N VAL A 256 15.21 -5.89 -20.31
CA VAL A 256 14.47 -6.45 -19.18
C VAL A 256 14.16 -5.30 -18.22
N GLU A 257 12.90 -5.23 -17.79
CA GLU A 257 12.43 -4.08 -17.03
C GLU A 257 12.95 -4.14 -15.60
N HIS A 258 13.14 -2.95 -15.02
CA HIS A 258 13.54 -2.78 -13.64
C HIS A 258 12.27 -2.45 -12.84
N LYS A 259 11.84 -3.39 -12.00
CA LYS A 259 10.51 -3.34 -11.40
C LYS A 259 10.58 -3.12 -9.90
N MET A 260 9.45 -2.63 -9.37
CA MET A 260 9.34 -2.42 -7.93
C MET A 260 9.56 -3.72 -7.17
N GLY A 261 9.05 -4.83 -7.69
CA GLY A 261 9.16 -6.13 -7.08
C GLY A 261 9.02 -7.20 -8.13
N LEU A 262 8.81 -8.44 -7.67
CA LEU A 262 8.80 -9.60 -8.58
C LEU A 262 10.00 -9.56 -9.51
N LYS A 263 11.13 -9.11 -8.96
CA LYS A 263 12.31 -8.83 -9.77
C LYS A 263 12.87 -10.07 -10.45
N VAL A 264 12.77 -11.24 -9.82
CA VAL A 264 13.38 -12.42 -10.43
C VAL A 264 12.57 -12.95 -11.61
N SER A 265 11.38 -12.40 -11.84
CA SER A 265 10.60 -12.71 -13.05
C SER A 265 11.02 -11.76 -14.17
N ALA A 266 11.75 -12.28 -15.15
CA ALA A 266 12.22 -11.44 -16.24
C ALA A 266 11.04 -10.96 -17.09
N THR A 267 10.84 -9.65 -17.12
CA THR A 267 9.76 -9.01 -17.87
C THR A 267 10.40 -8.24 -19.03
N CYS A 268 10.15 -8.69 -20.26
CA CYS A 268 11.01 -8.27 -21.36
C CYS A 268 10.22 -7.68 -22.51
N GLU A 269 10.86 -6.73 -23.18
CA GLU A 269 10.43 -6.37 -24.52
C GLU A 269 10.85 -7.50 -25.47
N LEU A 270 9.95 -7.89 -26.35
CA LEU A 270 10.15 -9.05 -27.21
C LEU A 270 9.93 -8.61 -28.65
N SER A 271 10.99 -8.68 -29.47
CA SER A 271 10.88 -8.27 -30.86
C SER A 271 10.77 -9.49 -31.76
N LEU A 272 9.82 -9.43 -32.67
CA LEU A 272 9.57 -10.49 -33.62
C LEU A 272 9.95 -9.99 -35.01
N GLY A 273 10.93 -10.67 -35.61
CA GLY A 273 11.31 -10.39 -36.99
C GLY A 273 12.10 -9.13 -37.19
N GLN A 274 12.78 -8.64 -36.15
CA GLN A 274 13.48 -7.37 -36.22
C GLN A 274 15.00 -7.50 -36.21
N HIS A 275 15.54 -8.73 -36.16
CA HIS A 275 16.97 -8.95 -35.98
C HIS A 275 17.57 -9.78 -37.11
N GLY A 276 17.01 -9.69 -38.31
CA GLY A 276 17.64 -10.28 -39.48
C GLY A 276 17.17 -11.67 -39.86
N ILE A 277 16.42 -12.35 -39.01
CA ILE A 277 15.80 -13.61 -39.41
C ILE A 277 14.31 -13.55 -39.07
N PRO A 278 13.46 -14.23 -39.82
CA PRO A 278 12.03 -14.14 -39.54
C PRO A 278 11.65 -14.86 -38.27
N ALA A 279 10.57 -14.39 -37.65
CA ALA A 279 9.94 -15.11 -36.55
C ALA A 279 8.84 -15.98 -37.16
N VAL A 280 9.14 -17.25 -37.34
CA VAL A 280 8.17 -18.16 -37.96
C VAL A 280 7.12 -18.55 -36.92
N GLY A 281 5.85 -18.36 -37.27
CA GLY A 281 4.74 -18.76 -36.42
C GLY A 281 3.82 -19.72 -37.14
N TRP A 282 3.13 -20.54 -36.35
CA TRP A 282 2.12 -21.47 -36.87
C TRP A 282 0.76 -21.07 -36.32
N LEU A 283 -0.22 -20.91 -37.21
CA LEU A 283 -1.56 -20.52 -36.77
C LEU A 283 -2.16 -21.63 -35.91
N VAL A 284 -2.54 -21.28 -34.67
CA VAL A 284 -3.03 -22.27 -33.72
C VAL A 284 -4.37 -22.83 -34.19
N GLY A 285 -4.48 -24.15 -34.24
CA GLY A 285 -5.69 -24.80 -34.72
C GLY A 285 -5.98 -24.50 -36.19
N GLU A 286 -5.03 -23.83 -36.86
CA GLU A 286 -5.17 -23.39 -38.25
C GLU A 286 -6.50 -22.69 -38.49
N VAL A 287 -6.95 -21.93 -37.49
CA VAL A 287 -8.12 -21.07 -37.62
C VAL A 287 -7.77 -19.69 -37.08
N HIS A 288 -8.53 -18.70 -37.52
CA HIS A 288 -8.37 -17.30 -37.10
C HIS A 288 -9.39 -17.04 -36.01
N ASN A 289 -8.94 -17.17 -34.76
CA ASN A 289 -9.84 -17.08 -33.62
C ASN A 289 -9.03 -16.67 -32.39
N GLY A 290 -8.20 -15.65 -32.54
CA GLY A 290 -7.09 -15.44 -31.61
C GLY A 290 -7.51 -15.06 -30.21
N ILE A 291 -8.41 -14.05 -30.08
CA ILE A 291 -8.71 -13.55 -28.74
C ILE A 291 -9.44 -14.61 -27.94
N ALA A 292 -10.31 -15.40 -28.60
CA ALA A 292 -10.98 -16.48 -27.90
C ALA A 292 -9.98 -17.55 -27.46
N GLN A 293 -9.13 -18.01 -28.38
CA GLN A 293 -8.07 -18.93 -28.01
C GLN A 293 -7.21 -18.38 -26.87
N MET A 294 -6.75 -17.13 -27.00
CA MET A 294 -5.86 -16.57 -25.97
C MET A 294 -6.56 -16.47 -24.62
N PHE A 295 -7.89 -16.31 -24.59
CA PHE A 295 -8.55 -16.17 -23.30
C PHE A 295 -8.57 -17.47 -22.52
N ASP A 296 -8.36 -18.63 -23.17
CA ASP A 296 -8.11 -19.84 -22.38
C ASP A 296 -6.90 -19.62 -21.47
N VAL A 297 -5.90 -18.89 -21.96
CA VAL A 297 -4.70 -18.61 -21.18
C VAL A 297 -4.97 -17.51 -20.16
N ILE A 298 -5.65 -16.45 -20.58
CA ILE A 298 -5.89 -15.30 -19.70
C ILE A 298 -6.69 -15.73 -18.47
N GLU A 299 -7.65 -16.64 -18.66
CA GLU A 299 -8.44 -17.12 -17.52
C GLU A 299 -7.55 -17.81 -16.50
N GLN A 300 -6.66 -18.68 -16.96
CA GLN A 300 -5.72 -19.32 -16.03
C GLN A 300 -4.80 -18.28 -15.39
N ALA A 301 -4.31 -17.31 -16.18
CA ALA A 301 -3.45 -16.27 -15.62
C ALA A 301 -4.17 -15.49 -14.53
N ARG A 302 -5.45 -15.17 -14.74
CA ARG A 302 -6.14 -14.35 -13.75
C ARG A 302 -6.41 -15.13 -12.46
N MET A 303 -6.69 -16.43 -12.57
CA MET A 303 -6.81 -17.26 -11.38
C MET A 303 -5.48 -17.32 -10.63
N MET A 304 -4.38 -17.46 -11.38
CA MET A 304 -3.07 -17.53 -10.75
C MET A 304 -2.76 -16.25 -9.98
N VAL A 305 -3.01 -15.10 -10.60
CA VAL A 305 -2.66 -13.82 -9.99
C VAL A 305 -3.43 -13.59 -8.71
N GLY A 306 -4.74 -13.90 -8.71
CA GLY A 306 -5.52 -13.79 -7.50
C GLY A 306 -5.05 -14.74 -6.42
N THR A 307 -4.75 -15.98 -6.80
CA THR A 307 -4.24 -16.95 -5.83
C THR A 307 -2.87 -16.54 -5.30
N LYS A 308 -2.04 -15.94 -6.16
CA LYS A 308 -0.74 -15.41 -5.73
C LYS A 308 -0.91 -14.34 -4.66
N ALA A 309 -1.76 -13.37 -4.93
CA ALA A 309 -1.98 -12.30 -3.95
C ALA A 309 -2.49 -12.86 -2.64
N ILE A 310 -3.36 -13.86 -2.69
CA ILE A 310 -3.91 -14.45 -1.47
C ILE A 310 -2.85 -15.27 -0.74
N ALA A 311 -2.06 -16.04 -1.49
CA ALA A 311 -0.96 -16.78 -0.89
C ALA A 311 0.01 -15.83 -0.18
N THR A 312 0.24 -14.66 -0.75
CA THR A 312 1.19 -13.72 -0.18
C THR A 312 0.65 -13.04 1.06
N LEU A 313 -0.63 -12.64 1.06
CA LEU A 313 -1.23 -12.16 2.30
C LEU A 313 -1.14 -13.20 3.41
N SER A 314 -1.36 -14.47 3.07
CA SER A 314 -1.37 -15.52 4.10
C SER A 314 -0.03 -15.61 4.81
N THR A 315 1.07 -15.66 4.04
CA THR A 315 2.36 -15.79 4.71
C THR A 315 2.79 -14.46 5.34
N GLY A 316 2.34 -13.34 4.79
CA GLY A 316 2.52 -12.07 5.48
C GLY A 316 1.83 -12.05 6.83
N TYR A 317 0.59 -12.54 6.89
CA TYR A 317 -0.12 -12.59 8.17
C TYR A 317 0.57 -13.49 9.17
N LEU A 318 0.97 -14.69 8.73
CA LEU A 318 1.55 -15.64 9.68
C LEU A 318 2.91 -15.16 10.18
N ASN A 319 3.66 -14.44 9.34
CA ASN A 319 4.88 -13.80 9.82
C ASN A 319 4.57 -12.74 10.87
N ALA A 320 3.61 -11.86 10.58
CA ALA A 320 3.24 -10.84 11.55
C ALA A 320 2.77 -11.48 12.86
N LEU A 321 1.99 -12.56 12.78
CA LEU A 321 1.48 -13.21 13.99
C LEU A 321 2.61 -13.78 14.83
N GLU A 322 3.51 -14.53 14.21
CA GLU A 322 4.67 -15.08 14.92
C GLU A 322 5.45 -13.98 15.61
N TYR A 323 5.66 -12.86 14.92
CA TYR A 323 6.39 -11.73 15.50
C TYR A 323 5.66 -11.17 16.72
N ALA A 324 4.37 -10.90 16.57
CA ALA A 324 3.59 -10.33 17.65
C ALA A 324 3.59 -11.23 18.90
N LYS A 325 3.59 -12.55 18.72
CA LYS A 325 3.56 -13.44 19.86
C LYS A 325 4.81 -13.29 20.74
N GLU A 326 5.91 -12.83 20.17
CA GLU A 326 7.15 -12.76 20.92
C GLU A 326 7.59 -11.35 21.26
N ARG A 327 7.05 -10.31 20.62
CA ARG A 327 7.51 -8.95 20.86
C ARG A 327 6.90 -8.41 22.15
N VAL A 328 7.75 -8.07 23.12
CA VAL A 328 7.31 -7.45 24.37
C VAL A 328 7.37 -5.93 24.19
N GLN A 329 6.26 -5.25 24.45
CA GLN A 329 6.29 -3.78 24.37
C GLN A 329 5.06 -3.20 25.06
N GLY A 330 5.29 -2.39 26.11
CA GLY A 330 4.23 -1.72 26.83
C GLY A 330 3.60 -2.60 27.90
N ALA A 331 2.71 -2.00 28.68
CA ALA A 331 1.92 -2.74 29.65
C ALA A 331 0.51 -2.97 29.12
N ASP A 332 -0.22 -3.83 29.81
CA ASP A 332 -1.61 -4.04 29.45
C ASP A 332 -2.40 -2.76 29.58
N MET A 333 -3.33 -2.56 28.64
CA MET A 333 -4.11 -1.33 28.63
C MET A 333 -4.88 -1.14 29.92
N THR A 334 -5.33 -2.23 30.56
CA THR A 334 -5.98 -2.10 31.85
C THR A 334 -5.05 -1.59 32.93
N GLN A 335 -3.77 -1.45 32.65
CA GLN A 335 -2.81 -0.99 33.65
C GLN A 335 -2.01 0.20 33.13
N MET A 336 -2.56 0.95 32.18
CA MET A 336 -1.76 1.91 31.42
C MET A 336 -1.31 3.10 32.26
N THR A 337 -2.00 3.41 33.36
CA THR A 337 -1.55 4.53 34.19
C THR A 337 -0.43 4.13 35.16
N ASP A 338 -0.28 2.83 35.42
CA ASP A 338 0.73 2.33 36.34
C ASP A 338 2.02 2.10 35.57
N LYS A 339 2.98 3.01 35.72
CA LYS A 339 4.20 2.92 34.91
C LYS A 339 5.14 1.80 35.34
N THR A 340 4.82 1.06 36.40
CA THR A 340 5.59 -0.12 36.80
C THR A 340 4.84 -1.42 36.57
N ALA A 341 3.70 -1.37 35.87
CA ALA A 341 2.97 -2.57 35.52
C ALA A 341 3.86 -3.51 34.68
N PRO A 342 3.58 -4.81 34.70
CA PRO A 342 4.38 -5.75 33.91
C PRO A 342 4.25 -5.44 32.41
N ARG A 343 5.37 -5.55 31.70
CA ARG A 343 5.34 -5.48 30.25
C ARG A 343 4.65 -6.71 29.67
N VAL A 344 3.98 -6.54 28.51
CA VAL A 344 3.23 -7.61 27.88
C VAL A 344 3.68 -7.78 26.43
N THR A 345 3.42 -8.97 25.88
CA THR A 345 3.57 -9.15 24.43
C THR A 345 2.46 -8.40 23.70
N ILE A 346 2.76 -7.98 22.48
CA ILE A 346 1.89 -7.00 21.83
C ILE A 346 0.57 -7.61 21.40
N THR A 347 0.47 -8.94 21.32
CA THR A 347 -0.86 -9.53 21.10
C THR A 347 -1.84 -9.16 22.20
N HIS A 348 -1.38 -8.63 23.33
CA HIS A 348 -2.27 -8.16 24.36
C HIS A 348 -2.88 -6.79 24.04
N HIS A 349 -2.37 -6.09 23.04
CA HIS A 349 -2.87 -4.73 22.77
C HIS A 349 -4.09 -4.79 21.86
N PRO A 350 -5.17 -4.08 22.20
CA PRO A 350 -6.37 -4.09 21.34
C PRO A 350 -6.09 -3.74 19.88
N ASP A 351 -5.30 -2.71 19.58
CA ASP A 351 -5.12 -2.40 18.15
C ASP A 351 -4.38 -3.52 17.43
N VAL A 352 -3.48 -4.22 18.13
CA VAL A 352 -2.73 -5.29 17.48
C VAL A 352 -3.63 -6.49 17.25
N ARG A 353 -4.50 -6.80 18.21
CA ARG A 353 -5.46 -7.87 17.99
C ARG A 353 -6.45 -7.49 16.90
N ARG A 354 -6.89 -6.23 16.86
CA ARG A 354 -7.71 -5.77 15.72
C ARG A 354 -6.97 -6.00 14.41
N SER A 355 -5.71 -5.59 14.36
CA SER A 355 -4.97 -5.74 13.10
C SER A 355 -4.79 -7.21 12.74
N LEU A 356 -4.48 -8.07 13.72
CA LEU A 356 -4.29 -9.48 13.43
C LEU A 356 -5.58 -10.15 12.99
N MET A 357 -6.71 -9.82 13.64
CA MET A 357 -7.96 -10.44 13.22
C MET A 357 -8.38 -9.96 11.84
N THR A 358 -8.05 -8.72 11.49
CA THR A 358 -8.33 -8.22 10.14
C THR A 358 -7.51 -8.99 9.10
N GLN A 359 -6.22 -9.17 9.36
CA GLN A 359 -5.39 -9.95 8.45
C GLN A 359 -5.89 -11.39 8.35
N LYS A 360 -6.20 -12.00 9.49
CA LYS A 360 -6.66 -13.39 9.53
C LYS A 360 -7.96 -13.56 8.75
N ALA A 361 -8.97 -12.73 9.05
CA ALA A 361 -10.27 -12.89 8.38
C ALA A 361 -10.14 -12.70 6.88
N TYR A 362 -9.40 -11.68 6.45
CA TYR A 362 -9.27 -11.47 5.02
C TYR A 362 -8.46 -12.58 4.35
N ALA A 363 -7.40 -13.05 4.99
CA ALA A 363 -6.59 -14.09 4.36
C ALA A 363 -7.38 -15.39 4.24
N GLU A 364 -8.05 -15.79 5.32
CA GLU A 364 -8.80 -17.04 5.28
C GLU A 364 -10.07 -16.90 4.43
N GLY A 365 -10.73 -15.75 4.54
CA GLY A 365 -11.85 -15.48 3.63
C GLY A 365 -11.44 -15.57 2.18
N LEU A 366 -10.26 -15.03 1.85
CA LEU A 366 -9.82 -15.07 0.47
C LEU A 366 -9.45 -16.48 0.05
N ARG A 367 -8.86 -17.27 0.95
CA ARG A 367 -8.55 -18.65 0.61
C ARG A 367 -9.84 -19.42 0.31
N ALA A 368 -10.86 -19.23 1.14
CA ALA A 368 -12.15 -19.85 0.86
C ALA A 368 -12.69 -19.44 -0.52
N ILE A 369 -12.55 -18.16 -0.88
CA ILE A 369 -13.12 -17.69 -2.15
C ILE A 369 -12.46 -18.38 -3.35
N TYR A 370 -11.13 -18.45 -3.37
CA TYR A 370 -10.51 -19.07 -4.55
C TYR A 370 -10.74 -20.58 -4.56
N LEU A 371 -10.79 -21.23 -3.39
CA LEU A 371 -11.13 -22.66 -3.37
C LEU A 371 -12.60 -22.87 -3.79
N TYR A 372 -13.51 -22.06 -3.26
CA TYR A 372 -14.90 -22.09 -3.74
C TYR A 372 -14.97 -21.90 -5.25
N THR A 373 -14.26 -20.90 -5.77
CA THR A 373 -14.21 -20.69 -7.22
C THR A 373 -13.73 -21.95 -7.93
N ALA A 374 -12.68 -22.58 -7.40
CA ALA A 374 -12.12 -23.75 -8.06
C ALA A 374 -13.08 -24.95 -8.04
N THR A 375 -14.04 -24.98 -7.10
CA THR A 375 -14.97 -26.10 -7.10
C THR A 375 -15.98 -26.02 -8.24
N PHE A 376 -15.97 -24.94 -9.03
CA PHE A 376 -16.79 -24.82 -10.22
C PHE A 376 -16.00 -25.01 -11.52
N GLN A 377 -14.71 -25.32 -11.41
CA GLN A 377 -13.87 -25.47 -12.59
C GLN A 377 -13.83 -26.90 -13.12
N ASP A 378 -14.38 -27.86 -12.38
CA ASP A 378 -14.58 -29.23 -12.84
C ASP A 378 -16.08 -29.52 -12.87
N ALA A 379 -16.59 -29.95 -14.02
CA ALA A 379 -18.00 -30.34 -14.07
C ALA A 379 -18.32 -31.36 -12.98
N GLU A 380 -17.49 -32.38 -12.86
CA GLU A 380 -17.75 -33.46 -11.89
C GLU A 380 -17.77 -32.94 -10.47
N VAL A 381 -16.80 -32.08 -10.11
CA VAL A 381 -16.78 -31.51 -8.78
C VAL A 381 -18.02 -30.64 -8.56
N ALA A 382 -18.31 -29.76 -9.49
CA ALA A 382 -19.48 -28.88 -9.37
C ALA A 382 -20.75 -29.69 -9.16
N GLN A 383 -20.95 -30.75 -9.95
CA GLN A 383 -22.12 -31.59 -9.75
C GLN A 383 -22.11 -32.24 -8.37
N ALA A 384 -20.98 -32.89 -8.03
CA ALA A 384 -20.88 -33.64 -6.78
C ALA A 384 -21.07 -32.75 -5.55
N VAL A 385 -20.38 -31.61 -5.48
CA VAL A 385 -20.39 -30.85 -4.23
C VAL A 385 -21.44 -29.73 -4.21
N HIS A 386 -21.93 -29.29 -5.37
CA HIS A 386 -22.94 -28.24 -5.44
C HIS A 386 -24.24 -28.66 -6.07
N GLY A 387 -24.26 -29.70 -6.90
CA GLY A 387 -25.49 -30.09 -7.56
C GLY A 387 -25.83 -29.23 -8.76
N VAL A 388 -24.84 -28.59 -9.38
CA VAL A 388 -25.06 -27.71 -10.52
C VAL A 388 -24.46 -28.36 -11.75
N ASP A 389 -25.14 -28.19 -12.89
CA ASP A 389 -24.75 -28.84 -14.13
C ASP A 389 -23.56 -28.11 -14.76
N GLY A 390 -23.04 -28.65 -15.86
CA GLY A 390 -21.84 -28.11 -16.47
C GLY A 390 -21.98 -26.65 -16.89
N ASP A 391 -23.12 -26.31 -17.50
CA ASP A 391 -23.30 -24.97 -18.04
C ASP A 391 -23.32 -23.91 -16.93
N LEU A 392 -24.10 -24.16 -15.88
CA LEU A 392 -24.19 -23.19 -14.78
C LEU A 392 -22.85 -23.08 -14.06
N ALA A 393 -22.15 -24.20 -13.88
CA ALA A 393 -20.84 -24.19 -13.24
C ALA A 393 -19.86 -23.32 -14.00
N ALA A 394 -19.87 -23.39 -15.33
CA ALA A 394 -18.96 -22.56 -16.12
C ALA A 394 -19.25 -21.07 -15.94
N ARG A 395 -20.53 -20.71 -15.90
CA ARG A 395 -20.92 -19.31 -15.72
C ARG A 395 -20.57 -18.80 -14.32
N VAL A 396 -20.74 -19.65 -13.31
CA VAL A 396 -20.38 -19.25 -11.95
C VAL A 396 -18.87 -19.07 -11.82
N ASN A 397 -18.10 -20.00 -12.40
CA ASN A 397 -16.65 -19.84 -12.40
C ASN A 397 -16.26 -18.55 -13.10
N ASP A 398 -16.82 -18.29 -14.28
CA ASP A 398 -16.56 -17.05 -14.99
C ASP A 398 -16.94 -15.81 -14.17
N LEU A 399 -18.05 -15.89 -13.43
CA LEU A 399 -18.45 -14.79 -12.56
C LEU A 399 -17.43 -14.54 -11.46
N LEU A 400 -16.83 -15.60 -10.94
CA LEU A 400 -15.99 -15.50 -9.76
C LEU A 400 -14.55 -15.13 -10.09
N LEU A 401 -14.08 -15.41 -11.31
CA LEU A 401 -12.68 -15.17 -11.61
C LEU A 401 -12.27 -13.71 -11.42
N PRO A 402 -13.04 -12.71 -11.87
CA PRO A 402 -12.65 -11.32 -11.59
C PRO A 402 -12.72 -10.95 -10.12
N ILE A 403 -13.45 -11.73 -9.32
CA ILE A 403 -13.41 -11.55 -7.87
C ILE A 403 -12.10 -12.07 -7.31
N VAL A 404 -11.75 -13.32 -7.64
CA VAL A 404 -10.45 -13.85 -7.24
C VAL A 404 -9.34 -12.88 -7.63
N LYS A 405 -9.38 -12.41 -8.89
CA LYS A 405 -8.27 -11.61 -9.40
C LYS A 405 -8.34 -10.17 -8.88
N GLY A 406 -9.47 -9.50 -9.11
CA GLY A 406 -9.55 -8.09 -8.76
C GLY A 406 -9.68 -7.84 -7.27
N PHE A 407 -10.62 -8.53 -6.62
CA PHE A 407 -10.79 -8.39 -5.18
C PHE A 407 -9.61 -8.98 -4.43
N GLY A 408 -9.10 -10.11 -4.89
CA GLY A 408 -7.95 -10.73 -4.25
C GLY A 408 -6.72 -9.85 -4.28
N SER A 409 -6.34 -9.37 -5.48
CA SER A 409 -5.13 -8.56 -5.60
C SER A 409 -5.22 -7.29 -4.77
N GLU A 410 -6.37 -6.60 -4.81
CA GLU A 410 -6.50 -5.34 -4.10
C GLU A 410 -6.51 -5.53 -2.60
N THR A 411 -7.26 -6.54 -2.13
CA THR A 411 -7.36 -6.78 -0.71
C THR A 411 -6.02 -7.21 -0.12
N ALA A 412 -5.32 -8.12 -0.81
CA ALA A 412 -4.06 -8.64 -0.28
C ALA A 412 -3.04 -7.53 -0.09
N TYR A 413 -2.84 -6.70 -1.12
CA TYR A 413 -1.90 -5.58 -0.98
C TYR A 413 -2.30 -4.67 0.17
N ALA A 414 -3.59 -4.34 0.28
CA ALA A 414 -4.05 -3.43 1.33
C ALA A 414 -3.85 -4.01 2.73
N LYS A 415 -4.14 -5.30 2.91
CA LYS A 415 -4.03 -5.86 4.25
C LYS A 415 -2.59 -6.19 4.64
N LEU A 416 -1.71 -6.41 3.67
CA LEU A 416 -0.29 -6.53 3.97
C LEU A 416 0.23 -5.29 4.69
N THR A 417 -0.41 -4.14 4.49
CA THR A 417 -0.06 -2.95 5.25
C THR A 417 -0.21 -3.19 6.74
N GLU A 418 -1.29 -3.87 7.16
CA GLU A 418 -1.44 -4.24 8.55
C GLU A 418 -0.36 -5.22 8.99
N SER A 419 -0.02 -6.18 8.12
CA SER A 419 1.04 -7.12 8.48
C SER A 419 2.35 -6.39 8.77
N LEU A 420 2.73 -5.46 7.90
CA LEU A 420 3.97 -4.72 8.15
C LEU A 420 3.86 -3.87 9.42
N GLN A 421 2.72 -3.20 9.61
CA GLN A 421 2.51 -2.36 10.80
C GLN A 421 2.74 -3.15 12.09
N THR A 422 2.40 -4.44 12.09
CA THR A 422 2.48 -5.25 13.30
C THR A 422 3.91 -5.39 13.79
N LEU A 423 4.88 -5.31 12.89
CA LEU A 423 6.27 -5.42 13.26
C LEU A 423 6.85 -4.10 13.79
N GLY A 424 6.09 -3.01 13.76
CA GLY A 424 6.68 -1.77 14.16
C GLY A 424 7.73 -1.33 13.16
N GLY A 425 8.69 -0.54 13.63
CA GLY A 425 9.76 -0.08 12.75
C GLY A 425 10.50 -1.22 12.06
N SER A 426 10.57 -2.39 12.69
CA SER A 426 11.27 -3.51 12.05
C SER A 426 10.56 -3.97 10.77
N GLY A 427 9.27 -3.68 10.62
CA GLY A 427 8.57 -4.01 9.38
C GLY A 427 9.14 -3.34 8.15
N PHE A 428 9.78 -2.18 8.33
CA PHE A 428 10.37 -1.40 7.26
C PHE A 428 11.74 -1.92 6.84
N LEU A 429 12.27 -2.95 7.52
CA LEU A 429 13.60 -3.47 7.24
C LEU A 429 13.53 -4.61 6.23
N GLN A 430 14.55 -4.69 5.38
CA GLN A 430 14.61 -5.85 4.49
C GLN A 430 14.93 -7.14 5.23
N ASP A 431 15.33 -7.05 6.51
CA ASP A 431 15.59 -8.24 7.33
C ASP A 431 14.36 -9.12 7.45
N TYR A 432 13.18 -8.54 7.35
CA TYR A 432 11.93 -9.27 7.40
C TYR A 432 11.29 -9.28 6.02
N PRO A 433 10.49 -10.30 5.69
CA PRO A 433 10.04 -10.49 4.31
C PRO A 433 8.84 -9.66 3.92
N ILE A 434 8.24 -8.91 4.84
CA ILE A 434 6.95 -8.30 4.53
C ILE A 434 7.10 -7.13 3.55
N GLU A 435 8.19 -6.37 3.61
CA GLU A 435 8.30 -5.30 2.62
C GLU A 435 8.46 -5.84 1.21
N GLN A 436 9.12 -7.00 1.07
CA GLN A 436 9.17 -7.63 -0.24
C GLN A 436 7.81 -8.19 -0.65
N TYR A 437 7.07 -8.78 0.30
CA TYR A 437 5.69 -9.18 0.01
C TYR A 437 4.88 -8.04 -0.60
N ILE A 438 5.00 -6.84 -0.02
CA ILE A 438 4.26 -5.68 -0.52
C ILE A 438 4.73 -5.33 -1.94
N ARG A 439 6.04 -5.28 -2.14
CA ARG A 439 6.56 -4.91 -3.46
C ARG A 439 6.22 -5.96 -4.51
N ASP A 440 6.31 -7.25 -4.15
CA ASP A 440 6.00 -8.31 -5.11
C ASP A 440 4.52 -8.35 -5.47
N SER A 441 3.63 -7.92 -4.57
CA SER A 441 2.21 -8.06 -4.82
C SER A 441 1.56 -6.81 -5.43
N LYS A 442 2.25 -5.67 -5.44
CA LYS A 442 1.66 -4.49 -6.08
C LYS A 442 1.31 -4.74 -7.54
N ILE A 443 2.06 -5.61 -8.22
CA ILE A 443 1.80 -5.89 -9.63
C ILE A 443 0.49 -6.64 -9.84
N ASP A 444 -0.03 -7.28 -8.79
CA ASP A 444 -1.19 -8.15 -8.97
C ASP A 444 -2.45 -7.39 -9.35
N SER A 445 -2.49 -6.08 -9.12
CA SER A 445 -3.66 -5.32 -9.53
C SER A 445 -3.53 -4.77 -10.94
N LEU A 446 -2.44 -5.10 -11.63
CA LEU A 446 -2.11 -4.52 -12.93
C LEU A 446 -2.04 -5.57 -14.02
N TYR A 447 -1.13 -6.52 -13.92
CA TYR A 447 -1.05 -7.55 -14.97
C TYR A 447 -2.27 -8.48 -14.96
N ALA A 448 -2.42 -9.22 -16.06
CA ALA A 448 -3.61 -10.05 -16.29
C ALA A 448 -4.88 -9.22 -16.32
N GLY A 449 -4.75 -7.92 -16.61
CA GLY A 449 -5.88 -7.01 -16.61
C GLY A 449 -6.04 -6.21 -15.33
N THR A 450 -6.02 -4.88 -15.43
CA THR A 450 -6.09 -4.04 -14.24
C THR A 450 -7.42 -4.23 -13.53
N THR A 451 -7.47 -3.73 -12.28
CA THR A 451 -8.69 -3.87 -11.49
C THR A 451 -9.89 -3.30 -12.20
N ALA A 452 -9.74 -2.14 -12.84
CA ALA A 452 -10.85 -1.53 -13.58
C ALA A 452 -11.36 -2.47 -14.67
N ILE A 453 -10.43 -3.17 -15.34
CA ILE A 453 -10.82 -4.11 -16.37
C ILE A 453 -11.49 -5.34 -15.75
N GLN A 454 -11.06 -5.76 -14.55
CA GLN A 454 -11.74 -6.86 -13.86
C GLN A 454 -13.17 -6.48 -13.53
N ALA A 455 -13.39 -5.25 -13.03
CA ALA A 455 -14.71 -4.83 -12.58
C ALA A 455 -15.66 -4.60 -13.77
N GLN A 456 -15.12 -4.17 -14.90
CA GLN A 456 -15.91 -4.03 -16.13
C GLN A 456 -16.31 -5.39 -16.66
N ASP A 457 -15.37 -6.33 -16.70
CA ASP A 457 -15.69 -7.69 -17.10
C ASP A 457 -16.78 -8.28 -16.22
N PHE A 458 -16.59 -8.18 -14.90
CA PHE A 458 -17.54 -8.71 -13.93
C PHE A 458 -18.95 -8.20 -14.19
N PHE A 459 -19.09 -6.89 -14.39
CA PHE A 459 -20.44 -6.33 -14.53
C PHE A 459 -21.01 -6.53 -15.93
N PHE A 460 -20.29 -6.06 -16.96
CA PHE A 460 -20.85 -6.09 -18.32
C PHE A 460 -20.93 -7.51 -18.86
N ARG A 461 -19.91 -8.32 -18.64
CA ARG A 461 -19.87 -9.64 -19.23
C ARG A 461 -20.37 -10.76 -18.31
N LYS A 462 -19.95 -10.76 -17.05
CA LYS A 462 -20.27 -11.86 -16.17
C LYS A 462 -21.64 -11.72 -15.50
N ILE A 463 -22.27 -10.56 -15.60
CA ILE A 463 -23.58 -10.33 -15.02
C ILE A 463 -24.57 -9.97 -16.12
N ILE A 464 -24.39 -8.82 -16.77
CA ILE A 464 -25.38 -8.33 -17.72
C ILE A 464 -25.50 -9.28 -18.91
N ARG A 465 -24.40 -9.51 -19.62
CA ARG A 465 -24.43 -10.45 -20.74
C ARG A 465 -24.93 -11.81 -20.29
N ASP A 466 -24.60 -12.21 -19.06
CA ASP A 466 -25.04 -13.46 -18.46
C ASP A 466 -26.51 -13.46 -18.08
N LYS A 467 -27.18 -12.32 -18.20
CA LYS A 467 -28.55 -12.13 -17.71
C LYS A 467 -28.67 -12.50 -16.24
N GLY A 468 -27.57 -12.33 -15.49
CA GLY A 468 -27.61 -12.46 -14.05
C GLY A 468 -27.80 -13.86 -13.52
N GLN A 469 -27.63 -14.89 -14.34
CA GLN A 469 -27.95 -16.23 -13.89
C GLN A 469 -26.92 -16.76 -12.90
N ALA A 470 -25.63 -16.61 -13.22
CA ALA A 470 -24.61 -17.02 -12.25
C ALA A 470 -24.75 -16.24 -10.94
N LEU A 471 -24.94 -14.93 -11.06
CA LEU A 471 -25.09 -14.10 -9.87
C LEU A 471 -26.30 -14.51 -9.05
N ALA A 472 -27.43 -14.76 -9.73
CA ALA A 472 -28.62 -15.15 -8.98
C ALA A 472 -28.41 -16.49 -8.28
N TYR A 473 -27.61 -17.38 -8.87
CA TYR A 473 -27.32 -18.65 -8.21
C TYR A 473 -26.55 -18.43 -6.92
N VAL A 474 -25.51 -17.59 -6.96
CA VAL A 474 -24.72 -17.35 -5.76
C VAL A 474 -25.55 -16.66 -4.70
N ALA A 475 -26.35 -15.66 -5.09
CA ALA A 475 -27.18 -14.96 -4.12
C ALA A 475 -28.14 -15.92 -3.43
N GLY A 476 -28.64 -16.91 -4.17
CA GLY A 476 -29.56 -17.87 -3.58
C GLY A 476 -28.91 -18.81 -2.58
N GLU A 477 -27.62 -19.11 -2.77
CA GLU A 477 -26.91 -19.91 -1.78
C GLU A 477 -26.65 -19.12 -0.51
N ILE A 478 -26.36 -17.82 -0.65
CA ILE A 478 -26.21 -16.96 0.52
C ILE A 478 -27.53 -16.83 1.26
N GLU A 479 -28.61 -16.55 0.52
CA GLU A 479 -29.92 -16.41 1.14
C GLU A 479 -30.32 -17.68 1.87
N GLN A 480 -30.01 -18.85 1.28
CA GLN A 480 -30.31 -20.11 1.94
C GLN A 480 -29.58 -20.21 3.27
N PHE A 481 -28.28 -19.89 3.27
CA PHE A 481 -27.55 -19.88 4.54
C PHE A 481 -28.18 -18.93 5.54
N ILE A 482 -28.61 -17.74 5.08
CA ILE A 482 -29.22 -16.78 5.98
C ILE A 482 -30.51 -17.34 6.59
N LYS A 483 -31.29 -18.08 5.77
CA LYS A 483 -32.57 -18.60 6.26
C LYS A 483 -32.39 -19.78 7.22
N ASN A 484 -31.20 -20.38 7.28
CA ASN A 484 -30.91 -21.44 8.26
C ASN A 484 -31.95 -22.56 8.21
N GLY A 489 -28.45 -20.10 16.10
CA GLY A 489 -28.47 -19.40 17.38
C GLY A 489 -27.21 -18.59 17.69
N ARG A 490 -26.09 -19.30 17.89
CA ARG A 490 -24.81 -18.61 18.04
C ARG A 490 -24.45 -17.81 16.79
N LEU A 491 -25.06 -18.11 15.64
CA LEU A 491 -24.76 -17.40 14.39
C LEU A 491 -25.90 -16.49 13.94
N LYS A 492 -26.87 -16.22 14.80
CA LYS A 492 -28.01 -15.38 14.41
C LYS A 492 -27.57 -13.97 14.04
N THR A 493 -26.70 -13.38 14.87
CA THR A 493 -26.19 -12.04 14.58
C THR A 493 -25.46 -11.99 13.25
N GLU A 494 -24.57 -12.95 12.99
CA GLU A 494 -23.87 -12.99 11.72
C GLU A 494 -24.84 -13.11 10.54
N ARG A 495 -25.86 -13.95 10.69
CA ARG A 495 -26.83 -14.12 9.60
C ARG A 495 -27.61 -12.83 9.36
N GLU A 496 -27.94 -12.10 10.43
CA GLU A 496 -28.63 -10.82 10.26
C GLU A 496 -27.73 -9.82 9.54
N LEU A 497 -26.45 -9.77 9.89
CA LEU A 497 -25.53 -8.87 9.19
C LEU A 497 -25.32 -9.31 7.75
N LEU A 498 -25.28 -10.63 7.49
CA LEU A 498 -25.16 -11.10 6.12
C LEU A 498 -26.37 -10.70 5.29
N ALA A 499 -27.56 -10.69 5.91
CA ALA A 499 -28.76 -10.32 5.19
C ALA A 499 -28.72 -8.86 4.77
N THR A 500 -28.21 -8.00 5.65
CA THR A 500 -28.03 -6.59 5.29
C THR A 500 -27.03 -6.46 4.15
N ALA A 501 -25.93 -7.20 4.22
CA ALA A 501 -24.90 -7.10 3.19
C ALA A 501 -25.42 -7.60 1.83
N LEU A 502 -26.20 -8.68 1.83
CA LEU A 502 -26.75 -9.20 0.59
C LEU A 502 -27.71 -8.19 -0.03
N ALA A 503 -28.57 -7.59 0.79
CA ALA A 503 -29.47 -6.55 0.30
C ALA A 503 -28.69 -5.34 -0.22
N ASP A 504 -27.60 -4.98 0.45
CA ASP A 504 -26.77 -3.87 -0.04
C ASP A 504 -26.22 -4.18 -1.43
N VAL A 505 -25.64 -5.38 -1.60
CA VAL A 505 -25.09 -5.75 -2.89
C VAL A 505 -26.20 -5.81 -3.94
N GLN A 506 -27.37 -6.33 -3.57
CA GLN A 506 -28.47 -6.36 -4.54
C GLN A 506 -28.87 -4.94 -4.92
N GLY A 507 -28.92 -4.02 -3.94
CA GLY A 507 -29.22 -2.64 -4.27
C GLY A 507 -28.19 -2.01 -5.18
N MET A 508 -26.91 -2.28 -4.94
CA MET A 508 -25.88 -1.77 -5.84
C MET A 508 -26.09 -2.29 -7.26
N ALA A 509 -26.29 -3.61 -7.41
CA ALA A 509 -26.47 -4.19 -8.73
C ALA A 509 -27.63 -3.54 -9.46
N ALA A 510 -28.71 -3.24 -8.73
CA ALA A 510 -29.90 -2.64 -9.33
C ALA A 510 -29.66 -1.20 -9.75
N SER A 511 -28.98 -0.40 -8.91
CA SER A 511 -28.66 0.97 -9.30
C SER A 511 -27.82 1.00 -10.58
N LEU A 512 -26.74 0.23 -10.62
CA LEU A 512 -25.88 0.20 -11.80
C LEU A 512 -26.60 -0.37 -13.02
N THR A 513 -27.50 -1.34 -12.83
CA THR A 513 -28.24 -1.82 -13.99
C THR A 513 -29.15 -0.71 -14.51
N GLY A 514 -29.78 0.04 -13.62
CA GLY A 514 -30.53 1.21 -14.05
C GLY A 514 -29.69 2.22 -14.81
N TYR A 515 -28.50 2.54 -14.28
CA TYR A 515 -27.63 3.47 -14.99
C TYR A 515 -27.31 2.97 -16.39
N LEU A 516 -27.04 1.67 -16.53
CA LEU A 516 -26.72 1.13 -17.85
C LEU A 516 -27.94 1.13 -18.77
N MET A 517 -29.11 0.73 -18.26
CA MET A 517 -30.27 0.66 -19.13
C MET A 517 -30.71 2.05 -19.57
N ALA A 518 -30.61 3.04 -18.67
CA ALA A 518 -30.95 4.41 -19.01
C ALA A 518 -30.02 5.00 -20.06
N ALA A 519 -28.86 4.37 -20.33
CA ALA A 519 -27.94 4.90 -21.32
C ALA A 519 -28.50 4.84 -22.74
N GLN A 520 -29.55 4.06 -23.00
CA GLN A 520 -30.08 4.02 -24.37
C GLN A 520 -30.62 5.38 -24.78
N GLU A 521 -31.25 6.10 -23.85
CA GLU A 521 -31.80 7.42 -24.11
C GLU A 521 -30.93 8.55 -23.56
N ASP A 522 -29.88 8.24 -22.81
CA ASP A 522 -29.01 9.25 -22.20
C ASP A 522 -27.61 8.65 -22.12
N ALA A 523 -26.86 8.78 -23.23
CA ALA A 523 -25.58 8.08 -23.39
C ALA A 523 -24.65 8.26 -22.19
N ALA A 524 -24.57 9.48 -21.64
CA ALA A 524 -23.66 9.71 -20.53
C ALA A 524 -24.06 8.98 -19.26
N SER A 525 -25.25 8.39 -19.21
CA SER A 525 -25.57 7.67 -17.99
C SER A 525 -24.67 6.46 -17.82
N ILE A 526 -24.07 5.94 -18.90
CA ILE A 526 -23.20 4.79 -18.73
C ILE A 526 -21.99 5.12 -17.86
N TYR A 527 -21.62 6.40 -17.76
CA TYR A 527 -20.43 6.73 -16.99
C TYR A 527 -20.61 6.36 -15.53
N LYS A 528 -21.83 6.47 -15.02
CA LYS A 528 -22.06 6.12 -13.61
C LYS A 528 -21.78 4.66 -13.36
N VAL A 529 -21.98 3.80 -14.36
CA VAL A 529 -21.57 2.40 -14.23
C VAL A 529 -20.05 2.34 -14.06
N GLY A 530 -19.31 3.06 -14.90
CA GLY A 530 -17.87 3.12 -14.74
C GLY A 530 -17.46 3.64 -13.37
N LEU A 531 -18.15 4.67 -12.89
CA LEU A 531 -17.78 5.26 -11.61
C LEU A 531 -17.98 4.29 -10.46
N GLY A 532 -19.07 3.50 -10.50
CA GLY A 532 -19.35 2.56 -9.43
C GLY A 532 -18.77 1.16 -9.56
N SER A 533 -18.19 0.79 -10.70
CA SER A 533 -17.95 -0.64 -10.98
C SER A 533 -16.93 -1.26 -10.03
N VAL A 534 -15.84 -0.55 -9.73
CA VAL A 534 -14.81 -1.18 -8.89
C VAL A 534 -15.33 -1.33 -7.46
N ARG A 535 -16.00 -0.31 -6.93
CA ARG A 535 -16.58 -0.44 -5.59
C ARG A 535 -17.59 -1.57 -5.53
N PHE A 536 -18.31 -1.82 -6.62
CA PHE A 536 -19.26 -2.94 -6.65
C PHE A 536 -18.53 -4.28 -6.60
N LEU A 537 -17.51 -4.46 -7.45
CA LEU A 537 -16.69 -5.68 -7.38
C LEU A 537 -16.18 -5.92 -5.97
N MET A 538 -15.67 -4.87 -5.32
CA MET A 538 -15.11 -5.04 -3.98
C MET A 538 -16.20 -5.40 -2.98
N ALA A 539 -17.38 -4.83 -3.13
CA ALA A 539 -18.47 -5.14 -2.19
C ALA A 539 -18.90 -6.60 -2.31
N VAL A 540 -18.95 -7.12 -3.54
CA VAL A 540 -19.28 -8.53 -3.74
C VAL A 540 -18.23 -9.41 -3.08
N GLY A 541 -16.95 -9.06 -3.23
CA GLY A 541 -15.91 -9.83 -2.55
C GLY A 541 -16.06 -9.84 -1.04
N ASP A 542 -16.36 -8.68 -0.45
CA ASP A 542 -16.60 -8.60 0.99
C ASP A 542 -17.81 -9.45 1.41
N LEU A 543 -18.89 -9.41 0.63
CA LEU A 543 -20.04 -10.26 0.91
C LEU A 543 -19.64 -11.73 0.86
N LEU A 544 -18.95 -12.15 -0.20
CA LEU A 544 -18.56 -13.55 -0.33
C LEU A 544 -17.65 -13.98 0.82
N SER A 545 -16.67 -13.15 1.17
CA SER A 545 -15.80 -13.42 2.31
C SER A 545 -16.61 -13.64 3.57
N GLY A 546 -17.53 -12.71 3.85
CA GLY A 546 -18.34 -12.82 5.05
C GLY A 546 -19.19 -14.09 5.07
N TRP A 547 -19.74 -14.44 3.90
CA TRP A 547 -20.58 -15.64 3.81
C TRP A 547 -19.76 -16.91 4.03
N LEU A 548 -18.65 -17.03 3.30
CA LEU A 548 -17.82 -18.23 3.44
C LEU A 548 -17.23 -18.35 4.84
N LEU A 549 -16.82 -17.23 5.45
CA LEU A 549 -16.35 -17.32 6.84
C LEU A 549 -17.47 -17.80 7.76
N ALA A 550 -18.69 -17.27 7.57
CA ALA A 550 -19.82 -17.72 8.39
C ALA A 550 -20.10 -19.20 8.16
N ARG A 551 -19.99 -19.66 6.92
CA ARG A 551 -20.11 -21.10 6.66
C ARG A 551 -19.02 -21.87 7.42
N GLN A 552 -17.79 -21.38 7.39
CA GLN A 552 -16.72 -22.03 8.15
C GLN A 552 -17.06 -22.11 9.64
N ALA A 553 -17.59 -21.01 10.19
CA ALA A 553 -17.96 -20.98 11.60
C ALA A 553 -19.08 -21.96 11.93
N ALA A 554 -20.00 -22.17 11.00
CA ALA A 554 -21.06 -23.17 11.22
C ALA A 554 -20.47 -24.58 11.29
N VAL A 555 -19.50 -24.88 10.43
CA VAL A 555 -18.81 -26.16 10.54
C VAL A 555 -18.00 -26.23 11.83
N ALA A 556 -17.34 -25.12 12.20
CA ALA A 556 -16.55 -25.11 13.43
C ALA A 556 -17.43 -25.35 14.65
N ILE A 557 -18.63 -24.78 14.65
CA ILE A 557 -19.57 -25.00 15.75
C ILE A 557 -19.93 -26.47 15.85
N GLU A 558 -20.23 -27.10 14.70
CA GLU A 558 -20.54 -28.52 14.69
C GLU A 558 -19.39 -29.35 15.25
N LYS A 559 -18.16 -29.03 14.86
CA LYS A 559 -17.01 -29.82 15.29
C LYS A 559 -16.68 -29.58 16.77
N LEU A 560 -16.93 -28.39 17.30
CA LEU A 560 -16.72 -28.16 18.71
C LEU A 560 -17.77 -28.91 19.53
N ASP A 561 -19.05 -28.76 19.15
CA ASP A 561 -20.11 -29.55 19.76
C ASP A 561 -19.78 -31.04 19.77
N ALA A 562 -19.21 -31.55 18.68
CA ALA A 562 -18.84 -32.95 18.61
C ALA A 562 -17.64 -33.30 19.48
N GLY A 563 -17.00 -32.33 20.13
CA GLY A 563 -15.96 -32.59 21.10
C GLY A 563 -14.53 -32.36 20.67
N ALA A 564 -14.27 -31.48 19.70
CA ALA A 564 -12.89 -31.21 19.31
C ALA A 564 -12.08 -30.74 20.50
N THR A 565 -10.79 -31.04 20.48
CA THR A 565 -9.90 -30.70 21.58
C THR A 565 -8.59 -30.16 21.01
N GLY A 566 -7.78 -29.58 21.89
CA GLY A 566 -6.40 -29.28 21.54
C GLY A 566 -6.28 -28.31 20.38
N ALA A 567 -5.34 -28.61 19.47
CA ALA A 567 -5.07 -27.71 18.36
C ALA A 567 -6.26 -27.60 17.42
N ASP A 568 -7.01 -28.70 17.25
CA ASP A 568 -8.26 -28.65 16.51
C ASP A 568 -9.20 -27.60 17.10
N LYS A 569 -9.40 -27.66 18.41
CA LYS A 569 -10.32 -26.76 19.07
C LYS A 569 -9.92 -25.30 18.87
N SER A 570 -8.63 -25.01 19.05
CA SER A 570 -8.10 -23.67 18.81
C SER A 570 -8.47 -23.18 17.42
N PHE A 571 -8.20 -24.02 16.42
CA PHE A 571 -8.51 -23.69 15.05
C PHE A 571 -9.98 -23.34 14.89
N TYR A 572 -10.87 -24.18 15.42
CA TYR A 572 -12.29 -23.97 15.24
C TYR A 572 -12.77 -22.71 15.96
N GLU A 573 -12.22 -22.44 17.15
CA GLU A 573 -12.54 -21.19 17.84
C GLU A 573 -12.11 -19.98 17.02
N GLY A 574 -10.99 -20.09 16.30
CA GLY A 574 -10.56 -19.00 15.45
C GLY A 574 -11.54 -18.71 14.33
N LYS A 575 -12.12 -19.76 13.72
CA LYS A 575 -13.07 -19.55 12.64
C LYS A 575 -14.31 -18.82 13.13
N ILE A 576 -14.82 -19.20 14.31
CA ILE A 576 -15.98 -18.51 14.88
C ILE A 576 -15.64 -17.05 15.15
N ALA A 577 -14.48 -16.81 15.77
CA ALA A 577 -14.07 -15.43 16.05
C ALA A 577 -13.91 -14.61 14.77
N ALA A 578 -13.32 -15.19 13.73
CA ALA A 578 -13.05 -14.40 12.53
C ALA A 578 -14.34 -14.09 11.78
N ALA A 579 -15.25 -15.06 11.69
CA ALA A 579 -16.53 -14.85 11.03
C ALA A 579 -17.32 -13.75 11.71
N SER A 580 -17.33 -13.75 13.04
CA SER A 580 -18.03 -12.74 13.81
C SER A 580 -17.37 -11.37 13.65
N PHE A 581 -16.03 -11.32 13.75
CA PHE A 581 -15.34 -10.05 13.56
C PHE A 581 -15.62 -9.49 12.17
N PHE A 582 -15.52 -10.33 11.14
CA PHE A 582 -15.73 -9.83 9.77
C PHE A 582 -17.15 -9.31 9.59
N ALA A 583 -18.13 -10.04 10.12
CA ALA A 583 -19.52 -9.60 9.99
C ALA A 583 -19.75 -8.26 10.69
N LYS A 584 -19.12 -8.04 11.84
CA LYS A 584 -19.41 -6.83 12.60
C LYS A 584 -18.54 -5.65 12.24
N ASN A 585 -17.38 -5.86 11.59
CA ASN A 585 -16.45 -4.77 11.32
C ASN A 585 -16.25 -4.46 9.85
N MET A 586 -16.47 -5.41 8.94
CA MET A 586 -16.33 -5.21 7.50
C MET A 586 -17.67 -5.08 6.77
N LEU A 587 -18.59 -6.01 6.99
CA LEU A 587 -19.85 -5.99 6.23
C LEU A 587 -20.64 -4.70 6.35
N PRO A 588 -20.73 -4.04 7.50
CA PRO A 588 -21.60 -2.86 7.58
C PRO A 588 -21.22 -1.73 6.64
N LEU A 589 -19.93 -1.62 6.28
CA LEU A 589 -19.52 -0.53 5.40
C LEU A 589 -20.24 -0.59 4.04
N LEU A 590 -20.71 -1.77 3.65
CA LEU A 590 -21.41 -1.92 2.38
C LEU A 590 -22.71 -1.13 2.33
N THR A 591 -23.32 -0.85 3.48
CA THR A 591 -24.54 -0.03 3.47
C THR A 591 -24.24 1.39 3.01
N SER A 592 -23.18 2.02 3.54
CA SER A 592 -22.85 3.34 3.05
C SER A 592 -22.40 3.30 1.59
N THR A 593 -21.69 2.25 1.19
CA THR A 593 -21.28 2.13 -0.20
C THR A 593 -22.48 2.00 -1.12
N ARG A 594 -23.51 1.27 -0.71
CA ARG A 594 -24.72 1.20 -1.55
C ARG A 594 -25.30 2.60 -1.72
N GLN A 595 -25.42 3.36 -0.63
CA GLN A 595 -26.03 4.67 -0.72
C GLN A 595 -25.17 5.61 -1.55
N ILE A 596 -23.85 5.49 -1.44
CA ILE A 596 -22.98 6.27 -2.32
C ILE A 596 -23.25 5.93 -3.78
N ILE A 597 -23.32 4.63 -4.10
CA ILE A 597 -23.55 4.22 -5.48
C ILE A 597 -24.93 4.68 -5.96
N GLU A 598 -25.92 4.71 -5.07
CA GLU A 598 -27.24 5.15 -5.46
C GLU A 598 -27.31 6.65 -5.74
N ASN A 599 -26.27 7.42 -5.39
CA ASN A 599 -26.27 8.87 -5.59
C ASN A 599 -25.17 9.34 -6.53
N LEU A 600 -24.50 8.43 -7.23
CA LEU A 600 -23.49 8.81 -8.22
C LEU A 600 -24.05 9.79 -9.23
N ASP A 601 -23.22 10.74 -9.66
CA ASP A 601 -23.63 11.69 -10.69
C ASP A 601 -22.45 11.91 -11.63
N ASN A 602 -22.69 12.66 -12.71
CA ASN A 602 -21.67 12.87 -13.73
C ASN A 602 -20.89 14.18 -13.55
N ASP A 603 -21.00 14.84 -12.39
CA ASP A 603 -20.23 16.06 -12.17
C ASP A 603 -18.74 15.86 -12.50
N VAL A 604 -18.15 14.77 -12.00
CA VAL A 604 -16.73 14.54 -12.22
C VAL A 604 -16.41 14.23 -13.67
N MET A 605 -17.38 13.74 -14.45
CA MET A 605 -17.18 13.52 -15.87
C MET A 605 -17.25 14.82 -16.68
N GLU A 606 -18.04 15.80 -16.21
CA GLU A 606 -18.22 17.06 -16.93
C GLU A 606 -17.12 18.08 -16.65
N LEU A 607 -16.39 17.91 -15.54
CA LEU A 607 -15.33 18.83 -15.17
C LEU A 607 -14.28 18.93 -16.25
N ASP A 608 -13.84 20.15 -16.55
CA ASP A 608 -12.73 20.35 -17.48
C ASP A 608 -11.50 19.59 -16.99
N GLU A 609 -10.86 18.86 -17.89
CA GLU A 609 -9.60 18.20 -17.54
C GLU A 609 -8.60 19.17 -16.91
N ALA A 610 -8.64 20.45 -17.31
CA ALA A 610 -7.67 21.41 -16.79
C ALA A 610 -7.94 21.77 -15.33
N ALA A 611 -9.11 21.44 -14.81
CA ALA A 611 -9.44 21.70 -13.41
C ALA A 611 -8.82 20.66 -12.46
N PHE A 612 -8.38 19.51 -12.97
CA PHE A 612 -7.70 18.54 -12.10
C PHE A 612 -6.33 19.08 -11.65
N SER B 1 12.12 8.66 -12.59
CA SER B 1 12.31 9.92 -13.29
C SER B 1 13.20 10.85 -12.46
N MET B 2 14.00 11.70 -13.14
CA MET B 2 14.88 12.61 -12.41
C MET B 2 14.11 13.82 -11.89
N SER B 3 13.61 14.67 -12.81
CA SER B 3 12.69 15.74 -12.44
C SER B 3 11.35 15.15 -12.06
N HIS B 4 11.38 14.20 -11.13
CA HIS B 4 10.17 13.55 -10.62
C HIS B 4 9.27 14.53 -9.90
N TYR B 5 9.84 15.54 -9.24
CA TYR B 5 9.07 16.33 -8.28
C TYR B 5 8.19 17.34 -9.02
N LYS B 6 6.88 17.25 -8.80
CA LYS B 6 5.93 18.23 -9.30
C LYS B 6 5.31 18.96 -8.11
N SER B 7 5.55 20.27 -8.05
CA SER B 7 5.18 21.14 -6.94
C SER B 7 3.82 21.79 -7.19
N ASN B 8 3.24 22.34 -6.13
CA ASN B 8 1.96 23.02 -6.23
C ASN B 8 1.99 24.30 -5.40
N VAL B 9 2.82 25.26 -5.81
CA VAL B 9 2.87 26.54 -5.12
C VAL B 9 1.51 27.22 -5.17
N ARG B 10 0.81 27.11 -6.30
CA ARG B 10 -0.46 27.81 -6.43
C ARG B 10 -1.43 27.37 -5.35
N ASP B 11 -1.53 26.06 -5.11
CA ASP B 11 -2.42 25.59 -4.04
C ASP B 11 -1.96 26.07 -2.67
N GLN B 12 -0.63 26.12 -2.43
CA GLN B 12 -0.15 26.64 -1.15
C GLN B 12 -0.58 28.08 -0.95
N VAL B 13 -0.37 28.94 -1.96
CA VAL B 13 -0.71 30.36 -1.83
C VAL B 13 -2.21 30.53 -1.65
N PHE B 14 -2.99 29.79 -2.44
CA PHE B 14 -4.44 29.78 -2.24
C PHE B 14 -4.80 29.54 -0.78
N ASN B 15 -4.26 28.48 -0.17
CA ASN B 15 -4.52 28.20 1.25
C ASN B 15 -4.03 29.35 2.13
N LEU B 16 -2.76 29.73 1.98
CA LEU B 16 -2.15 30.69 2.90
C LEU B 16 -2.86 32.04 2.87
N PHE B 17 -3.22 32.51 1.68
CA PHE B 17 -3.74 33.87 1.50
C PHE B 17 -5.25 33.91 1.30
N GLU B 18 -5.79 33.15 0.37
CA GLU B 18 -7.21 33.27 0.07
C GLU B 18 -8.09 32.55 1.08
N VAL B 19 -7.60 31.48 1.71
CA VAL B 19 -8.43 30.71 2.62
C VAL B 19 -8.19 31.14 4.07
N PHE B 20 -6.94 31.07 4.52
CA PHE B 20 -6.62 31.26 5.93
C PHE B 20 -6.21 32.69 6.26
N GLY B 21 -5.88 33.51 5.26
CA GLY B 21 -5.54 34.89 5.52
C GLY B 21 -4.25 35.07 6.28
N VAL B 22 -3.29 34.18 6.09
CA VAL B 22 -2.02 34.29 6.80
C VAL B 22 -1.32 35.59 6.43
N ASP B 23 -1.63 36.15 5.26
CA ASP B 23 -1.00 37.41 4.89
C ASP B 23 -1.40 38.56 5.80
N LYS B 24 -2.43 38.41 6.63
CA LYS B 24 -2.83 39.50 7.52
C LYS B 24 -1.76 39.82 8.56
N VAL B 25 -0.90 38.87 8.92
CA VAL B 25 0.19 39.16 9.86
C VAL B 25 1.48 39.52 9.16
N LEU B 26 1.61 39.27 7.86
CA LEU B 26 2.85 39.59 7.16
C LEU B 26 3.02 41.10 7.11
N GLY B 27 4.14 41.58 7.66
CA GLY B 27 4.36 43.00 7.81
C GLY B 27 3.82 43.62 9.09
N ALA B 28 3.65 42.82 10.15
CA ALA B 28 3.15 43.35 11.41
C ALA B 28 3.73 42.55 12.56
N ASP B 29 4.27 43.27 13.55
CA ASP B 29 4.74 42.66 14.79
C ASP B 29 5.90 41.73 14.45
N LYS B 30 5.90 40.48 14.93
CA LYS B 30 7.05 39.59 14.75
C LYS B 30 7.45 39.46 13.27
N PHE B 31 6.50 39.65 12.35
CA PHE B 31 6.77 39.52 10.92
C PHE B 31 6.76 40.87 10.22
N SER B 32 7.18 41.91 10.93
CA SER B 32 7.11 43.27 10.41
C SER B 32 7.94 43.44 9.14
N ASP B 33 9.00 42.65 8.98
CA ASP B 33 9.93 42.86 7.86
C ASP B 33 9.81 41.78 6.80
N LEU B 34 8.68 41.10 6.69
CA LEU B 34 8.44 40.16 5.61
C LEU B 34 7.03 40.37 5.09
N ASP B 35 6.92 40.77 3.82
CA ASP B 35 5.63 41.09 3.22
C ASP B 35 5.12 39.95 2.35
N ALA B 36 3.85 40.05 1.96
CA ALA B 36 3.20 38.98 1.22
C ALA B 36 3.91 38.68 -0.08
N ASP B 37 4.44 39.70 -0.74
CA ASP B 37 5.13 39.47 -2.01
C ASP B 37 6.42 38.68 -1.80
N THR B 38 7.19 39.01 -0.76
CA THR B 38 8.40 38.25 -0.48
C THR B 38 8.06 36.80 -0.14
N ALA B 39 6.98 36.58 0.61
CA ALA B 39 6.58 35.22 0.95
C ALA B 39 6.32 34.41 -0.31
N ARG B 40 5.60 34.99 -1.27
CA ARG B 40 5.32 34.29 -2.52
C ARG B 40 6.61 33.97 -3.28
N GLU B 41 7.56 34.90 -3.27
CA GLU B 41 8.81 34.68 -4.01
C GLU B 41 9.65 33.58 -3.36
N MET B 42 9.67 33.53 -2.02
CA MET B 42 10.31 32.43 -1.33
C MET B 42 9.71 31.08 -1.74
N LEU B 43 8.38 30.99 -1.80
CA LEU B 43 7.75 29.72 -2.18
C LEU B 43 8.15 29.33 -3.60
N THR B 44 8.08 30.28 -4.54
CA THR B 44 8.49 30.00 -5.92
C THR B 44 9.96 29.58 -5.98
N GLU B 45 10.82 30.23 -5.20
CA GLU B 45 12.26 29.96 -5.25
C GLU B 45 12.59 28.57 -4.72
N ILE B 46 12.09 28.22 -3.53
CA ILE B 46 12.39 26.88 -3.04
C ILE B 46 11.72 25.83 -3.89
N ALA B 47 10.55 26.14 -4.47
CA ALA B 47 9.89 25.16 -5.33
C ALA B 47 10.75 24.88 -6.56
N ARG B 48 11.33 25.92 -7.15
CA ARG B 48 12.22 25.70 -8.29
C ARG B 48 13.48 24.95 -7.87
N LEU B 49 14.08 25.34 -6.74
CA LEU B 49 15.26 24.63 -6.27
C LEU B 49 14.94 23.17 -6.03
N ALA B 50 13.79 22.90 -5.42
CA ALA B 50 13.36 21.53 -5.17
C ALA B 50 13.17 20.75 -6.46
N GLU B 51 12.58 21.37 -7.49
CA GLU B 51 12.34 20.65 -8.73
C GLU B 51 13.63 20.40 -9.48
N GLY B 52 14.67 21.20 -9.25
CA GLY B 52 15.93 21.02 -9.93
C GLY B 52 16.95 20.32 -9.07
N PRO B 53 17.86 21.07 -8.47
CA PRO B 53 19.00 20.46 -7.76
C PRO B 53 18.62 19.50 -6.65
N ILE B 54 17.49 19.68 -5.95
CA ILE B 54 17.17 18.78 -4.85
C ILE B 54 16.61 17.46 -5.36
N ALA B 55 15.61 17.53 -6.24
CA ALA B 55 15.06 16.32 -6.85
C ALA B 55 16.07 15.58 -7.72
N GLU B 56 17.15 16.24 -8.14
CA GLU B 56 18.01 15.59 -9.11
C GLU B 56 18.65 14.31 -8.56
N SER B 57 18.85 14.21 -7.25
CA SER B 57 19.47 13.02 -6.66
C SER B 57 18.46 12.09 -6.01
N PHE B 58 17.16 12.31 -6.25
CA PHE B 58 16.12 11.50 -5.60
C PHE B 58 16.29 10.02 -5.94
N VAL B 59 16.43 9.72 -7.22
CA VAL B 59 16.66 8.35 -7.67
C VAL B 59 18.02 7.85 -7.24
N GLU B 60 19.07 8.68 -7.40
CA GLU B 60 20.42 8.25 -7.04
C GLU B 60 20.48 7.76 -5.60
N GLY B 61 19.85 8.50 -4.68
CA GLY B 61 19.95 8.15 -3.27
C GLY B 61 19.38 6.77 -3.00
N ASP B 62 18.35 6.39 -3.75
CA ASP B 62 17.74 5.07 -3.58
C ASP B 62 18.53 3.98 -4.28
N ARG B 63 19.06 4.26 -5.47
CA ARG B 63 19.71 3.22 -6.27
C ARG B 63 21.17 3.03 -5.88
N ASN B 64 21.80 4.05 -5.31
CA ASN B 64 23.22 4.02 -4.91
C ASN B 64 23.27 4.42 -3.43
N PRO B 65 22.79 3.55 -2.55
CA PRO B 65 22.53 3.96 -1.16
C PRO B 65 23.80 4.05 -0.34
N PRO B 66 23.74 4.73 0.80
CA PRO B 66 24.94 4.91 1.64
C PRO B 66 25.58 3.58 2.01
N VAL B 67 26.90 3.62 2.18
CA VAL B 67 27.69 2.43 2.51
C VAL B 67 28.40 2.67 3.83
N PHE B 68 28.34 1.68 4.71
CA PHE B 68 28.88 1.78 6.07
C PHE B 68 30.27 1.14 6.12
N ASP B 69 31.24 1.89 6.67
CA ASP B 69 32.51 1.29 7.03
C ASP B 69 32.50 0.99 8.51
N PRO B 70 32.45 -0.29 8.93
CA PRO B 70 32.34 -0.58 10.37
C PRO B 70 33.62 -0.29 11.16
N GLU B 71 34.78 -0.23 10.50
CA GLU B 71 36.01 0.10 11.23
C GLU B 71 36.11 1.58 11.55
N THR B 72 35.67 2.45 10.63
CA THR B 72 35.68 3.88 10.90
C THR B 72 34.38 4.37 11.52
N HIS B 73 33.31 3.56 11.51
CA HIS B 73 32.04 3.94 12.10
C HIS B 73 31.43 5.15 11.38
N THR B 74 31.60 5.20 10.06
CA THR B 74 31.09 6.31 9.27
C THR B 74 30.38 5.76 8.03
N VAL B 75 29.49 6.57 7.46
CA VAL B 75 28.84 6.19 6.21
C VAL B 75 29.29 7.14 5.11
N THR B 76 29.32 6.61 3.89
CA THR B 76 29.58 7.39 2.70
C THR B 76 28.27 7.61 1.95
N LEU B 77 27.96 8.86 1.65
CA LEU B 77 26.75 9.14 0.92
C LEU B 77 27.07 9.34 -0.57
N PRO B 78 26.13 9.01 -1.47
CA PRO B 78 26.37 9.25 -2.91
C PRO B 78 26.63 10.71 -3.22
N GLU B 79 27.56 10.94 -4.15
CA GLU B 79 28.01 12.31 -4.44
C GLU B 79 26.85 13.21 -4.88
N GLY B 80 25.98 12.71 -5.76
CA GLY B 80 24.88 13.55 -6.22
C GLY B 80 23.96 14.01 -5.10
N PHE B 81 23.76 13.18 -4.08
CA PHE B 81 22.92 13.58 -2.96
C PHE B 81 23.62 14.63 -2.10
N LYS B 82 24.93 14.50 -1.87
CA LYS B 82 25.66 15.52 -1.14
C LYS B 82 25.65 16.85 -1.89
N LYS B 83 25.68 16.80 -3.22
CA LYS B 83 25.55 18.03 -3.99
C LYS B 83 24.18 18.68 -3.80
N SER B 84 23.12 17.86 -3.74
CA SER B 84 21.78 18.33 -3.38
C SER B 84 21.77 19.01 -2.01
N MET B 85 22.44 18.40 -1.03
CA MET B 85 22.50 18.98 0.31
C MET B 85 23.17 20.36 0.28
N ARG B 86 24.24 20.51 -0.51
CA ARG B 86 24.94 21.79 -0.55
C ARG B 86 24.11 22.89 -1.20
N ALA B 87 23.31 22.56 -2.21
CA ALA B 87 22.38 23.54 -2.76
C ALA B 87 21.38 23.99 -1.71
N LEU B 88 20.91 23.05 -0.90
CA LEU B 88 20.04 23.39 0.22
C LEU B 88 20.75 24.33 1.19
N PHE B 89 21.99 24.00 1.58
CA PHE B 89 22.74 24.87 2.49
C PHE B 89 23.02 26.24 1.87
N ASP B 90 23.43 26.25 0.59
CA ASP B 90 23.82 27.52 -0.03
C ASP B 90 22.64 28.49 -0.11
N GLY B 91 21.41 27.98 -0.17
CA GLY B 91 20.26 28.84 -0.16
C GLY B 91 19.74 29.21 1.21
N GLY B 92 20.42 28.81 2.28
CA GLY B 92 19.92 29.03 3.63
C GLY B 92 18.65 28.30 3.99
N TRP B 93 18.31 27.23 3.26
CA TRP B 93 17.04 26.57 3.49
C TRP B 93 17.03 25.68 4.73
N ASP B 94 18.18 25.33 5.28
CA ASP B 94 18.20 24.67 6.58
C ASP B 94 17.91 25.62 7.72
N LYS B 95 17.63 26.89 7.44
CA LYS B 95 17.37 27.86 8.49
C LYS B 95 15.99 28.50 8.34
N VAL B 96 15.10 27.85 7.58
CA VAL B 96 13.73 28.32 7.48
C VAL B 96 13.08 28.30 8.84
N GLY B 97 12.45 29.40 9.22
CA GLY B 97 11.80 29.48 10.50
C GLY B 97 12.73 29.53 11.70
N LEU B 98 14.03 29.50 11.49
CA LEU B 98 14.96 29.69 12.59
C LEU B 98 14.76 31.07 13.20
N ALA B 99 14.90 31.14 14.53
CA ALA B 99 14.82 32.42 15.22
C ALA B 99 15.86 33.39 14.68
N GLU B 100 15.47 34.67 14.61
CA GLU B 100 16.34 35.70 14.08
C GLU B 100 17.72 35.67 14.74
N HIS B 101 17.76 35.56 16.07
CA HIS B 101 19.04 35.59 16.76
C HIS B 101 19.91 34.37 16.46
N LEU B 102 19.37 33.34 15.79
CA LEU B 102 20.18 32.21 15.36
C LEU B 102 20.51 32.27 13.87
N GLY B 103 20.11 33.33 13.18
CA GLY B 103 20.35 33.50 11.75
C GLY B 103 19.14 33.27 10.87
N GLY B 104 17.96 33.09 11.44
CA GLY B 104 16.78 32.81 10.65
C GLY B 104 16.06 34.06 10.18
N ILE B 105 15.12 33.85 9.27
CA ILE B 105 14.20 34.91 8.81
C ILE B 105 12.86 34.66 9.52
N PRO B 106 12.44 35.53 10.43
CA PRO B 106 11.17 35.30 11.13
C PRO B 106 10.01 35.18 10.15
N MET B 107 9.17 34.18 10.36
CA MET B 107 8.04 33.96 9.47
C MET B 107 7.03 33.08 10.20
N PRO B 108 5.75 33.16 9.85
CA PRO B 108 4.78 32.26 10.48
C PRO B 108 5.08 30.81 10.14
N ARG B 109 4.66 29.93 11.04
CA ARG B 109 4.88 28.50 10.90
C ARG B 109 4.21 27.95 9.65
N ALA B 110 3.05 28.51 9.29
CA ALA B 110 2.34 28.04 8.10
C ALA B 110 3.17 28.26 6.84
N LEU B 111 3.81 29.42 6.73
CA LEU B 111 4.71 29.66 5.60
C LEU B 111 5.94 28.74 5.66
N GLN B 112 6.50 28.56 6.84
CA GLN B 112 7.67 27.73 7.01
C GLN B 112 7.42 26.30 6.54
N TRP B 113 6.30 25.71 6.98
CA TRP B 113 6.00 24.35 6.56
C TRP B 113 5.61 24.28 5.09
N ALA B 114 5.03 25.36 4.54
CA ALA B 114 4.79 25.39 3.10
C ALA B 114 6.10 25.37 2.32
N LEU B 115 7.13 26.06 2.84
CA LEU B 115 8.43 26.04 2.16
C LEU B 115 9.06 24.66 2.24
N ILE B 116 9.03 24.05 3.42
CA ILE B 116 9.63 22.75 3.63
C ILE B 116 8.92 21.67 2.81
N GLU B 117 7.60 21.82 2.59
CA GLU B 117 6.88 20.83 1.78
C GLU B 117 7.62 20.51 0.48
N HIS B 118 8.26 21.50 -0.12
CA HIS B 118 8.90 21.26 -1.40
C HIS B 118 10.13 20.39 -1.25
N ILE B 119 10.90 20.58 -0.17
CA ILE B 119 12.05 19.71 0.02
C ILE B 119 11.59 18.29 0.31
N LEU B 120 10.54 18.15 1.11
CA LEU B 120 10.03 16.82 1.47
C LEU B 120 9.40 16.11 0.26
N GLY B 121 8.81 16.87 -0.67
CA GLY B 121 8.33 16.25 -1.89
C GLY B 121 9.46 15.84 -2.83
N ALA B 122 10.52 16.64 -2.88
CA ALA B 122 11.59 16.43 -3.85
C ALA B 122 12.62 15.39 -3.41
N ASN B 123 12.88 15.28 -2.09
CA ASN B 123 13.94 14.42 -1.60
C ASN B 123 13.88 14.51 -0.08
N PRO B 124 12.94 13.82 0.56
CA PRO B 124 12.65 14.11 1.97
C PRO B 124 13.81 13.86 2.91
N ALA B 125 14.69 12.90 2.61
CA ALA B 125 15.86 12.69 3.47
C ALA B 125 16.78 13.91 3.52
N ALA B 126 16.79 14.73 2.46
CA ALA B 126 17.60 15.95 2.50
C ALA B 126 17.13 16.90 3.59
N TYR B 127 15.82 17.06 3.73
CA TYR B 127 15.34 17.89 4.83
C TYR B 127 15.70 17.27 6.18
N MET B 128 15.55 15.94 6.31
CA MET B 128 15.89 15.31 7.59
C MET B 128 17.34 15.58 7.97
N TYR B 129 18.27 15.43 7.01
CA TYR B 129 19.67 15.74 7.32
C TYR B 129 19.85 17.20 7.69
N ALA B 130 19.00 18.09 7.17
CA ALA B 130 19.16 19.52 7.36
C ALA B 130 18.42 20.05 8.58
N MET B 131 17.94 19.18 9.47
CA MET B 131 17.18 19.63 10.63
C MET B 131 18.04 20.06 11.80
N GLY B 132 19.37 20.06 11.65
CA GLY B 132 20.28 20.40 12.73
C GLY B 132 20.02 21.76 13.37
N PRO B 133 19.97 22.81 12.56
CA PRO B 133 19.70 24.13 13.13
C PRO B 133 18.36 24.22 13.84
N GLY B 134 17.32 23.55 13.32
CA GLY B 134 16.06 23.47 14.06
C GLY B 134 16.24 22.83 15.43
N MET B 135 17.03 21.77 15.50
CA MET B 135 17.32 21.17 16.80
C MET B 135 18.16 22.11 17.69
N SER B 136 19.13 22.82 17.10
CA SER B 136 19.88 23.85 17.82
C SER B 136 18.95 24.81 18.53
N GLU B 137 17.90 25.25 17.83
CA GLU B 137 16.97 26.19 18.44
C GLU B 137 16.26 25.55 19.63
N ILE B 138 15.81 24.30 19.47
CA ILE B 138 15.17 23.62 20.59
C ILE B 138 16.14 23.47 21.76
N PHE B 139 17.40 23.13 21.46
CA PHE B 139 18.42 23.08 22.50
C PHE B 139 18.60 24.44 23.15
N TYR B 140 18.68 25.50 22.33
CA TYR B 140 18.77 26.86 22.87
C TYR B 140 17.62 27.14 23.83
N ASN B 141 16.39 26.87 23.42
CA ASN B 141 15.22 27.19 24.24
C ASN B 141 15.26 26.46 25.58
N ASN B 142 15.74 25.22 25.60
CA ASN B 142 15.74 24.43 26.82
C ASN B 142 17.04 24.52 27.61
N GLY B 143 18.05 25.23 27.11
CA GLY B 143 19.37 25.13 27.69
C GLY B 143 19.67 26.19 28.74
N THR B 144 20.79 26.01 29.42
CA THR B 144 21.35 27.05 30.27
C THR B 144 21.91 28.19 29.42
N ASP B 145 22.25 29.29 30.10
CA ASP B 145 22.89 30.41 29.43
C ASP B 145 24.14 29.96 28.70
N GLU B 146 24.98 29.15 29.36
CA GLU B 146 26.16 28.62 28.69
C GLU B 146 25.78 27.75 27.50
N GLN B 147 24.79 26.87 27.68
CA GLN B 147 24.37 26.00 26.59
C GLN B 147 23.80 26.83 25.43
N LYS B 148 23.07 27.89 25.74
CA LYS B 148 22.59 28.80 24.68
C LYS B 148 23.75 29.28 23.80
N LYS B 149 24.93 29.46 24.41
CA LYS B 149 26.12 29.83 23.65
C LYS B 149 26.52 28.74 22.66
N TRP B 150 26.52 27.49 23.12
CA TRP B 150 26.86 26.40 22.24
C TRP B 150 25.82 26.27 21.12
N ALA B 151 24.53 26.34 21.47
CA ALA B 151 23.48 26.24 20.46
C ALA B 151 23.63 27.31 19.39
N THR B 152 24.06 28.50 19.78
CA THR B 152 24.27 29.57 18.82
C THR B 152 25.39 29.23 17.85
N ILE B 153 26.49 28.68 18.37
CA ILE B 153 27.57 28.19 17.53
C ILE B 153 27.07 27.11 16.58
N ALA B 154 26.38 26.09 17.13
CA ALA B 154 25.93 24.97 16.32
C ALA B 154 25.04 25.46 15.18
N ALA B 155 24.16 26.42 15.45
CA ALA B 155 23.29 26.93 14.41
C ALA B 155 24.07 27.70 13.36
N GLU B 156 25.04 28.52 13.78
CA GLU B 156 25.80 29.30 12.82
C GLU B 156 26.69 28.41 11.96
N ARG B 157 27.27 27.37 12.54
CA ARG B 157 28.09 26.43 11.78
C ARG B 157 27.28 25.37 11.06
N GLY B 158 25.96 25.32 11.26
CA GLY B 158 25.12 24.37 10.54
C GLY B 158 25.34 22.91 10.92
N TRP B 159 25.70 22.64 12.17
CA TRP B 159 25.89 21.27 12.64
C TRP B 159 24.63 20.43 12.40
N GLY B 160 24.83 19.15 12.10
CA GLY B 160 23.71 18.22 12.06
C GLY B 160 23.26 17.82 13.46
N ALA B 161 22.17 17.04 13.51
CA ALA B 161 21.63 16.65 14.81
C ALA B 161 20.81 15.38 14.67
N THR B 162 20.68 14.66 15.79
CA THR B 162 19.84 13.47 15.87
C THR B 162 19.00 13.56 17.14
N MET B 163 17.89 12.82 17.15
CA MET B 163 17.12 12.55 18.36
C MET B 163 17.29 11.06 18.69
N VAL B 164 17.76 10.76 19.90
CA VAL B 164 18.25 9.42 20.24
C VAL B 164 17.38 8.92 21.40
N LEU B 165 16.32 8.19 21.06
CA LEU B 165 15.43 7.60 22.05
C LEU B 165 15.45 6.08 22.01
N THR B 166 15.29 5.51 20.82
CA THR B 166 14.87 4.13 20.67
C THR B 166 16.00 3.14 20.99
N GLU B 167 15.61 2.03 21.61
CA GLU B 167 16.47 0.89 21.88
C GLU B 167 15.77 -0.34 21.38
N PRO B 168 16.47 -1.47 21.26
CA PRO B 168 15.81 -2.69 20.76
C PRO B 168 14.55 -3.05 21.56
N ASP B 169 14.55 -2.83 22.87
CA ASP B 169 13.39 -3.14 23.71
C ASP B 169 12.55 -1.93 24.07
N ALA B 170 12.87 -0.76 23.53
CA ALA B 170 12.15 0.48 23.89
C ALA B 170 11.91 1.26 22.62
N GLY B 171 10.77 1.02 21.99
CA GLY B 171 10.36 1.75 20.81
C GLY B 171 9.14 2.59 21.10
N SER B 172 7.95 1.99 20.99
CA SER B 172 6.76 2.68 21.46
C SER B 172 6.86 2.99 22.95
N ASP B 173 7.37 2.04 23.74
CA ASP B 173 7.48 2.19 25.19
C ASP B 173 8.84 2.81 25.50
N VAL B 174 8.91 4.14 25.32
CA VAL B 174 10.18 4.86 25.48
C VAL B 174 10.73 4.66 26.89
N GLY B 175 9.84 4.65 27.90
CA GLY B 175 10.22 4.52 29.30
C GLY B 175 10.90 3.21 29.68
N ALA B 176 10.93 2.24 28.77
CA ALA B 176 11.65 1.01 29.05
C ALA B 176 13.14 1.10 28.73
N GLY B 177 13.63 2.26 28.28
CA GLY B 177 15.02 2.36 27.88
C GLY B 177 15.96 2.12 29.05
N ARG B 178 17.10 1.48 28.75
CA ARG B 178 18.10 1.14 29.75
C ARG B 178 19.41 1.90 29.59
N THR B 179 19.59 2.67 28.52
CA THR B 179 20.78 3.50 28.42
C THR B 179 20.93 4.32 29.69
N LYS B 180 22.14 4.34 30.24
CA LYS B 180 22.37 4.95 31.55
C LYS B 180 23.27 6.19 31.45
N ALA B 181 23.12 7.05 32.44
CA ALA B 181 23.95 8.25 32.58
C ALA B 181 24.67 8.22 33.93
N VAL B 182 25.99 8.37 33.91
CA VAL B 182 26.84 8.22 35.09
C VAL B 182 27.45 9.58 35.40
N GLN B 183 27.06 10.17 36.52
CA GLN B 183 27.49 11.53 36.80
C GLN B 183 28.99 11.58 37.14
N GLN B 184 29.65 12.61 36.66
CA GLN B 184 31.06 12.84 36.90
C GLN B 184 31.23 13.96 37.92
N PRO B 185 32.35 13.99 38.63
CA PRO B 185 32.53 15.06 39.64
C PRO B 185 32.41 16.46 39.04
N ASP B 186 32.95 16.70 37.84
CA ASP B 186 32.86 18.03 37.26
C ASP B 186 31.47 18.38 36.71
N GLY B 187 30.47 17.52 36.89
CA GLY B 187 29.11 17.84 36.49
C GLY B 187 28.71 17.36 35.10
N THR B 188 29.66 16.90 34.28
CA THR B 188 29.27 16.24 33.05
C THR B 188 28.77 14.82 33.37
N TRP B 189 28.34 14.11 32.34
CA TRP B 189 27.87 12.74 32.49
C TRP B 189 28.53 11.85 31.44
N HIS B 190 28.65 10.57 31.76
CA HIS B 190 29.09 9.57 30.80
C HIS B 190 27.89 8.67 30.45
N ILE B 191 27.53 8.66 29.17
CA ILE B 191 26.37 7.93 28.67
C ILE B 191 26.82 6.56 28.20
N GLU B 192 26.07 5.51 28.58
CA GLU B 192 26.46 4.12 28.31
C GLU B 192 25.25 3.31 27.87
N GLY B 193 25.28 2.84 26.63
CA GLY B 193 24.22 1.99 26.11
C GLY B 193 24.27 1.93 24.61
N VAL B 194 23.32 1.17 24.06
CA VAL B 194 23.20 1.02 22.61
C VAL B 194 21.78 1.42 22.22
N LYS B 195 21.69 2.39 21.31
CA LYS B 195 20.46 2.90 20.74
C LYS B 195 20.30 2.36 19.32
N ARG B 196 19.07 2.35 18.83
CA ARG B 196 18.78 1.72 17.53
C ARG B 196 17.86 2.60 16.69
N PHE B 197 17.99 2.47 15.35
CA PHE B 197 17.15 3.14 14.36
C PHE B 197 17.35 4.66 14.39
N ILE B 198 18.57 5.11 14.65
CA ILE B 198 18.81 6.55 14.80
C ILE B 198 19.07 7.18 13.43
N THR B 199 18.16 8.06 13.02
CA THR B 199 18.25 8.75 11.75
C THR B 199 19.39 9.76 11.76
N SER B 200 20.27 9.68 10.76
CA SER B 200 21.36 10.63 10.51
C SER B 200 22.45 10.55 11.56
N ALA B 201 22.60 9.40 12.23
CA ALA B 201 23.58 9.28 13.32
C ALA B 201 24.99 9.42 12.81
N ASP B 202 25.23 9.08 11.54
CA ASP B 202 26.37 9.61 10.81
C ASP B 202 25.88 10.11 9.46
N SER B 203 26.65 11.05 8.89
CA SER B 203 26.21 11.68 7.65
C SER B 203 27.42 12.06 6.80
N ASP B 204 28.39 11.18 6.71
CA ASP B 204 29.54 11.40 5.83
C ASP B 204 30.15 12.74 6.23
N ASP B 205 30.53 13.57 5.24
CA ASP B 205 31.20 14.83 5.53
C ASP B 205 30.29 16.03 5.33
N LEU B 206 28.98 15.82 5.41
CA LEU B 206 28.05 16.93 5.26
C LEU B 206 28.31 18.02 6.28
N PHE B 207 28.63 17.64 7.52
CA PHE B 207 28.74 18.58 8.63
C PHE B 207 30.08 18.41 9.35
N GLU B 208 30.44 19.47 10.07
CA GLU B 208 31.64 19.48 10.90
C GLU B 208 31.39 18.89 12.28
N ASN B 209 30.14 18.77 12.70
CA ASN B 209 29.79 18.14 13.96
C ASN B 209 28.34 17.69 13.87
N ILE B 210 27.95 16.82 14.80
CA ILE B 210 26.57 16.36 14.94
C ILE B 210 26.20 16.43 16.42
N MET B 211 25.10 17.09 16.74
CA MET B 211 24.58 17.14 18.11
C MET B 211 23.60 15.99 18.32
N HIS B 212 23.98 14.99 19.11
CA HIS B 212 23.07 13.91 19.47
C HIS B 212 22.35 14.32 20.74
N LEU B 213 21.01 14.40 20.68
CA LEU B 213 20.19 14.69 21.85
C LEU B 213 19.67 13.34 22.36
N VAL B 214 20.23 12.88 23.49
CA VAL B 214 20.13 11.49 23.91
C VAL B 214 19.32 11.38 25.20
N LEU B 215 18.26 10.56 25.17
CA LEU B 215 17.56 10.18 26.39
C LEU B 215 18.33 9.06 27.10
N ALA B 216 18.56 9.23 28.39
CA ALA B 216 19.22 8.21 29.19
C ALA B 216 18.72 8.33 30.63
N ARG B 217 18.92 7.27 31.41
CA ARG B 217 18.42 7.21 32.78
C ARG B 217 19.58 7.44 33.75
N PRO B 218 19.62 8.57 34.47
CA PRO B 218 20.65 8.73 35.50
C PRO B 218 20.66 7.54 36.43
N GLU B 219 21.87 7.11 36.80
CA GLU B 219 21.99 6.03 37.78
C GLU B 219 21.10 6.32 38.97
N GLY B 220 20.31 5.31 39.36
CA GLY B 220 19.48 5.42 40.54
C GLY B 220 18.19 6.19 40.38
N ALA B 221 17.88 6.67 39.17
CA ALA B 221 16.64 7.38 38.93
C ALA B 221 15.47 6.39 38.79
N GLY B 222 14.25 6.90 38.91
CA GLY B 222 13.08 6.06 38.86
C GLY B 222 12.85 5.46 37.47
N PRO B 223 11.83 4.59 37.37
CA PRO B 223 11.54 3.94 36.09
C PRO B 223 10.59 4.74 35.21
N GLY B 224 10.33 4.23 34.00
CA GLY B 224 9.43 4.90 33.08
C GLY B 224 10.05 6.14 32.47
N THR B 225 9.22 6.86 31.71
CA THR B 225 9.71 8.06 31.05
C THR B 225 10.04 9.13 32.05
N LYS B 226 9.39 9.13 33.22
CA LYS B 226 9.62 10.20 34.17
C LYS B 226 11.04 10.14 34.73
N GLY B 227 11.67 8.97 34.74
CA GLY B 227 13.05 8.85 35.19
C GLY B 227 14.11 9.23 34.17
N LEU B 228 13.72 9.57 32.95
CA LEU B 228 14.69 9.83 31.90
C LEU B 228 15.09 11.30 31.87
N SER B 229 16.37 11.55 31.56
CA SER B 229 16.81 12.90 31.30
C SER B 229 17.42 12.98 29.91
N LEU B 230 17.57 14.20 29.42
CA LEU B 230 18.04 14.47 28.06
C LEU B 230 19.43 15.05 28.10
N PHE B 231 20.30 14.56 27.24
CA PHE B 231 21.71 14.94 27.26
C PHE B 231 22.18 15.41 25.89
N PHE B 232 23.01 16.45 25.91
CA PHE B 232 23.70 16.96 24.72
C PHE B 232 24.99 16.18 24.57
N VAL B 233 25.07 15.35 23.52
CA VAL B 233 26.20 14.45 23.30
C VAL B 233 26.78 14.72 21.92
N PRO B 234 27.79 15.60 21.80
CA PRO B 234 28.32 15.94 20.48
C PRO B 234 29.18 14.82 19.90
N LYS B 235 29.14 14.69 18.58
CA LYS B 235 30.03 13.73 17.92
C LYS B 235 31.49 14.05 18.19
N PHE B 236 31.84 15.33 18.09
CA PHE B 236 33.16 15.81 18.44
C PHE B 236 33.06 16.74 19.64
N HIS B 237 33.97 16.57 20.59
CA HIS B 237 34.23 17.65 21.53
C HIS B 237 34.60 18.91 20.74
N PHE B 238 34.32 20.06 21.34
CA PHE B 238 34.62 21.32 20.67
C PHE B 238 34.98 22.35 21.74
N ASP B 239 35.64 23.40 21.28
CA ASP B 239 35.91 24.57 22.11
C ASP B 239 34.60 25.31 22.38
N HIS B 240 34.24 25.41 23.67
CA HIS B 240 32.95 25.98 24.03
C HIS B 240 32.90 27.49 23.77
N GLU B 241 34.04 28.15 23.65
CA GLU B 241 34.04 29.58 23.35
C GLU B 241 33.96 29.85 21.86
N THR B 242 34.81 29.21 21.07
CA THR B 242 34.94 29.53 19.65
C THR B 242 34.23 28.54 18.74
N GLY B 243 33.95 27.33 19.20
CA GLY B 243 33.35 26.32 18.36
C GLY B 243 34.35 25.47 17.60
N GLU B 244 35.66 25.70 17.77
CA GLU B 244 36.66 24.90 17.09
C GLU B 244 36.52 23.43 17.45
N ILE B 245 36.54 22.56 16.44
CA ILE B 245 36.27 21.16 16.67
C ILE B 245 37.47 20.49 17.33
N GLY B 246 37.20 19.62 18.30
CA GLY B 246 38.24 18.93 19.03
C GLY B 246 38.27 17.43 18.82
N GLU B 247 38.46 16.70 19.92
CA GLU B 247 38.68 15.27 19.89
C GLU B 247 37.36 14.51 19.79
N ARG B 248 37.42 13.35 19.14
CA ARG B 248 36.22 12.54 18.95
C ARG B 248 35.64 12.09 20.30
N ASN B 249 34.37 12.40 20.51
CA ASN B 249 33.59 11.91 21.65
C ASN B 249 33.18 10.45 21.41
N GLY B 250 32.95 9.72 22.51
CA GLY B 250 32.82 8.27 22.45
C GLY B 250 31.46 7.75 22.02
N VAL B 251 30.96 8.21 20.88
CA VAL B 251 29.63 7.82 20.41
C VAL B 251 29.78 7.41 18.94
N PHE B 252 29.54 6.12 18.65
CA PHE B 252 29.93 5.53 17.38
C PHE B 252 28.79 4.72 16.77
N VAL B 253 28.53 4.97 15.49
CA VAL B 253 27.61 4.16 14.72
C VAL B 253 28.22 2.78 14.53
N THR B 254 27.45 1.75 14.86
CA THR B 254 27.91 0.38 14.75
C THR B 254 27.07 -0.44 13.77
N ASN B 255 26.06 0.16 13.13
CA ASN B 255 25.30 -0.52 12.11
C ASN B 255 24.45 0.48 11.35
N VAL B 256 24.12 0.15 10.10
CA VAL B 256 23.22 0.95 9.26
C VAL B 256 22.23 -0.01 8.60
N GLU B 257 20.94 0.25 8.80
CA GLU B 257 19.91 -0.70 8.38
C GLU B 257 19.72 -0.68 6.86
N HIS B 258 19.30 -1.84 6.32
CA HIS B 258 18.83 -1.97 4.94
C HIS B 258 17.30 -1.88 4.96
N LYS B 259 16.73 -0.82 4.38
CA LYS B 259 15.33 -0.50 4.50
C LYS B 259 14.60 -0.63 3.17
N MET B 260 13.27 -0.74 3.27
CA MET B 260 12.40 -0.81 2.09
C MET B 260 12.50 0.45 1.23
N GLY B 261 12.63 1.61 1.85
CA GLY B 261 12.71 2.90 1.21
C GLY B 261 13.40 3.90 2.10
N LEU B 262 13.30 5.17 1.74
CA LEU B 262 14.07 6.23 2.39
C LEU B 262 15.53 5.80 2.58
N LYS B 263 16.08 5.14 1.57
CA LYS B 263 17.37 4.46 1.73
C LYS B 263 18.53 5.43 1.98
N VAL B 264 18.48 6.64 1.42
CA VAL B 264 19.59 7.57 1.58
C VAL B 264 19.63 8.19 2.97
N SER B 265 18.63 7.98 3.82
CA SER B 265 18.75 8.40 5.21
C SER B 265 19.35 7.28 6.02
N ALA B 266 20.56 7.51 6.49
CA ALA B 266 21.26 6.50 7.25
C ALA B 266 20.57 6.30 8.61
N THR B 267 20.10 5.09 8.85
CA THR B 267 19.35 4.70 10.04
C THR B 267 20.22 3.73 10.83
N CYS B 268 20.63 4.13 12.03
CA CYS B 268 21.86 3.57 12.57
C CYS B 268 21.70 3.06 13.97
N GLU B 269 22.37 1.94 14.23
CA GLU B 269 22.68 1.56 15.60
C GLU B 269 23.75 2.50 16.13
N LEU B 270 23.52 3.08 17.31
CA LEU B 270 24.42 4.07 17.88
C LEU B 270 24.89 3.60 19.26
N SER B 271 26.20 3.36 19.38
CA SER B 271 26.85 2.80 20.58
C SER B 271 27.46 3.93 21.40
N LEU B 272 27.06 4.07 22.66
CA LEU B 272 27.54 5.15 23.52
C LEU B 272 28.42 4.56 24.61
N GLY B 273 29.68 4.98 24.66
CA GLY B 273 30.58 4.51 25.70
C GLY B 273 30.97 3.05 25.61
N GLN B 274 30.85 2.43 24.44
CA GLN B 274 31.13 1.00 24.27
C GLN B 274 32.51 0.70 23.69
N HIS B 275 33.26 1.70 23.24
CA HIS B 275 34.54 1.47 22.58
C HIS B 275 35.72 2.00 23.40
N GLY B 276 35.62 1.97 24.73
CA GLY B 276 36.70 2.42 25.59
C GLY B 276 36.91 3.93 25.64
N ILE B 277 36.05 4.71 25.00
CA ILE B 277 36.09 6.16 25.02
C ILE B 277 34.76 6.65 25.58
N PRO B 278 34.76 7.46 26.63
CA PRO B 278 33.48 7.89 27.21
C PRO B 278 32.67 8.73 26.24
N ALA B 279 31.36 8.50 26.25
CA ALA B 279 30.39 9.38 25.61
C ALA B 279 30.02 10.46 26.63
N VAL B 280 30.66 11.60 26.53
CA VAL B 280 30.37 12.70 27.45
C VAL B 280 29.08 13.38 27.03
N GLY B 281 28.17 13.56 27.99
CA GLY B 281 26.95 14.30 27.74
C GLY B 281 26.77 15.38 28.77
N TRP B 282 26.08 16.45 28.37
CA TRP B 282 25.76 17.57 29.25
C TRP B 282 24.25 17.60 29.47
N LEU B 283 23.84 17.61 30.74
CA LEU B 283 22.42 17.63 31.07
C LEU B 283 21.77 18.88 30.47
N VAL B 284 20.76 18.66 29.62
CA VAL B 284 20.13 19.78 28.93
C VAL B 284 19.40 20.68 29.93
N GLY B 285 19.73 21.97 29.90
CA GLY B 285 19.19 22.91 30.86
C GLY B 285 19.62 22.63 32.29
N GLU B 286 20.55 21.70 32.47
CA GLU B 286 21.00 21.25 33.79
C GLU B 286 19.82 20.97 34.73
N VAL B 287 18.72 20.43 34.17
CA VAL B 287 17.63 19.90 34.98
C VAL B 287 17.29 18.51 34.47
N HIS B 288 16.63 17.75 35.34
CA HIS B 288 16.20 16.39 35.02
C HIS B 288 14.76 16.47 34.58
N ASN B 289 14.53 16.47 33.26
CA ASN B 289 13.19 16.64 32.70
C ASN B 289 13.16 16.12 31.27
N GLY B 290 13.61 14.88 31.08
CA GLY B 290 14.00 14.44 29.74
C GLY B 290 12.84 14.24 28.79
N ILE B 291 11.79 13.55 29.23
CA ILE B 291 10.72 13.25 28.28
C ILE B 291 9.99 14.53 27.87
N ALA B 292 9.76 15.43 28.82
CA ALA B 292 9.17 16.72 28.46
C ALA B 292 10.06 17.48 27.46
N GLN B 293 11.36 17.57 27.73
CA GLN B 293 12.26 18.27 26.80
C GLN B 293 12.26 17.60 25.42
N MET B 294 12.36 16.27 25.41
CA MET B 294 12.42 15.58 24.12
C MET B 294 11.13 15.72 23.33
N PHE B 295 9.97 15.87 23.99
CA PHE B 295 8.74 16.02 23.23
C PHE B 295 8.69 17.32 22.44
N ASP B 296 9.46 18.35 22.85
CA ASP B 296 9.66 19.51 21.97
C ASP B 296 10.17 19.06 20.62
N VAL B 297 11.10 18.10 20.61
CA VAL B 297 11.64 17.55 19.37
C VAL B 297 10.61 16.65 18.71
N ILE B 298 9.96 15.78 19.49
CA ILE B 298 8.99 14.83 18.92
C ILE B 298 7.85 15.58 18.23
N GLU B 299 7.40 16.69 18.83
CA GLU B 299 6.31 17.46 18.23
C GLU B 299 6.67 17.91 16.83
N GLN B 300 7.89 18.41 16.64
CA GLN B 300 8.32 18.85 15.32
C GLN B 300 8.51 17.67 14.37
N ALA B 301 9.03 16.54 14.87
CA ALA B 301 9.22 15.38 14.01
C ALA B 301 7.90 14.85 13.51
N ARG B 302 6.89 14.82 14.39
CA ARG B 302 5.58 14.33 13.98
C ARG B 302 4.97 15.26 12.94
N MET B 303 5.14 16.57 13.10
CA MET B 303 4.67 17.51 12.08
C MET B 303 5.38 17.28 10.75
N MET B 304 6.69 17.08 10.81
CA MET B 304 7.48 16.85 9.60
C MET B 304 7.06 15.56 8.89
N VAL B 305 6.83 14.49 9.64
CA VAL B 305 6.47 13.22 9.02
C VAL B 305 5.11 13.31 8.33
N GLY B 306 4.12 13.89 9.02
CA GLY B 306 2.84 14.13 8.38
C GLY B 306 2.97 14.99 7.12
N THR B 307 3.74 16.08 7.22
CA THR B 307 3.91 16.94 6.06
C THR B 307 4.65 16.21 4.94
N LYS B 308 5.59 15.33 5.32
CA LYS B 308 6.32 14.52 4.34
C LYS B 308 5.37 13.62 3.56
N ALA B 309 4.49 12.90 4.27
CA ALA B 309 3.55 12.02 3.58
C ALA B 309 2.65 12.80 2.65
N ILE B 310 2.19 13.97 3.08
CA ILE B 310 1.30 14.78 2.25
C ILE B 310 2.04 15.33 1.05
N ALA B 311 3.28 15.78 1.24
CA ALA B 311 4.07 16.26 0.10
C ALA B 311 4.24 15.17 -0.95
N THR B 312 4.42 13.92 -0.50
CA THR B 312 4.71 12.83 -1.41
C THR B 312 3.47 12.41 -2.19
N LEU B 313 2.31 12.38 -1.53
CA LEU B 313 1.07 12.11 -2.23
C LEU B 313 0.81 13.18 -3.29
N SER B 314 1.11 14.43 -2.98
CA SER B 314 0.73 15.43 -3.96
C SER B 314 1.61 15.33 -5.22
N THR B 315 2.93 15.13 -5.11
CA THR B 315 3.70 14.89 -6.34
C THR B 315 3.36 13.54 -6.97
N GLY B 316 2.95 12.55 -6.16
CA GLY B 316 2.45 11.32 -6.73
C GLY B 316 1.20 11.56 -7.58
N TYR B 317 0.23 12.31 -7.04
CA TYR B 317 -0.97 12.66 -7.80
C TYR B 317 -0.60 13.43 -9.07
N LEU B 318 0.26 14.43 -8.97
CA LEU B 318 0.53 15.26 -10.13
C LEU B 318 1.25 14.48 -11.24
N ASN B 319 2.12 13.54 -10.86
CA ASN B 319 2.70 12.64 -11.84
C ASN B 319 1.65 11.76 -12.50
N ALA B 320 0.73 11.21 -11.69
CA ALA B 320 -0.31 10.35 -12.28
C ALA B 320 -1.19 11.13 -13.25
N LEU B 321 -1.57 12.36 -12.86
CA LEU B 321 -2.41 13.19 -13.73
C LEU B 321 -1.70 13.50 -15.04
N GLU B 322 -0.42 13.88 -14.99
CA GLU B 322 0.24 14.22 -16.25
C GLU B 322 0.37 13.00 -17.15
N TYR B 323 0.61 11.82 -16.57
CA TYR B 323 0.59 10.59 -17.36
C TYR B 323 -0.79 10.36 -17.97
N ALA B 324 -1.84 10.47 -17.15
CA ALA B 324 -3.19 10.17 -17.63
C ALA B 324 -3.58 11.09 -18.78
N LYS B 325 -3.16 12.36 -18.73
CA LYS B 325 -3.53 13.30 -19.78
C LYS B 325 -2.97 12.86 -21.13
N GLU B 326 -1.86 12.15 -21.14
CA GLU B 326 -1.18 11.83 -22.38
C GLU B 326 -1.37 10.39 -22.84
N ARG B 327 -1.83 9.49 -21.98
CA ARG B 327 -1.91 8.07 -22.32
C ARG B 327 -3.20 7.77 -23.07
N VAL B 328 -3.09 7.34 -24.31
CA VAL B 328 -4.24 6.92 -25.11
C VAL B 328 -4.46 5.43 -24.89
N GLN B 329 -5.66 5.05 -24.49
CA GLN B 329 -5.98 3.62 -24.35
C GLN B 329 -7.48 3.47 -24.36
N GLY B 330 -8.01 2.75 -25.35
CA GLY B 330 -9.41 2.41 -25.38
C GLY B 330 -10.30 3.50 -25.95
N ALA B 331 -11.59 3.16 -26.07
CA ALA B 331 -12.60 4.07 -26.60
C ALA B 331 -13.37 4.69 -25.45
N ASP B 332 -14.07 5.78 -25.75
CA ASP B 332 -14.98 6.36 -24.76
C ASP B 332 -16.04 5.34 -24.38
N MET B 333 -16.43 5.33 -23.11
CA MET B 333 -17.41 4.37 -22.64
C MET B 333 -18.74 4.53 -23.35
N THR B 334 -19.06 5.71 -23.90
CA THR B 334 -20.29 5.84 -24.67
C THR B 334 -20.19 5.16 -26.02
N GLN B 335 -19.01 4.66 -26.38
CA GLN B 335 -18.80 4.01 -27.67
C GLN B 335 -18.14 2.65 -27.50
N MET B 336 -18.28 2.01 -26.33
CA MET B 336 -17.51 0.80 -26.05
C MET B 336 -17.90 -0.34 -26.99
N THR B 337 -19.16 -0.37 -27.45
CA THR B 337 -19.59 -1.47 -28.32
C THR B 337 -19.08 -1.32 -29.75
N ASP B 338 -18.84 -0.08 -30.20
CA ASP B 338 -18.26 0.19 -31.51
C ASP B 338 -16.75 0.00 -31.42
N LYS B 339 -16.28 -1.11 -32.00
CA LYS B 339 -14.86 -1.51 -31.95
C LYS B 339 -13.99 -0.67 -32.93
N THR B 340 -14.62 0.17 -33.73
CA THR B 340 -13.91 1.10 -34.59
C THR B 340 -13.92 2.54 -34.07
N ALA B 341 -14.53 2.80 -32.91
CA ALA B 341 -14.60 4.16 -32.41
C ALA B 341 -13.19 4.72 -32.16
N PRO B 342 -13.06 6.04 -32.14
CA PRO B 342 -11.76 6.65 -31.86
C PRO B 342 -11.23 6.26 -30.48
N ARG B 343 -9.91 6.16 -30.38
CA ARG B 343 -9.27 5.96 -29.09
C ARG B 343 -9.21 7.29 -28.34
N VAL B 344 -9.24 7.23 -27.02
CA VAL B 344 -9.21 8.45 -26.22
C VAL B 344 -8.16 8.32 -25.13
N THR B 345 -7.71 9.49 -24.64
CA THR B 345 -6.83 9.50 -23.49
C THR B 345 -7.59 9.03 -22.25
N ILE B 346 -6.85 8.47 -21.29
CA ILE B 346 -7.52 7.72 -20.23
C ILE B 346 -8.23 8.62 -19.23
N THR B 347 -7.97 9.93 -19.22
CA THR B 347 -8.80 10.82 -18.41
C THR B 347 -10.26 10.80 -18.83
N HIS B 348 -10.58 10.22 -19.98
CA HIS B 348 -11.97 10.10 -20.40
C HIS B 348 -12.67 8.94 -19.73
N HIS B 349 -11.94 8.04 -19.07
CA HIS B 349 -12.58 6.87 -18.49
C HIS B 349 -13.10 7.19 -17.10
N PRO B 350 -14.35 6.82 -16.80
CA PRO B 350 -14.88 7.10 -15.45
C PRO B 350 -13.99 6.63 -14.31
N ASP B 351 -13.48 5.40 -14.33
CA ASP B 351 -12.69 4.94 -13.19
C ASP B 351 -11.42 5.75 -13.01
N VAL B 352 -10.83 6.24 -14.11
CA VAL B 352 -9.61 7.04 -13.98
C VAL B 352 -9.94 8.41 -13.40
N ARG B 353 -11.07 9.01 -13.81
CA ARG B 353 -11.51 10.26 -13.21
C ARG B 353 -11.85 10.07 -11.75
N ARG B 354 -12.50 8.95 -11.40
CA ARG B 354 -12.71 8.62 -10.01
C ARG B 354 -11.38 8.56 -9.26
N SER B 355 -10.42 7.81 -9.83
CA SER B 355 -9.09 7.65 -9.25
C SER B 355 -8.43 8.99 -9.01
N LEU B 356 -8.43 9.81 -10.06
CA LEU B 356 -7.74 11.10 -10.02
C LEU B 356 -8.38 12.07 -9.03
N MET B 357 -9.73 12.10 -8.98
CA MET B 357 -10.39 12.99 -8.03
C MET B 357 -10.22 12.51 -6.60
N THR B 358 -10.14 11.20 -6.39
CA THR B 358 -9.81 10.67 -5.08
C THR B 358 -8.40 11.11 -4.68
N GLN B 359 -7.44 11.00 -5.59
CA GLN B 359 -6.09 11.49 -5.31
C GLN B 359 -6.09 12.99 -5.03
N LYS B 360 -6.77 13.76 -5.89
CA LYS B 360 -6.76 15.22 -5.77
C LYS B 360 -7.39 15.67 -4.45
N ALA B 361 -8.60 15.19 -4.15
CA ALA B 361 -9.30 15.67 -2.96
C ALA B 361 -8.51 15.34 -1.70
N TYR B 362 -7.91 14.15 -1.63
CA TYR B 362 -7.14 13.82 -0.43
C TYR B 362 -5.84 14.59 -0.37
N ALA B 363 -5.14 14.76 -1.50
CA ALA B 363 -3.89 15.52 -1.47
C ALA B 363 -4.16 16.96 -1.06
N GLU B 364 -5.18 17.58 -1.65
CA GLU B 364 -5.46 18.97 -1.34
C GLU B 364 -6.12 19.13 0.03
N GLY B 365 -6.97 18.17 0.44
CA GLY B 365 -7.52 18.24 1.79
C GLY B 365 -6.45 18.08 2.85
N LEU B 366 -5.48 17.19 2.61
CA LEU B 366 -4.36 17.03 3.52
C LEU B 366 -3.48 18.27 3.56
N ARG B 367 -3.20 18.89 2.40
CA ARG B 367 -2.44 20.14 2.42
C ARG B 367 -3.15 21.16 3.31
N ALA B 368 -4.46 21.30 3.13
CA ALA B 368 -5.21 22.23 3.96
C ALA B 368 -5.13 21.89 5.44
N ILE B 369 -5.06 20.60 5.78
CA ILE B 369 -5.00 20.21 7.20
C ILE B 369 -3.68 20.65 7.83
N TYR B 370 -2.55 20.39 7.17
CA TYR B 370 -1.30 20.75 7.84
C TYR B 370 -1.09 22.26 7.87
N LEU B 371 -1.55 22.97 6.84
CA LEU B 371 -1.48 24.43 6.87
C LEU B 371 -2.42 24.99 7.94
N TYR B 372 -3.64 24.47 8.03
CA TYR B 372 -4.55 24.83 9.11
C TYR B 372 -3.90 24.60 10.48
N THR B 373 -3.32 23.42 10.68
CA THR B 373 -2.66 23.11 11.94
C THR B 373 -1.58 24.13 12.26
N ALA B 374 -0.79 24.50 11.26
CA ALA B 374 0.29 25.45 11.47
C ALA B 374 -0.22 26.85 11.82
N THR B 375 -1.44 27.20 11.41
CA THR B 375 -1.94 28.51 11.80
C THR B 375 -2.19 28.61 13.31
N PHE B 376 -2.24 27.48 14.01
CA PHE B 376 -2.33 27.51 15.47
C PHE B 376 -0.96 27.41 16.17
N GLN B 377 0.13 27.38 15.41
CA GLN B 377 1.45 27.21 16.02
C GLN B 377 2.16 28.53 16.30
N ASP B 378 1.59 29.68 15.89
CA ASP B 378 2.01 31.00 16.34
C ASP B 378 0.83 31.68 17.01
N ALA B 379 1.05 32.21 18.23
CA ALA B 379 -0.03 32.92 18.91
C ALA B 379 -0.52 34.12 18.08
N GLU B 380 0.41 34.86 17.47
CA GLU B 380 0.01 36.03 16.69
C GLU B 380 -0.81 35.63 15.47
N VAL B 381 -0.47 34.51 14.83
CA VAL B 381 -1.26 34.06 13.69
C VAL B 381 -2.61 33.54 14.16
N ALA B 382 -2.61 32.67 15.17
CA ALA B 382 -3.85 32.15 15.71
C ALA B 382 -4.79 33.26 16.15
N GLN B 383 -4.25 34.34 16.73
CA GLN B 383 -5.08 35.46 17.13
C GLN B 383 -5.63 36.19 15.92
N ALA B 384 -4.77 36.49 14.95
CA ALA B 384 -5.18 37.28 13.80
C ALA B 384 -6.13 36.53 12.88
N VAL B 385 -5.90 35.23 12.64
CA VAL B 385 -6.71 34.53 11.65
C VAL B 385 -7.90 33.78 12.25
N HIS B 386 -7.85 33.41 13.54
CA HIS B 386 -8.92 32.66 14.18
C HIS B 386 -9.56 33.36 15.35
N GLY B 387 -8.90 34.35 15.96
CA GLY B 387 -9.43 35.00 17.13
C GLY B 387 -9.33 34.18 18.40
N VAL B 388 -8.34 33.30 18.51
CA VAL B 388 -8.18 32.43 19.67
C VAL B 388 -6.92 32.82 20.41
N ASP B 389 -6.97 32.75 21.74
CA ASP B 389 -5.83 33.20 22.51
C ASP B 389 -4.77 32.10 22.57
N GLY B 390 -3.63 32.42 23.17
CA GLY B 390 -2.49 31.54 23.09
C GLY B 390 -2.73 30.16 23.68
N ASP B 391 -3.49 30.08 24.78
CA ASP B 391 -3.66 28.79 25.44
C ASP B 391 -4.51 27.85 24.59
N LEU B 392 -5.63 28.33 24.05
CA LEU B 392 -6.47 27.49 23.21
C LEU B 392 -5.73 27.10 21.92
N ALA B 393 -4.98 28.04 21.35
CA ALA B 393 -4.18 27.75 20.16
C ALA B 393 -3.24 26.57 20.40
N ALA B 394 -2.54 26.56 21.53
CA ALA B 394 -1.65 25.43 21.82
C ALA B 394 -2.44 24.13 21.92
N ARG B 395 -3.59 24.15 22.59
CA ARG B 395 -4.37 22.93 22.73
C ARG B 395 -4.90 22.45 21.38
N VAL B 396 -5.27 23.39 20.49
CA VAL B 396 -5.76 23.01 19.17
C VAL B 396 -4.62 22.45 18.33
N ASN B 397 -3.48 23.13 18.31
CA ASN B 397 -2.33 22.55 17.64
C ASN B 397 -2.04 21.14 18.18
N ASP B 398 -2.11 20.97 19.51
CA ASP B 398 -1.80 19.67 20.10
C ASP B 398 -2.81 18.62 19.67
N LEU B 399 -4.06 19.02 19.50
CA LEU B 399 -5.09 18.10 19.02
C LEU B 399 -4.82 17.68 17.58
N LEU B 400 -4.36 18.61 16.74
CA LEU B 400 -4.27 18.34 15.32
C LEU B 400 -3.00 17.59 14.92
N LEU B 401 -1.95 17.60 15.74
CA LEU B 401 -0.70 16.95 15.35
C LEU B 401 -0.87 15.46 15.07
N PRO B 402 -1.53 14.67 15.90
CA PRO B 402 -1.70 13.24 15.56
C PRO B 402 -2.55 13.02 14.33
N ILE B 403 -3.38 13.99 13.96
CA ILE B 403 -4.10 13.91 12.70
C ILE B 403 -3.14 14.13 11.53
N VAL B 404 -2.37 15.21 11.58
CA VAL B 404 -1.35 15.45 10.57
C VAL B 404 -0.46 14.21 10.42
N LYS B 405 0.01 13.67 11.54
CA LYS B 405 0.93 12.55 11.50
C LYS B 405 0.20 11.24 11.18
N GLY B 406 -0.77 10.87 12.01
CA GLY B 406 -1.42 9.58 11.89
C GLY B 406 -2.27 9.47 10.64
N PHE B 407 -3.21 10.40 10.47
CA PHE B 407 -4.09 10.40 9.30
C PHE B 407 -3.32 10.77 8.04
N GLY B 408 -2.38 11.72 8.14
CA GLY B 408 -1.58 12.04 6.97
C GLY B 408 -0.79 10.85 6.45
N SER B 409 -0.01 10.21 7.33
CA SER B 409 0.80 9.03 6.96
C SER B 409 -0.04 7.94 6.33
N GLU B 410 -1.12 7.56 7.01
CA GLU B 410 -1.92 6.43 6.55
C GLU B 410 -2.62 6.75 5.23
N THR B 411 -3.17 7.96 5.11
CA THR B 411 -3.93 8.32 3.91
C THR B 411 -3.01 8.42 2.69
N ALA B 412 -1.86 9.08 2.85
CA ALA B 412 -0.99 9.30 1.69
C ALA B 412 -0.50 7.99 1.10
N TYR B 413 -0.04 7.06 1.97
CA TYR B 413 0.41 5.76 1.49
C TYR B 413 -0.71 5.01 0.77
N ALA B 414 -1.93 5.10 1.29
CA ALA B 414 -3.02 4.35 0.67
C ALA B 414 -3.45 4.96 -0.66
N LYS B 415 -3.51 6.28 -0.75
CA LYS B 415 -3.93 6.90 -2.00
C LYS B 415 -2.85 6.89 -3.07
N LEU B 416 -1.57 6.73 -2.69
CA LEU B 416 -0.54 6.54 -3.71
C LEU B 416 -0.78 5.26 -4.49
N THR B 417 -1.50 4.30 -3.90
CA THR B 417 -1.94 3.13 -4.64
C THR B 417 -2.75 3.52 -5.86
N GLU B 418 -3.65 4.50 -5.72
CA GLU B 418 -4.38 5.01 -6.87
C GLU B 418 -3.45 5.68 -7.88
N SER B 419 -2.49 6.46 -7.39
CA SER B 419 -1.48 7.08 -8.26
C SER B 419 -0.79 6.05 -9.13
N LEU B 420 -0.22 5.01 -8.48
CA LEU B 420 0.50 3.99 -9.24
C LEU B 420 -0.43 3.30 -10.25
N GLN B 421 -1.66 2.99 -9.83
CA GLN B 421 -2.61 2.28 -10.67
C GLN B 421 -2.95 3.07 -11.93
N THR B 422 -2.93 4.39 -11.84
CA THR B 422 -3.23 5.25 -12.99
C THR B 422 -2.26 5.04 -14.13
N LEU B 423 -1.02 4.65 -13.83
CA LEU B 423 -0.03 4.39 -14.87
C LEU B 423 -0.15 2.99 -15.47
N GLY B 424 -1.09 2.17 -14.97
CA GLY B 424 -1.10 0.82 -15.48
C GLY B 424 0.19 0.09 -15.15
N GLY B 425 0.58 -0.81 -16.06
CA GLY B 425 1.77 -1.61 -15.82
C GLY B 425 3.04 -0.79 -15.66
N SER B 426 3.10 0.36 -16.34
CA SER B 426 4.25 1.26 -16.20
C SER B 426 4.44 1.72 -14.76
N GLY B 427 3.34 1.81 -14.01
CA GLY B 427 3.40 2.22 -12.61
C GLY B 427 4.26 1.33 -11.75
N PHE B 428 4.38 0.05 -12.13
CA PHE B 428 5.24 -0.93 -11.46
C PHE B 428 6.71 -0.78 -11.81
N LEU B 429 7.07 0.15 -12.71
CA LEU B 429 8.45 0.29 -13.17
C LEU B 429 9.20 1.29 -12.31
N GLN B 430 10.48 1.01 -12.06
CA GLN B 430 11.29 2.05 -11.44
C GLN B 430 11.54 3.23 -12.36
N ASP B 431 11.22 3.10 -13.66
CA ASP B 431 11.33 4.25 -14.56
C ASP B 431 10.45 5.42 -14.13
N TYR B 432 9.40 5.15 -13.36
CA TYR B 432 8.52 6.19 -12.86
C TYR B 432 8.65 6.28 -11.34
N PRO B 433 8.39 7.45 -10.75
CA PRO B 433 8.75 7.66 -9.34
C PRO B 433 7.75 7.14 -8.33
N ILE B 434 6.57 6.67 -8.77
CA ILE B 434 5.50 6.32 -7.82
C ILE B 434 5.92 5.15 -6.94
N GLU B 435 6.55 4.13 -7.52
CA GLU B 435 6.91 2.99 -6.68
C GLU B 435 7.87 3.40 -5.57
N GLN B 436 8.75 4.37 -5.83
CA GLN B 436 9.66 4.82 -4.77
C GLN B 436 8.93 5.72 -3.78
N TYR B 437 7.97 6.53 -4.25
CA TYR B 437 7.10 7.27 -3.34
C TYR B 437 6.44 6.31 -2.34
N ILE B 438 5.96 5.18 -2.83
CA ILE B 438 5.30 4.19 -1.97
C ILE B 438 6.28 3.65 -0.94
N ARG B 439 7.46 3.22 -1.40
CA ARG B 439 8.44 2.65 -0.49
C ARG B 439 8.93 3.71 0.51
N ASP B 440 9.24 4.91 0.02
CA ASP B 440 9.74 5.97 0.88
C ASP B 440 8.72 6.40 1.93
N SER B 441 7.43 6.23 1.64
CA SER B 441 6.40 6.74 2.55
C SER B 441 5.81 5.67 3.45
N LYS B 442 6.08 4.38 3.21
CA LYS B 442 5.64 3.34 4.15
C LYS B 442 6.14 3.63 5.58
N ILE B 443 7.33 4.21 5.71
CA ILE B 443 7.91 4.47 7.04
C ILE B 443 7.08 5.45 7.83
N ASP B 444 6.28 6.30 7.17
CA ASP B 444 5.65 7.41 7.87
C ASP B 444 4.59 6.98 8.87
N SER B 445 4.02 5.79 8.73
CA SER B 445 3.11 5.33 9.76
C SER B 445 3.83 4.69 10.96
N LEU B 446 5.18 4.71 10.98
CA LEU B 446 5.95 3.94 11.94
C LEU B 446 6.86 4.82 12.79
N TYR B 447 7.80 5.52 12.18
CA TYR B 447 8.67 6.40 12.98
C TYR B 447 7.91 7.61 13.51
N ALA B 448 8.54 8.26 14.49
CA ALA B 448 7.88 9.33 15.24
C ALA B 448 6.58 8.84 15.89
N GLY B 449 6.48 7.54 16.16
CA GLY B 449 5.33 7.00 16.85
C GLY B 449 4.30 6.38 15.91
N THR B 450 3.96 5.12 16.13
CA THR B 450 3.09 4.41 15.19
C THR B 450 1.68 5.00 15.20
N THR B 451 0.93 4.66 14.15
CA THR B 451 -0.45 5.12 14.05
C THR B 451 -1.24 4.80 15.32
N ALA B 452 -1.05 3.60 15.89
CA ALA B 452 -1.78 3.28 17.11
C ALA B 452 -1.37 4.19 18.25
N ILE B 453 -0.07 4.53 18.33
CA ILE B 453 0.38 5.49 19.33
C ILE B 453 -0.24 6.85 19.08
N GLN B 454 -0.30 7.27 17.81
CA GLN B 454 -0.95 8.55 17.47
C GLN B 454 -2.39 8.57 17.94
N ALA B 455 -3.14 7.50 17.66
CA ALA B 455 -4.57 7.46 17.99
C ALA B 455 -4.78 7.43 19.51
N GLN B 456 -3.90 6.74 20.23
CA GLN B 456 -3.94 6.74 21.70
C GLN B 456 -3.63 8.12 22.27
N ASP B 457 -2.63 8.81 21.71
CA ASP B 457 -2.35 10.18 22.11
C ASP B 457 -3.56 11.08 21.87
N PHE B 458 -4.13 10.99 20.67
CA PHE B 458 -5.28 11.80 20.27
C PHE B 458 -6.42 11.68 21.28
N PHE B 459 -6.81 10.45 21.61
CA PHE B 459 -7.98 10.26 22.46
C PHE B 459 -7.68 10.59 23.92
N PHE B 460 -6.70 9.91 24.50
CA PHE B 460 -6.47 10.02 25.95
C PHE B 460 -5.89 11.38 26.32
N ARG B 461 -4.89 11.85 25.55
CA ARG B 461 -4.22 13.09 25.94
C ARG B 461 -4.87 14.33 25.35
N LYS B 462 -5.17 14.31 24.05
CA LYS B 462 -5.61 15.52 23.37
C LYS B 462 -7.11 15.73 23.45
N ILE B 463 -7.87 14.73 23.91
CA ILE B 463 -9.31 14.93 24.08
C ILE B 463 -9.67 14.76 25.56
N ILE B 464 -9.46 13.57 26.12
CA ILE B 464 -9.90 13.31 27.48
C ILE B 464 -9.15 14.19 28.48
N ARG B 465 -7.82 14.14 28.46
CA ARG B 465 -7.05 14.96 29.39
C ARG B 465 -7.26 16.45 29.13
N ASP B 466 -7.54 16.82 27.88
CA ASP B 466 -7.85 18.20 27.51
C ASP B 466 -9.25 18.62 27.90
N LYS B 467 -10.05 17.71 28.47
CA LYS B 467 -11.46 17.96 28.76
C LYS B 467 -12.23 18.40 27.51
N GLY B 468 -11.77 17.97 26.34
CA GLY B 468 -12.49 18.21 25.11
C GLY B 468 -12.55 19.64 24.65
N GLN B 469 -11.74 20.54 25.21
CA GLN B 469 -11.85 21.96 24.86
C GLN B 469 -11.42 22.22 23.42
N ALA B 470 -10.30 21.64 23.00
CA ALA B 470 -9.84 21.83 21.62
C ALA B 470 -10.79 21.18 20.62
N LEU B 471 -11.20 19.94 20.89
CA LEU B 471 -12.17 19.29 20.02
C LEU B 471 -13.44 20.12 19.90
N ALA B 472 -13.92 20.67 21.03
CA ALA B 472 -15.15 21.46 20.99
C ALA B 472 -14.97 22.74 20.17
N TYR B 473 -13.80 23.37 20.25
CA TYR B 473 -13.56 24.54 19.43
C TYR B 473 -13.65 24.19 17.95
N VAL B 474 -12.97 23.12 17.53
CA VAL B 474 -12.97 22.74 16.12
C VAL B 474 -14.37 22.32 15.67
N ALA B 475 -15.06 21.51 16.48
CA ALA B 475 -16.42 21.12 16.11
C ALA B 475 -17.32 22.35 15.96
N GLY B 476 -17.12 23.35 16.82
CA GLY B 476 -17.90 24.57 16.73
C GLY B 476 -17.66 25.34 15.45
N GLU B 477 -16.44 25.28 14.90
CA GLU B 477 -16.16 25.93 13.63
C GLU B 477 -16.82 25.19 12.48
N ILE B 478 -16.81 23.87 12.53
CA ILE B 478 -17.48 23.07 11.51
C ILE B 478 -18.98 23.34 11.55
N GLU B 479 -19.56 23.30 12.76
CA GLU B 479 -20.97 23.66 12.92
C GLU B 479 -21.27 25.03 12.32
N GLN B 480 -20.41 26.01 12.57
CA GLN B 480 -20.66 27.37 12.06
C GLN B 480 -20.66 27.41 10.54
N PHE B 481 -19.76 26.65 9.91
CA PHE B 481 -19.78 26.58 8.45
C PHE B 481 -21.06 25.93 7.97
N ILE B 482 -21.48 24.83 8.61
CA ILE B 482 -22.69 24.15 8.19
C ILE B 482 -23.90 25.09 8.27
N LYS B 483 -23.94 25.94 9.29
CA LYS B 483 -25.10 26.78 9.55
C LYS B 483 -25.22 27.94 8.57
N ASN B 484 -24.09 28.53 8.19
CA ASN B 484 -24.11 29.64 7.23
C ASN B 484 -24.73 29.23 5.89
N ASN B 488 -25.44 31.82 -0.48
CA ASN B 488 -25.63 30.83 -1.53
C ASN B 488 -26.07 29.49 -0.97
N GLY B 489 -26.95 28.81 -1.69
CA GLY B 489 -27.30 27.43 -1.40
C GLY B 489 -26.66 26.42 -2.32
N ARG B 490 -25.70 26.83 -3.14
CA ARG B 490 -24.99 25.91 -4.04
C ARG B 490 -24.12 24.91 -3.29
N LEU B 491 -23.90 25.09 -1.99
CA LEU B 491 -23.21 24.09 -1.18
C LEU B 491 -24.15 23.41 -0.20
N LYS B 492 -25.46 23.41 -0.49
CA LYS B 492 -26.45 22.86 0.43
C LYS B 492 -26.22 21.37 0.65
N THR B 493 -26.04 20.62 -0.44
CA THR B 493 -25.81 19.19 -0.30
C THR B 493 -24.54 18.91 0.49
N GLU B 494 -23.47 19.66 0.22
CA GLU B 494 -22.22 19.47 0.94
C GLU B 494 -22.39 19.75 2.44
N ARG B 495 -23.09 20.84 2.78
CA ARG B 495 -23.28 21.13 4.20
C ARG B 495 -24.13 20.07 4.87
N GLU B 496 -25.12 19.53 4.15
CA GLU B 496 -25.91 18.43 4.70
C GLU B 496 -25.04 17.20 4.95
N LEU B 497 -24.18 16.87 4.00
CA LEU B 497 -23.28 15.74 4.19
C LEU B 497 -22.28 16.00 5.32
N LEU B 498 -21.79 17.23 5.44
CA LEU B 498 -20.89 17.56 6.53
C LEU B 498 -21.57 17.48 7.89
N ALA B 499 -22.84 17.92 7.97
CA ALA B 499 -23.60 17.80 9.21
C ALA B 499 -23.72 16.34 9.65
N THR B 500 -23.97 15.45 8.71
CA THR B 500 -24.01 14.03 9.05
C THR B 500 -22.64 13.55 9.51
N ALA B 501 -21.58 13.90 8.78
CA ALA B 501 -20.24 13.48 9.17
C ALA B 501 -19.86 14.00 10.55
N LEU B 502 -20.19 15.27 10.84
CA LEU B 502 -19.90 15.83 12.16
C LEU B 502 -20.64 15.07 13.26
N ALA B 503 -21.92 14.79 13.03
CA ALA B 503 -22.68 14.01 14.00
C ALA B 503 -22.09 12.62 14.17
N ASP B 504 -21.64 12.00 13.07
CA ASP B 504 -21.00 10.69 13.18
C ASP B 504 -19.77 10.76 14.07
N VAL B 505 -18.90 11.75 13.83
CA VAL B 505 -17.67 11.85 14.62
C VAL B 505 -18.01 12.12 16.08
N GLN B 506 -19.00 12.98 16.34
CA GLN B 506 -19.41 13.20 17.73
C GLN B 506 -19.95 11.92 18.36
N GLY B 507 -20.71 11.13 17.59
CA GLY B 507 -21.16 9.84 18.10
C GLY B 507 -20.01 8.91 18.43
N MET B 508 -19.00 8.86 17.55
CA MET B 508 -17.81 8.06 17.84
C MET B 508 -17.16 8.51 19.15
N ALA B 509 -16.96 9.81 19.31
CA ALA B 509 -16.33 10.31 20.53
C ALA B 509 -17.15 9.92 21.75
N ALA B 510 -18.48 10.00 21.65
CA ALA B 510 -19.32 9.71 22.81
C ALA B 510 -19.25 8.24 23.20
N SER B 511 -19.27 7.32 22.21
CA SER B 511 -19.19 5.90 22.52
C SER B 511 -17.86 5.55 23.17
N LEU B 512 -16.75 6.02 22.58
CA LEU B 512 -15.45 5.73 23.17
C LEU B 512 -15.34 6.31 24.57
N THR B 513 -15.80 7.54 24.77
CA THR B 513 -15.86 8.10 26.11
C THR B 513 -16.69 7.23 27.04
N GLY B 514 -17.83 6.73 26.55
CA GLY B 514 -18.63 5.82 27.36
C GLY B 514 -17.89 4.56 27.72
N TYR B 515 -17.10 4.02 26.79
CA TYR B 515 -16.32 2.83 27.10
C TYR B 515 -15.30 3.13 28.18
N LEU B 516 -14.69 4.31 28.14
CA LEU B 516 -13.76 4.70 29.20
C LEU B 516 -14.47 4.83 30.54
N MET B 517 -15.64 5.49 30.56
CA MET B 517 -16.40 5.60 31.81
C MET B 517 -16.74 4.21 32.36
N ALA B 518 -17.18 3.31 31.50
CA ALA B 518 -17.51 1.96 31.95
C ALA B 518 -16.29 1.25 32.52
N ALA B 519 -15.08 1.65 32.14
CA ALA B 519 -13.89 0.99 32.67
C ALA B 519 -13.70 1.24 34.16
N GLN B 520 -14.37 2.25 34.72
CA GLN B 520 -14.37 2.43 36.17
C GLN B 520 -14.95 1.21 36.89
N GLU B 521 -15.87 0.50 36.23
CA GLU B 521 -16.58 -0.64 36.80
C GLU B 521 -16.05 -1.98 36.30
N ASP B 522 -15.66 -2.06 35.03
CA ASP B 522 -15.08 -3.28 34.45
C ASP B 522 -13.85 -2.84 33.67
N ALA B 523 -12.67 -3.11 34.23
CA ALA B 523 -11.43 -2.65 33.59
C ALA B 523 -11.36 -3.03 32.11
N ALA B 524 -11.84 -4.22 31.76
CA ALA B 524 -11.70 -4.71 30.38
C ALA B 524 -12.45 -3.83 29.38
N SER B 525 -13.40 -3.01 29.83
CA SER B 525 -14.10 -2.20 28.84
C SER B 525 -13.18 -1.19 28.18
N ILE B 526 -12.02 -0.89 28.77
CA ILE B 526 -11.08 0.03 28.15
C ILE B 526 -10.56 -0.51 26.82
N TYR B 527 -10.56 -1.84 26.64
CA TYR B 527 -10.08 -2.40 25.38
C TYR B 527 -10.88 -1.89 24.20
N LYS B 528 -12.18 -1.63 24.40
CA LYS B 528 -13.01 -1.13 23.31
C LYS B 528 -12.49 0.22 22.81
N VAL B 529 -12.00 1.06 23.72
CA VAL B 529 -11.35 2.29 23.28
C VAL B 529 -10.16 1.96 22.38
N GLY B 530 -9.31 1.03 22.82
CA GLY B 530 -8.20 0.60 21.97
C GLY B 530 -8.65 0.11 20.62
N LEU B 531 -9.70 -0.72 20.59
CA LEU B 531 -10.15 -1.32 19.32
C LEU B 531 -10.64 -0.25 18.34
N GLY B 532 -11.28 0.80 18.84
CA GLY B 532 -11.85 1.78 17.95
C GLY B 532 -11.01 3.02 17.76
N SER B 533 -9.84 3.13 18.40
CA SER B 533 -9.17 4.43 18.45
C SER B 533 -8.61 4.83 17.08
N VAL B 534 -8.01 3.89 16.33
CA VAL B 534 -7.46 4.27 15.02
C VAL B 534 -8.58 4.65 14.05
N ARG B 535 -9.68 3.92 14.06
CA ARG B 535 -10.78 4.28 13.16
C ARG B 535 -11.35 5.65 13.52
N PHE B 536 -11.36 5.97 14.82
CA PHE B 536 -11.80 7.29 15.25
C PHE B 536 -10.87 8.39 14.72
N LEU B 537 -9.56 8.17 14.86
CA LEU B 537 -8.59 9.13 14.36
C LEU B 537 -8.77 9.38 12.86
N MET B 538 -8.94 8.31 12.08
CA MET B 538 -9.12 8.46 10.64
C MET B 538 -10.46 9.13 10.31
N ALA B 539 -11.48 8.90 11.14
CA ALA B 539 -12.77 9.55 10.91
C ALA B 539 -12.67 11.06 11.10
N VAL B 540 -11.92 11.49 12.12
CA VAL B 540 -11.75 12.92 12.32
C VAL B 540 -10.98 13.54 11.16
N GLY B 541 -9.95 12.86 10.67
CA GLY B 541 -9.23 13.37 9.52
C GLY B 541 -10.12 13.53 8.29
N ASP B 542 -10.97 12.53 8.02
CA ASP B 542 -11.92 12.65 6.91
C ASP B 542 -12.85 13.84 7.12
N LEU B 543 -13.35 14.02 8.34
CA LEU B 543 -14.24 15.14 8.63
C LEU B 543 -13.55 16.46 8.36
N LEU B 544 -12.32 16.60 8.85
CA LEU B 544 -11.55 17.82 8.63
C LEU B 544 -11.25 18.03 7.15
N SER B 545 -10.93 16.96 6.43
CA SER B 545 -10.72 17.02 4.98
C SER B 545 -11.93 17.62 4.30
N GLY B 546 -13.08 17.00 4.56
CA GLY B 546 -14.32 17.42 3.93
C GLY B 546 -14.69 18.85 4.28
N TRP B 547 -14.52 19.23 5.54
CA TRP B 547 -14.83 20.61 5.93
C TRP B 547 -13.89 21.60 5.26
N LEU B 548 -12.58 21.33 5.31
CA LEU B 548 -11.63 22.28 4.73
C LEU B 548 -11.80 22.35 3.21
N LEU B 549 -12.04 21.22 2.55
CA LEU B 549 -12.31 21.30 1.12
C LEU B 549 -13.56 22.14 0.85
N ALA B 550 -14.59 21.97 1.68
CA ALA B 550 -15.81 22.74 1.45
C ALA B 550 -15.59 24.23 1.68
N ARG B 551 -14.78 24.59 2.67
CA ARG B 551 -14.44 25.99 2.82
C ARG B 551 -13.68 26.50 1.60
N GLN B 552 -12.79 25.68 1.05
CA GLN B 552 -12.10 26.08 -0.17
C GLN B 552 -13.08 26.28 -1.31
N ALA B 553 -14.11 25.44 -1.38
CA ALA B 553 -15.12 25.57 -2.42
C ALA B 553 -15.91 26.88 -2.27
N ALA B 554 -16.21 27.27 -1.03
CA ALA B 554 -16.92 28.53 -0.80
C ALA B 554 -16.09 29.72 -1.26
N VAL B 555 -14.77 29.69 -1.01
CA VAL B 555 -13.88 30.72 -1.54
C VAL B 555 -13.85 30.68 -3.06
N ALA B 556 -13.80 29.48 -3.63
CA ALA B 556 -13.72 29.35 -5.09
C ALA B 556 -14.99 29.86 -5.76
N ILE B 557 -16.15 29.65 -5.13
CA ILE B 557 -17.40 30.17 -5.67
C ILE B 557 -17.38 31.70 -5.69
N GLU B 558 -16.89 32.32 -4.61
CA GLU B 558 -16.76 33.77 -4.59
C GLU B 558 -15.87 34.26 -5.72
N LYS B 559 -14.72 33.62 -5.91
CA LYS B 559 -13.79 34.08 -6.92
C LYS B 559 -14.33 33.87 -8.32
N LEU B 560 -15.08 32.79 -8.54
CA LEU B 560 -15.70 32.57 -9.85
C LEU B 560 -16.82 33.57 -10.09
N ASP B 561 -17.69 33.76 -9.08
CA ASP B 561 -18.74 34.78 -9.17
C ASP B 561 -18.14 36.13 -9.53
N ALA B 562 -16.99 36.49 -8.95
CA ALA B 562 -16.38 37.78 -9.24
C ALA B 562 -15.82 37.87 -10.66
N GLY B 563 -15.67 36.73 -11.35
CA GLY B 563 -15.31 36.78 -12.76
C GLY B 563 -13.95 36.20 -13.10
N ALA B 564 -13.51 35.20 -12.34
CA ALA B 564 -12.24 34.54 -12.65
C ALA B 564 -12.28 33.95 -14.05
N THR B 565 -11.12 33.95 -14.71
CA THR B 565 -10.95 33.47 -16.07
C THR B 565 -9.72 32.56 -16.16
N GLY B 566 -9.62 31.82 -17.27
CA GLY B 566 -8.40 31.10 -17.61
C GLY B 566 -7.99 30.07 -16.57
N ALA B 567 -6.70 30.06 -16.26
CA ALA B 567 -6.16 29.08 -15.33
C ALA B 567 -6.76 29.25 -13.94
N ASP B 568 -6.97 30.51 -13.50
CA ASP B 568 -7.68 30.76 -12.25
C ASP B 568 -9.04 30.05 -12.25
N LYS B 569 -9.85 30.31 -13.28
CA LYS B 569 -11.16 29.68 -13.40
C LYS B 569 -11.07 28.17 -13.22
N SER B 570 -10.13 27.53 -13.92
CA SER B 570 -10.02 26.08 -13.84
C SER B 570 -9.61 25.63 -12.44
N PHE B 571 -8.66 26.32 -11.83
CA PHE B 571 -8.31 26.03 -10.45
C PHE B 571 -9.54 26.07 -9.54
N TYR B 572 -10.31 27.14 -9.63
CA TYR B 572 -11.46 27.27 -8.74
C TYR B 572 -12.52 26.21 -9.02
N GLU B 573 -12.71 25.86 -10.29
CA GLU B 573 -13.69 24.81 -10.61
C GLU B 573 -13.28 23.48 -10.01
N GLY B 574 -11.96 23.22 -9.95
CA GLY B 574 -11.48 21.96 -9.41
C GLY B 574 -11.69 21.86 -7.91
N LYS B 575 -11.59 22.98 -7.20
CA LYS B 575 -11.91 23.00 -5.77
C LYS B 575 -13.37 22.66 -5.52
N ILE B 576 -14.28 23.30 -6.25
CA ILE B 576 -15.70 22.95 -6.10
C ILE B 576 -15.91 21.45 -6.34
N ALA B 577 -15.35 20.94 -7.44
CA ALA B 577 -15.56 19.52 -7.78
C ALA B 577 -14.98 18.61 -6.72
N ALA B 578 -13.85 18.98 -6.14
CA ALA B 578 -13.22 18.12 -5.15
C ALA B 578 -14.01 18.11 -3.85
N ALA B 579 -14.49 19.28 -3.40
CA ALA B 579 -15.31 19.31 -2.19
C ALA B 579 -16.60 18.53 -2.39
N SER B 580 -17.24 18.70 -3.54
CA SER B 580 -18.45 17.94 -3.80
C SER B 580 -18.15 16.44 -3.85
N PHE B 581 -17.07 16.05 -4.53
CA PHE B 581 -16.75 14.64 -4.66
C PHE B 581 -16.46 14.01 -3.29
N PHE B 582 -15.67 14.69 -2.47
CA PHE B 582 -15.30 14.14 -1.17
C PHE B 582 -16.51 13.98 -0.28
N ALA B 583 -17.37 15.00 -0.22
CA ALA B 583 -18.55 14.90 0.64
C ALA B 583 -19.44 13.74 0.22
N LYS B 584 -19.57 13.51 -1.09
CA LYS B 584 -20.51 12.51 -1.59
C LYS B 584 -19.93 11.09 -1.62
N ASN B 585 -18.61 10.93 -1.67
CA ASN B 585 -18.02 9.60 -1.82
C ASN B 585 -17.17 9.14 -0.64
N MET B 586 -16.66 10.06 0.18
CA MET B 586 -15.84 9.73 1.34
C MET B 586 -16.58 9.88 2.67
N LEU B 587 -17.27 11.01 2.87
CA LEU B 587 -17.88 11.26 4.18
C LEU B 587 -18.94 10.25 4.59
N PRO B 588 -19.80 9.74 3.71
CA PRO B 588 -20.90 8.89 4.20
C PRO B 588 -20.43 7.63 4.89
N LEU B 589 -19.28 7.07 4.50
CA LEU B 589 -18.75 5.89 5.17
C LEU B 589 -18.59 6.09 6.67
N LEU B 590 -18.49 7.34 7.13
CA LEU B 590 -18.32 7.55 8.57
C LEU B 590 -19.54 7.11 9.36
N THR B 591 -20.71 7.08 8.71
CA THR B 591 -21.92 6.61 9.36
C THR B 591 -21.81 5.14 9.74
N SER B 592 -21.38 4.30 8.79
CA SER B 592 -21.16 2.89 9.10
C SER B 592 -20.05 2.72 10.14
N THR B 593 -18.99 3.50 10.03
CA THR B 593 -17.94 3.41 11.03
C THR B 593 -18.45 3.77 12.41
N ARG B 594 -19.30 4.80 12.52
CA ARG B 594 -19.90 5.09 13.82
C ARG B 594 -20.70 3.91 14.35
N GLN B 595 -21.53 3.29 13.50
CA GLN B 595 -22.32 2.16 13.96
C GLN B 595 -21.42 0.99 14.37
N ILE B 596 -20.33 0.76 13.63
CA ILE B 596 -19.38 -0.29 14.01
C ILE B 596 -18.76 0.01 15.37
N ILE B 597 -18.37 1.27 15.60
CA ILE B 597 -17.77 1.61 16.89
C ILE B 597 -18.78 1.50 18.02
N GLU B 598 -20.05 1.76 17.74
CA GLU B 598 -21.06 1.63 18.79
C GLU B 598 -21.34 0.18 19.17
N ASN B 599 -20.83 -0.79 18.41
CA ASN B 599 -21.10 -2.20 18.68
C ASN B 599 -19.82 -3.01 18.94
N LEU B 600 -18.69 -2.35 19.15
CA LEU B 600 -17.47 -3.05 19.51
C LEU B 600 -17.71 -3.94 20.72
N ASP B 601 -17.07 -5.11 20.74
CA ASP B 601 -17.10 -5.97 21.92
C ASP B 601 -15.74 -6.63 22.10
N ASN B 602 -15.58 -7.29 23.25
CA ASN B 602 -14.30 -7.84 23.65
C ASN B 602 -14.10 -9.29 23.22
N ASP B 603 -14.93 -9.80 22.32
CA ASP B 603 -14.74 -11.16 21.82
C ASP B 603 -13.32 -11.36 21.33
N VAL B 604 -12.82 -10.44 20.51
CA VAL B 604 -11.47 -10.58 19.96
C VAL B 604 -10.40 -10.45 21.04
N MET B 605 -10.70 -9.79 22.17
CA MET B 605 -9.77 -9.73 23.29
C MET B 605 -9.76 -11.03 24.09
N GLU B 606 -10.91 -11.68 24.24
CA GLU B 606 -10.98 -12.91 25.03
C GLU B 606 -10.51 -14.15 24.27
N LEU B 607 -10.40 -14.06 22.95
CA LEU B 607 -10.02 -15.22 22.15
C LEU B 607 -8.62 -15.71 22.54
N ASP B 608 -8.48 -17.02 22.69
CA ASP B 608 -7.17 -17.60 22.95
C ASP B 608 -6.18 -17.17 21.88
N GLU B 609 -4.97 -16.76 22.29
CA GLU B 609 -3.94 -16.43 21.32
C GLU B 609 -3.69 -17.59 20.35
N ALA B 610 -3.81 -18.83 20.85
CA ALA B 610 -3.58 -19.98 20.00
C ALA B 610 -4.60 -20.09 18.87
N ALA B 611 -5.74 -19.41 18.98
CA ALA B 611 -6.76 -19.50 17.92
C ALA B 611 -6.44 -18.61 16.73
N PHE B 612 -5.52 -17.66 16.84
CA PHE B 612 -5.15 -16.89 15.67
C PHE B 612 -4.40 -17.77 14.67
PA FAD C . -3.18 0.94 -19.57
O1A FAD C . -4.08 0.05 -20.37
O2A FAD C . -2.52 2.10 -20.34
O5B FAD C . -3.97 1.47 -18.35
C5B FAD C . -3.61 2.70 -17.68
C4B FAD C . -4.75 3.05 -16.79
O4B FAD C . -5.93 3.27 -17.60
C3B FAD C . -5.12 1.98 -15.76
O3B FAD C . -5.49 2.57 -14.52
C2B FAD C . -6.33 1.31 -16.40
O2B FAD C . -7.19 0.72 -15.42
C1B FAD C . -7.00 2.49 -17.09
N9A FAD C . -7.85 2.12 -18.22
C8A FAD C . -7.43 1.73 -19.46
N7A FAD C . -8.41 1.44 -20.29
C5A FAD C . -9.55 1.64 -19.53
C6A FAD C . -10.92 1.52 -19.83
N6A FAD C . -11.40 1.12 -21.01
N1A FAD C . -11.81 1.80 -18.84
C2A FAD C . -11.34 2.19 -17.65
N3A FAD C . -10.07 2.35 -17.26
C4A FAD C . -9.23 2.06 -18.24
N1 FAD C . 1.34 -8.69 -21.03
C2 FAD C . 1.38 -9.84 -21.75
O2 FAD C . 0.73 -9.96 -22.81
N3 FAD C . 2.14 -10.92 -21.31
C4 FAD C . 2.90 -10.95 -20.15
O4 FAD C . 3.53 -11.96 -19.85
C4X FAD C . 2.84 -9.72 -19.39
N5 FAD C . 3.55 -9.66 -18.29
C5X FAD C . 3.54 -8.48 -17.58
C6 FAD C . 4.29 -8.41 -16.41
C7 FAD C . 4.32 -7.25 -15.66
C7M FAD C . 5.16 -7.21 -14.41
C8 FAD C . 3.57 -6.13 -16.06
C8M FAD C . 3.57 -4.86 -15.26
C9 FAD C . 2.81 -6.20 -17.22
C9A FAD C . 2.80 -7.36 -17.98
N10 FAD C . 2.03 -7.47 -19.16
C10 FAD C . 2.04 -8.64 -19.90
C1' FAD C . 1.18 -6.34 -19.61
C2' FAD C . 0.05 -6.04 -18.62
O2' FAD C . -1.02 -6.99 -18.70
C3' FAD C . -0.48 -4.62 -18.84
O3' FAD C . 0.35 -3.75 -18.09
C4' FAD C . -1.91 -4.39 -18.35
O4' FAD C . -2.86 -5.15 -19.12
C5' FAD C . -2.32 -2.92 -18.32
O5' FAD C . -2.01 -2.32 -19.60
P FAD C . -1.14 -1.01 -19.70
O1P FAD C . 0.14 -1.26 -18.89
O2P FAD C . -0.86 -0.55 -21.09
O3P FAD C . -2.02 0.08 -18.92
O1 DCR D . -0.55 -9.62 -18.14
C1 DCR D . -0.26 -10.73 -18.54
C2 DCR D . 0.67 -11.81 -17.72
C3 DCR D . 0.04 -12.28 -16.35
C4 DCR D . 0.93 -13.40 -15.52
C5 DCR D . 2.14 -14.07 -16.36
C6 DCR D . 2.18 -15.66 -16.26
C7 DCR D . 3.15 -16.29 -17.43
C8 DCR D . 3.10 -17.90 -17.57
C9 DCR D . 3.29 -18.43 -19.09
C10 DCR D . 1.83 -18.94 -19.71
C11 DCR D . 1.66 -20.26 -20.58
C12 DCR D . 0.42 -21.13 -19.91
C13 DCR D . -0.34 -20.30 -18.75
C14 DCR D . -1.56 -21.06 -18.01
C15 DCR D . -1.21 -22.46 -17.31
C16 DCR D . -2.62 -23.26 -17.15
C17 DCR D . -2.46 -24.83 -17.05
C18 DCR D . -3.20 -25.71 -18.25
C19 DCR D . -2.85 -27.28 -18.06
C20 DCR D . -3.23 -27.87 -16.61
N1A COA E . -13.40 -14.63 -20.69
C2A COA E . -13.27 -15.31 -21.85
N3A COA E . -13.27 -14.65 -23.05
C4A COA E . -13.41 -13.27 -23.12
C5A COA E . -13.56 -12.54 -21.93
C6A COA E . -13.57 -13.27 -20.65
N6A COA E . -13.70 -12.55 -19.34
N7A COA E . -13.68 -11.18 -22.25
C8A COA E . -13.61 -11.10 -23.60
N9A COA E . -13.47 -12.34 -24.14
C1B COA E . -13.31 -12.62 -25.44
C2B COA E . -14.55 -13.25 -26.24
O2B COA E . -14.05 -14.28 -27.21
C3B COA E . -15.01 -12.15 -26.90
O3B COA E . -15.86 -12.32 -28.07
P3B COA E . -17.52 -12.53 -27.69
O7A COA E . -17.73 -13.80 -26.91
O8A COA E . -18.05 -11.36 -26.85
O9A COA E . -18.26 -12.58 -29.01
C4B COA E . -13.67 -11.14 -27.22
O4B COA E . -12.81 -11.32 -26.25
C5B COA E . -14.23 -9.71 -27.21
O5B COA E . -14.99 -9.41 -26.03
P1A COA E . -15.16 -7.81 -25.77
O1A COA E . -15.82 -7.48 -24.48
O2A COA E . -15.74 -7.12 -26.97
O3A COA E . -13.61 -7.21 -25.61
P2A COA E . -12.83 -6.05 -26.50
O4A COA E . -12.71 -6.42 -27.96
O5A COA E . -13.43 -4.70 -26.31
O6A COA E . -11.25 -6.01 -25.85
CBP COA E . -10.43 -6.59 -23.51
CCP COA E . -11.15 -5.46 -24.48
CDP COA E . -11.24 -7.94 -23.44
CEP COA E . -8.99 -6.91 -24.03
CAP COA E . -10.34 -5.92 -22.06
OAP COA E . -11.55 -5.79 -21.39
C9P COA E . -9.29 -6.74 -21.24
O9P COA E . -9.50 -7.82 -20.80
N8P COA E . -7.93 -6.05 -21.08
C7P COA E . -6.83 -6.73 -20.31
C6P COA E . -6.42 -7.98 -21.20
C5P COA E . -5.42 -8.82 -20.33
O5P COA E . -5.76 -9.39 -19.35
N4P COA E . -4.01 -8.82 -20.80
C3P COA E . -3.00 -9.64 -20.00
C2P COA E . -1.69 -9.72 -20.90
S1P COA E . -0.90 -11.27 -20.18
PA FAD F . 7.00 -1.64 18.61
O1A FAD F . 6.89 -0.65 19.70
O2A FAD F . 7.58 -3.01 19.00
O5B FAD F . 5.57 -1.81 17.93
C5B FAD F . 5.15 -3.06 17.34
C4B FAD F . 3.65 -3.01 17.13
O4B FAD F . 2.98 -2.99 18.41
C3B FAD F . 3.15 -1.78 16.37
O3B FAD F . 2.03 -2.07 15.53
C2B FAD F . 2.70 -0.86 17.51
O2B FAD F . 1.69 0.07 17.09
C1B FAD F . 2.15 -1.86 18.50
N9A FAD F . 2.14 -1.38 19.87
C8A FAD F . 3.23 -1.17 20.68
N7A FAD F . 2.93 -0.68 21.87
C5A FAD F . 1.56 -0.53 21.81
C6A FAD F . 0.62 -0.05 22.76
N6A FAD F . 0.94 0.38 23.98
N1A FAD F . -0.69 -0.03 22.39
C2A FAD F . -1.01 -0.45 21.16
N3A FAD F . -0.23 -0.93 20.20
C4A FAD F . 1.06 -0.93 20.59
N1 FAD F . 13.80 6.39 16.91
C2 FAD F . 14.49 7.45 17.45
O2 FAD F . 14.53 7.67 18.66
N3 FAD F . 15.18 8.31 16.62
C4 FAD F . 15.26 8.22 15.25
O4 FAD F . 15.90 9.06 14.61
C4X FAD F . 14.53 7.11 14.69
N5 FAD F . 14.55 6.96 13.40
C5X FAD F . 13.89 5.88 12.86
C6 FAD F . 13.95 5.71 11.48
C7 FAD F . 13.29 4.64 10.87
C7M FAD F . 13.37 4.49 9.38
C8 FAD F . 12.59 3.72 11.66
C8M FAD F . 11.86 2.56 11.05
C9 FAD F . 12.53 3.89 13.04
C9A FAD F . 13.19 4.97 13.64
N10 FAD F . 13.15 5.17 15.04
C10 FAD F . 13.83 6.24 15.61
C1' FAD F . 12.40 4.27 15.92
C2' FAD F . 10.89 4.34 15.67
O2' FAD F . 10.31 5.54 16.18
C3' FAD F . 10.19 3.11 16.27
O3' FAD F . 10.38 2.07 15.32
C4' FAD F . 8.68 3.24 16.53
O4' FAD F . 8.43 4.11 17.64
C5' FAD F . 8.01 1.91 16.81
O5' FAD F . 8.79 1.19 17.80
P FAD F . 9.27 -0.27 17.53
O1P FAD F . 9.90 -0.39 16.13
O2P FAD F . 10.07 -0.83 18.62
O3P FAD F . 7.87 -1.06 17.43
O1 DCR G . 11.07 8.06 15.33
C1 DCR G . 11.80 9.02 15.51
C2 DCR G . 12.45 9.96 14.36
C3 DCR G . 11.46 10.17 13.11
C4 DCR G . 12.21 10.91 11.87
C5 DCR G . 12.98 12.21 12.37
C6 DCR G . 14.41 12.18 11.75
C7 DCR G . 15.15 13.61 11.78
C8 DCR G . 15.62 13.99 13.25
C9 DCR G . 16.83 15.00 13.18
C10 DCR G . 17.01 15.70 14.63
C11 DCR G . 16.83 17.23 14.57
C12 DCR G . 16.14 17.59 15.99
C13 DCR G . 14.66 17.83 15.49
C14 DCR G . 14.56 19.36 15.06
C15 DCR G . 13.10 19.62 14.52
C16 DCR G . 12.63 21.05 15.06
C17 DCR G . 12.65 22.03 13.87
C18 DCR G . 11.21 21.93 13.14
C19 DCR G . 10.99 23.35 12.41
C20 DCR G . 11.35 23.27 10.84
N1A COA H . 3.17 15.98 23.57
C2A COA H . 4.01 16.50 24.49
N3A COA H . 4.43 15.75 25.56
C4A COA H . 3.99 14.47 25.76
C5A COA H . 3.08 13.92 24.84
C6A COA H . 2.65 14.75 23.69
N6A COA H . 1.71 14.22 22.66
N7A COA H . 2.78 12.62 25.28
C8A COA H . 3.48 12.39 26.42
N9A COA H . 4.22 13.51 26.72
C1B COA H . 5.07 13.72 27.73
C2B COA H . 4.55 14.60 28.98
O2B COA H . 5.73 15.34 29.54
C3B COA H . 4.14 13.61 29.84
O3B COA H . 4.10 13.98 31.25
P3B COA H . 2.66 14.70 31.87
O7A COA H . 2.52 16.11 31.29
O8A COA H . 2.75 14.75 33.37
O9A COA H . 1.54 13.79 31.43
C4B COA H . 5.27 12.35 29.62
O4B COA H . 5.60 12.32 28.32
C5B COA H . 4.57 11.03 30.02
O5B COA H . 3.34 11.01 29.33
P1A COA H . 2.60 9.55 29.33
O1A COA H . 1.37 9.51 28.51
O2A COA H . 2.42 9.10 30.72
O3A COA H . 3.71 8.57 28.55
P2A COA H . 4.41 7.15 28.98
O4A COA H . 5.30 7.30 30.15
O5A COA H . 3.30 6.13 29.15
O6A COA H . 5.25 6.66 27.57
CBP COA H . 4.84 7.41 25.19
CCP COA H . 4.29 6.49 26.44
CDP COA H . 4.57 8.97 25.28
CEP COA H . 6.40 7.19 25.03
CAP COA H . 4.06 6.81 23.95
OAP COA H . 2.72 7.19 23.96
C9P COA H . 4.77 7.30 22.64
O9P COA H . 4.71 8.43 22.26
N8P COA H . 5.60 6.25 21.92
C7P COA H . 6.31 6.64 20.66
C6P COA H . 7.40 7.71 21.06
C5P COA H . 7.97 8.28 19.71
O5P COA H . 7.33 8.92 18.93
N4P COA H . 9.39 7.90 19.46
C3P COA H . 10.07 8.41 18.22
C2P COA H . 11.63 8.15 18.28
S1P COA H . 12.28 9.54 17.21
#